data_6N41
#
_entry.id   6N41
#
_cell.length_a   70.280
_cell.length_b   123.410
_cell.length_c   119.970
_cell.angle_alpha   90.000
_cell.angle_beta   95.540
_cell.angle_gamma   90.000
#
_symmetry.space_group_name_H-M   'P 1 21 1'
#
loop_
_entity.id
_entity.type
_entity.pdbx_description
1 polymer Hemagglutinin
2 branched beta-D-mannopyranose-(1-4)-2-acetamido-2-deoxy-beta-D-glucopyranose-(1-4)-2-acetamido-2-deoxy-beta-D-glucopyranose
3 branched 2-acetamido-2-deoxy-beta-D-glucopyranose-(1-4)-2-acetamido-2-deoxy-beta-D-glucopyranose
4 branched alpha-D-mannopyranose-(1-3)-[alpha-D-mannopyranose-(1-6)]beta-D-mannopyranose-(1-4)-2-acetamido-2-deoxy-beta-D-glucopyranose-(1-4)-2-acetamido-2-deoxy-beta-D-glucopyranose
5 branched alpha-D-mannopyranose-(1-3)-alpha-D-mannopyranose-(1-6)-[alpha-D-mannopyranose-(1-3)]beta-D-mannopyranose-(1-4)-2-acetamido-2-deoxy-beta-D-glucopyranose-(1-4)-2-acetamido-2-deoxy-beta-D-glucopyranose
6 non-polymer 2-acetamido-2-deoxy-beta-D-glucopyranose
7 non-polymer DI(HYDROXYETHYL)ETHER
8 non-polymer 1,2-ETHANEDIOL
9 water water
#
_entity_poly.entity_id   1
_entity_poly.type   'polypeptide(L)'
_entity_poly.pdbx_seq_one_letter_code
;GSDTICIGYHANNSTDTVDTVLEKNVTVTHSVNLLEDSHNGKLCRLKGKAPLQLGKCNIAGWILGNPECESLLSKRSWSY
IAETPNSENGTCYPGDFADYEELREQLSSVSSFERFEIFPKESSWPKHNTTRGVTAACSHARKSSFYKNLLWLTEANGSY
PNLSKSYVNNQEKEVLVLWGVHHPSNIEDQRTLYRKENAYVSVVSSNYNRRFTPEIAERPKVRNQAGRMNYYWTLLEPGD
TIIFEANGNLIAPWYAFALSRGLGSGIITSNASMDECDTKCQTPQGAINSSLPFQNIHPVTIGECPKYVKSTKLRMVTGL
RNIPSIQSRGLFGAIAGFIEGGWTGMMDGWYGYHHQNEQGSGYAADQKSTQNAINGITNKVNSVIEKMNTQFTAVGKEFN
KLEKRMENLNKKVDDGFLDIWTYNAELLVLLENERTLDFHDSNVKNLYEKVKNQLRNNAKELGNGCFEFYHKCDNECMES
VKNGTYDYPKYSEEFLVPR
;
_entity_poly.pdbx_strand_id   A,B,C
#
loop_
_chem_comp.id
_chem_comp.type
_chem_comp.name
_chem_comp.formula
BMA D-saccharide, beta linking beta-D-mannopyranose 'C6 H12 O6'
EDO non-polymer 1,2-ETHANEDIOL 'C2 H6 O2'
MAN D-saccharide, alpha linking alpha-D-mannopyranose 'C6 H12 O6'
NAG D-saccharide, beta linking 2-acetamido-2-deoxy-beta-D-glucopyranose 'C8 H15 N O6'
PEG non-polymer DI(HYDROXYETHYL)ETHER 'C4 H10 O3'
#
# COMPACT_ATOMS: atom_id res chain seq x y z
N SER A 2 -12.39 47.77 -47.81
CA SER A 2 -11.91 47.92 -46.44
C SER A 2 -10.74 46.98 -46.15
N ASP A 3 -9.95 47.32 -45.14
CA ASP A 3 -8.79 46.54 -44.73
C ASP A 3 -9.03 45.92 -43.35
N THR A 4 -8.58 44.68 -43.16
CA THR A 4 -8.89 43.96 -41.93
C THR A 4 -7.68 43.17 -41.45
N ILE A 5 -7.49 43.15 -40.13
CA ILE A 5 -6.57 42.25 -39.46
C ILE A 5 -7.40 41.42 -38.50
N CYS A 6 -7.32 40.10 -38.62
CA CYS A 6 -8.07 39.21 -37.74
C CYS A 6 -7.10 38.39 -36.92
N ILE A 7 -7.48 38.13 -35.68
CA ILE A 7 -6.77 37.23 -34.80
C ILE A 7 -7.60 35.96 -34.68
N GLY A 8 -6.94 34.80 -34.75
CA GLY A 8 -7.63 33.53 -34.74
C GLY A 8 -6.72 32.35 -34.44
N TYR A 9 -7.31 31.16 -34.43
CA TYR A 9 -6.59 29.97 -33.97
C TYR A 9 -6.77 28.83 -34.95
N HIS A 10 -5.97 27.79 -34.74
CA HIS A 10 -5.86 26.67 -35.66
C HIS A 10 -7.09 25.76 -35.60
N ALA A 11 -7.40 25.17 -36.76
CA ALA A 11 -8.36 24.08 -36.90
C ALA A 11 -7.77 23.10 -37.91
N ASN A 12 -8.07 21.82 -37.76
CA ASN A 12 -7.54 20.84 -38.74
C ASN A 12 -8.55 19.71 -38.91
N ASN A 13 -8.14 18.67 -39.63
CA ASN A 13 -9.02 17.54 -39.94
C ASN A 13 -8.98 16.46 -38.88
N SER A 14 -8.43 16.75 -37.70
CA SER A 14 -8.28 15.74 -36.64
C SER A 14 -9.63 15.37 -36.03
N THR A 15 -9.76 14.10 -35.66
CA THR A 15 -10.96 13.58 -35.04
C THR A 15 -10.73 13.14 -33.60
N ASP A 16 -9.53 13.38 -33.05
CA ASP A 16 -9.23 13.05 -31.66
C ASP A 16 -10.25 13.64 -30.70
N THR A 17 -10.62 12.85 -29.69
CA THR A 17 -11.49 13.32 -28.61
C THR A 17 -10.78 13.13 -27.28
N VAL A 18 -11.02 14.06 -26.36
CA VAL A 18 -10.58 13.94 -24.98
C VAL A 18 -11.79 14.21 -24.10
N ASP A 19 -11.67 13.86 -22.83
CA ASP A 19 -12.65 14.23 -21.83
C ASP A 19 -12.05 15.31 -20.95
N THR A 20 -12.89 16.20 -20.47
CA THR A 20 -12.49 17.26 -19.58
C THR A 20 -13.40 17.23 -18.37
N VAL A 21 -13.00 17.96 -17.33
CA VAL A 21 -13.76 17.90 -16.09
C VAL A 21 -15.17 18.42 -16.30
N LEU A 22 -15.34 19.37 -17.23
CA LEU A 22 -16.63 19.98 -17.48
C LEU A 22 -17.37 19.37 -18.65
N GLU A 23 -16.69 18.70 -19.57
CA GLU A 23 -17.30 18.28 -20.82
C GLU A 23 -16.72 16.96 -21.29
N LYS A 24 -17.59 16.03 -21.68
CA LYS A 24 -17.14 14.79 -22.28
C LYS A 24 -17.06 14.97 -23.80
N ASN A 25 -16.20 14.15 -24.42
CA ASN A 25 -16.17 13.97 -25.87
C ASN A 25 -15.94 15.31 -26.59
N VAL A 26 -14.80 15.92 -26.30
CA VAL A 26 -14.41 17.19 -26.89
C VAL A 26 -13.42 16.88 -28.00
N THR A 27 -13.77 17.23 -29.23
CA THR A 27 -12.86 16.99 -30.33
C THR A 27 -11.76 18.04 -30.33
N VAL A 28 -10.51 17.59 -30.41
CA VAL A 28 -9.35 18.46 -30.24
C VAL A 28 -8.40 18.31 -31.41
N THR A 29 -7.50 19.29 -31.55
CA THR A 29 -6.63 19.31 -32.74
C THR A 29 -5.42 18.41 -32.59
N HIS A 30 -4.81 18.40 -31.40
CA HIS A 30 -3.62 17.63 -31.11
C HIS A 30 -3.75 17.04 -29.71
N SER A 31 -3.22 15.84 -29.51
CA SER A 31 -3.35 15.19 -28.21
C SER A 31 -2.28 14.12 -28.05
N VAL A 32 -2.05 13.74 -26.80
CA VAL A 32 -1.06 12.73 -26.45
C VAL A 32 -1.76 11.67 -25.61
N ASN A 33 -1.47 10.41 -25.89
CA ASN A 33 -1.99 9.29 -25.12
C ASN A 33 -0.98 8.98 -24.01
N LEU A 34 -1.49 8.80 -22.79
CA LEU A 34 -0.69 8.45 -21.62
C LEU A 34 -0.81 6.99 -21.21
N LEU A 35 -1.58 6.18 -21.93
CA LEU A 35 -1.98 4.85 -21.49
C LEU A 35 -1.49 3.77 -22.46
N GLU A 36 -0.58 2.91 -21.97
CA GLU A 36 -0.11 1.74 -22.71
C GLU A 36 -1.22 0.68 -22.71
N ASP A 37 -1.80 0.38 -23.86
CA ASP A 37 -2.92 -0.54 -23.87
C ASP A 37 -2.72 -1.64 -24.88
N SER A 38 -1.50 -1.82 -25.36
CA SER A 38 -1.18 -2.86 -26.31
C SER A 38 0.10 -3.56 -25.88
N HIS A 39 0.21 -4.84 -26.26
CA HIS A 39 1.41 -5.63 -26.02
C HIS A 39 1.77 -6.39 -27.27
N ASN A 40 3.01 -6.88 -27.33
CA ASN A 40 3.51 -7.57 -28.51
C ASN A 40 3.23 -9.07 -28.48
N GLY A 41 2.65 -9.59 -27.40
CA GLY A 41 2.22 -10.96 -27.37
C GLY A 41 3.32 -12.00 -27.22
N LYS A 42 4.53 -11.58 -26.84
CA LYS A 42 5.70 -12.45 -26.81
C LYS A 42 6.45 -12.29 -25.49
N LEU A 43 7.31 -13.27 -25.18
CA LEU A 43 8.24 -13.16 -24.07
C LEU A 43 9.57 -12.62 -24.60
N CYS A 44 10.12 -11.63 -23.90
CA CYS A 44 11.31 -10.93 -24.39
C CYS A 44 12.40 -10.92 -23.33
N ARG A 45 13.57 -10.42 -23.74
CA ARG A 45 14.71 -10.26 -22.85
C ARG A 45 14.52 -9.04 -21.97
N LEU A 46 14.74 -9.22 -20.67
CA LEU A 46 14.86 -8.12 -19.73
C LEU A 46 16.34 -7.90 -19.47
N LYS A 47 16.75 -6.62 -19.41
CA LYS A 47 18.12 -6.26 -19.05
C LYS A 47 19.16 -7.04 -19.87
N GLY A 48 18.82 -7.37 -21.12
CA GLY A 48 19.72 -8.04 -22.03
C GLY A 48 19.74 -9.55 -21.97
N LYS A 49 19.20 -10.15 -20.91
CA LYS A 49 19.24 -11.61 -20.75
C LYS A 49 17.87 -12.23 -21.00
N ALA A 50 17.85 -13.40 -21.62
CA ALA A 50 16.60 -14.12 -21.82
C ALA A 50 16.12 -14.70 -20.49
N PRO A 51 14.83 -15.03 -20.37
CA PRO A 51 14.34 -15.64 -19.14
C PRO A 51 14.77 -17.09 -19.05
N LEU A 52 14.66 -17.63 -17.85
CA LEU A 52 14.72 -19.08 -17.68
C LEU A 52 13.36 -19.65 -18.07
N GLN A 53 13.31 -20.38 -19.17
CA GLN A 53 12.08 -21.00 -19.63
C GLN A 53 12.02 -22.43 -19.15
N LEU A 54 10.94 -22.77 -18.45
CA LEU A 54 10.77 -24.07 -17.83
C LEU A 54 10.05 -25.08 -18.73
N GLY A 55 9.43 -24.62 -19.80
CA GLY A 55 8.77 -25.54 -20.72
C GLY A 55 7.68 -26.35 -20.06
N LYS A 56 7.84 -27.68 -20.06
CA LYS A 56 6.81 -28.56 -19.54
C LYS A 56 6.77 -28.63 -18.02
N CYS A 57 7.77 -28.10 -17.33
CA CYS A 57 7.97 -28.30 -15.91
C CYS A 57 7.66 -27.07 -15.08
N ASN A 58 7.41 -27.28 -13.80
CA ASN A 58 7.44 -26.23 -12.80
C ASN A 58 8.81 -26.25 -12.12
N ILE A 59 9.02 -25.33 -11.19
CA ILE A 59 10.34 -25.18 -10.59
C ILE A 59 10.73 -26.42 -9.80
N ALA A 60 9.76 -27.09 -9.18
CA ALA A 60 10.07 -28.31 -8.43
C ALA A 60 10.68 -29.36 -9.34
N GLY A 61 10.02 -29.65 -10.46
CA GLY A 61 10.54 -30.63 -11.39
C GLY A 61 11.88 -30.21 -11.98
N TRP A 62 12.02 -28.93 -12.31
CA TRP A 62 13.27 -28.44 -12.86
C TRP A 62 14.38 -28.52 -11.82
N ILE A 63 14.11 -28.08 -10.59
CA ILE A 63 15.19 -28.04 -9.61
C ILE A 63 15.54 -29.44 -9.12
N LEU A 64 14.55 -30.34 -9.02
CA LEU A 64 14.84 -31.71 -8.64
C LEU A 64 15.41 -32.52 -9.79
N GLY A 65 15.17 -32.09 -11.03
CA GLY A 65 15.63 -32.84 -12.18
C GLY A 65 14.68 -33.94 -12.61
N ASN A 66 13.37 -33.66 -12.56
CA ASN A 66 12.38 -34.58 -13.10
C ASN A 66 12.80 -35.04 -14.50
N PRO A 67 12.74 -36.34 -14.81
CA PRO A 67 13.31 -36.82 -16.09
C PRO A 67 12.72 -36.19 -17.33
N GLU A 68 11.56 -35.54 -17.24
CA GLU A 68 10.95 -34.84 -18.35
C GLU A 68 11.41 -33.39 -18.47
N CYS A 69 12.40 -32.97 -17.68
CA CYS A 69 12.80 -31.58 -17.68
C CYS A 69 14.25 -31.46 -18.15
N GLU A 70 14.55 -30.30 -18.72
CA GLU A 70 15.88 -30.04 -19.25
C GLU A 70 16.87 -29.75 -18.13
N SER A 71 18.03 -30.38 -18.21
CA SER A 71 19.09 -30.16 -17.25
C SER A 71 19.92 -28.93 -17.61
N LEU A 72 20.42 -28.28 -16.59
CA LEU A 72 21.37 -27.19 -16.71
C LEU A 72 22.73 -27.77 -16.31
N LEU A 73 23.59 -28.03 -17.29
CA LEU A 73 24.88 -28.63 -16.97
C LEU A 73 25.96 -27.60 -16.63
N SER A 74 25.84 -26.39 -17.12
CA SER A 74 26.90 -25.39 -17.01
C SER A 74 26.40 -24.23 -16.15
N LYS A 75 27.12 -23.11 -16.18
CA LYS A 75 26.66 -21.88 -15.57
C LYS A 75 25.74 -21.12 -16.52
N ARG A 76 24.59 -20.65 -16.02
CA ARG A 76 23.64 -19.92 -16.84
C ARG A 76 23.13 -18.69 -16.08
N SER A 77 22.60 -17.73 -16.84
CA SER A 77 22.04 -16.50 -16.28
C SER A 77 20.68 -16.23 -16.90
N TRP A 78 19.82 -15.58 -16.14
CA TRP A 78 18.49 -15.28 -16.64
C TRP A 78 17.98 -14.02 -15.96
N SER A 79 17.06 -13.31 -16.64
CA SER A 79 16.44 -12.07 -16.18
C SER A 79 15.21 -12.29 -15.32
N TYR A 80 14.43 -13.29 -15.68
CA TYR A 80 13.22 -13.66 -14.95
C TYR A 80 12.93 -15.10 -15.33
N ILE A 81 11.91 -15.67 -14.69
CA ILE A 81 11.56 -17.06 -14.94
C ILE A 81 10.16 -17.11 -15.55
N ALA A 82 10.00 -17.89 -16.60
CA ALA A 82 8.70 -18.14 -17.21
C ALA A 82 8.36 -19.63 -17.09
N GLU A 83 7.33 -19.97 -16.30
CA GLU A 83 6.75 -21.30 -16.38
C GLU A 83 5.36 -21.25 -17.01
N THR A 84 4.98 -22.36 -17.66
CA THR A 84 3.68 -22.32 -18.32
C THR A 84 2.59 -22.75 -17.34
N PRO A 85 1.33 -22.44 -17.63
CA PRO A 85 0.25 -22.77 -16.69
C PRO A 85 0.05 -24.25 -16.56
N ASN A 86 -0.18 -24.70 -15.31
CA ASN A 86 -0.57 -26.09 -15.02
C ASN A 86 0.47 -27.08 -15.55
N SER A 87 1.74 -26.76 -15.36
CA SER A 87 2.80 -27.67 -15.77
C SER A 87 2.67 -28.94 -14.96
N GLU A 88 2.76 -30.08 -15.62
CA GLU A 88 2.40 -31.34 -15.01
C GLU A 88 3.61 -32.15 -14.62
N ASN A 89 4.81 -31.68 -14.92
CA ASN A 89 6.02 -32.40 -14.58
C ASN A 89 6.72 -31.62 -13.47
N GLY A 90 6.54 -32.10 -12.24
CA GLY A 90 7.16 -31.53 -11.06
C GLY A 90 7.77 -32.65 -10.24
N THR A 91 7.19 -32.92 -9.08
CA THR A 91 7.57 -34.06 -8.27
C THR A 91 6.90 -35.31 -8.84
N CYS A 92 7.64 -36.06 -9.66
CA CYS A 92 7.06 -37.25 -10.25
C CYS A 92 6.79 -38.33 -9.20
N TYR A 93 7.60 -38.36 -8.12
CA TYR A 93 7.31 -39.18 -6.94
C TYR A 93 6.63 -38.34 -5.88
N PRO A 94 5.44 -38.72 -5.41
CA PRO A 94 4.65 -37.82 -4.55
C PRO A 94 5.27 -37.56 -3.18
N GLY A 95 5.05 -36.35 -2.68
CA GLY A 95 5.52 -35.95 -1.36
C GLY A 95 5.39 -34.45 -1.18
N ASP A 96 5.84 -33.99 -0.01
CA ASP A 96 5.77 -32.58 0.35
C ASP A 96 7.08 -31.89 0.01
N PHE A 97 7.01 -30.73 -0.63
CA PHE A 97 8.20 -29.93 -0.93
C PHE A 97 8.26 -28.82 0.12
N ALA A 98 9.24 -28.90 1.03
CA ALA A 98 9.34 -27.92 2.10
C ALA A 98 9.65 -26.53 1.57
N ASP A 99 8.86 -25.55 2.01
CA ASP A 99 9.09 -24.13 1.74
C ASP A 99 9.29 -23.89 0.25
N TYR A 100 8.43 -24.52 -0.55
CA TYR A 100 8.53 -24.47 -2.00
C TYR A 100 8.42 -23.03 -2.53
N GLU A 101 7.37 -22.31 -2.12
CA GLU A 101 7.20 -20.93 -2.57
C GLU A 101 8.40 -20.08 -2.18
N GLU A 102 8.91 -20.29 -0.96
CA GLU A 102 10.10 -19.60 -0.51
C GLU A 102 11.28 -19.86 -1.44
N LEU A 103 11.45 -21.10 -1.90
CA LEU A 103 12.56 -21.42 -2.79
C LEU A 103 12.37 -20.79 -4.15
N ARG A 104 11.13 -20.76 -4.63
CA ARG A 104 10.83 -20.12 -5.90
C ARG A 104 11.22 -18.66 -5.84
N GLU A 105 10.94 -18.00 -4.70
CA GLU A 105 11.32 -16.60 -4.53
C GLU A 105 12.84 -16.45 -4.45
N GLN A 106 13.55 -17.41 -3.84
CA GLN A 106 15.01 -17.33 -3.84
C GLN A 106 15.57 -17.43 -5.25
N LEU A 107 14.97 -18.24 -6.12
CA LEU A 107 15.52 -18.41 -7.46
C LEU A 107 15.21 -17.24 -8.38
N SER A 108 14.30 -16.35 -7.96
CA SER A 108 13.90 -15.20 -8.74
C SER A 108 14.92 -14.08 -8.66
N SER A 109 15.84 -14.14 -7.72
CA SER A 109 16.82 -13.08 -7.54
C SER A 109 18.22 -13.63 -7.72
N VAL A 110 18.38 -14.47 -8.73
CA VAL A 110 19.63 -15.17 -8.99
C VAL A 110 20.14 -14.64 -10.32
N SER A 111 21.37 -14.11 -10.31
CA SER A 111 21.98 -13.63 -11.53
C SER A 111 22.69 -14.74 -12.29
N SER A 112 23.46 -15.58 -11.59
CA SER A 112 24.11 -16.72 -12.23
C SER A 112 23.91 -17.99 -11.40
N PHE A 113 23.86 -19.11 -12.11
CA PHE A 113 23.39 -20.36 -11.54
C PHE A 113 24.20 -21.49 -12.17
N GLU A 114 24.79 -22.34 -11.32
CA GLU A 114 25.78 -23.33 -11.73
C GLU A 114 25.56 -24.66 -11.05
N ARG A 115 25.25 -25.68 -11.85
CA ARG A 115 25.14 -27.04 -11.35
C ARG A 115 26.51 -27.66 -11.21
N PHE A 116 26.71 -28.40 -10.12
CA PHE A 116 27.94 -29.13 -9.88
C PHE A 116 27.62 -30.39 -9.10
N GLU A 117 28.44 -31.42 -9.30
CA GLU A 117 28.25 -32.71 -8.66
C GLU A 117 28.79 -32.63 -7.24
N ILE A 118 27.90 -32.56 -6.26
CA ILE A 118 28.34 -32.34 -4.88
C ILE A 118 28.83 -33.65 -4.25
N PHE A 119 28.08 -34.75 -4.42
CA PHE A 119 28.50 -36.06 -3.93
C PHE A 119 28.48 -36.98 -5.15
N PRO A 120 29.60 -37.09 -5.88
CA PRO A 120 29.57 -37.83 -7.15
C PRO A 120 29.15 -39.27 -6.96
N LYS A 121 28.21 -39.71 -7.81
CA LYS A 121 27.53 -40.99 -7.66
C LYS A 121 28.48 -42.17 -7.81
N GLU A 122 29.49 -42.05 -8.67
CA GLU A 122 30.33 -43.21 -8.94
C GLU A 122 31.26 -43.53 -7.76
N SER A 123 31.54 -42.57 -6.87
CA SER A 123 32.61 -42.73 -5.88
C SER A 123 32.21 -42.40 -4.43
N SER A 124 31.03 -41.84 -4.17
CA SER A 124 30.72 -41.34 -2.83
C SER A 124 30.08 -42.38 -1.92
N TRP A 125 29.55 -43.47 -2.46
CA TRP A 125 28.75 -44.42 -1.68
C TRP A 125 29.25 -45.84 -1.91
N PRO A 126 30.48 -46.14 -1.48
CA PRO A 126 31.07 -47.45 -1.82
C PRO A 126 30.38 -48.62 -1.16
N LYS A 127 29.62 -48.43 -0.08
CA LYS A 127 28.96 -49.53 0.60
C LYS A 127 27.44 -49.44 0.54
N HIS A 128 26.90 -48.74 -0.45
CA HIS A 128 25.46 -48.66 -0.65
C HIS A 128 25.16 -48.89 -2.12
N ASN A 129 23.93 -49.31 -2.42
CA ASN A 129 23.54 -49.50 -3.81
C ASN A 129 23.08 -48.19 -4.43
N THR A 130 23.78 -47.77 -5.48
CA THR A 130 23.51 -46.50 -6.15
C THR A 130 22.79 -46.65 -7.48
N THR A 131 22.47 -47.86 -7.93
CA THR A 131 21.87 -48.04 -9.24
C THR A 131 20.47 -48.61 -9.24
N ARG A 132 19.95 -49.02 -8.08
CA ARG A 132 18.63 -49.62 -7.99
C ARG A 132 17.52 -48.61 -7.69
N GLY A 133 17.86 -47.38 -7.29
CA GLY A 133 16.82 -46.42 -6.91
C GLY A 133 16.08 -45.77 -8.07
N VAL A 134 15.31 -46.58 -8.80
CA VAL A 134 14.47 -46.10 -9.90
C VAL A 134 13.05 -46.59 -9.66
N THR A 135 12.10 -45.86 -10.26
CA THR A 135 10.68 -46.14 -10.11
C THR A 135 9.96 -45.76 -11.40
N ALA A 136 8.85 -46.44 -11.66
CA ALA A 136 8.01 -46.09 -12.81
C ALA A 136 7.31 -44.74 -12.64
N ALA A 137 7.19 -44.23 -11.41
CA ALA A 137 6.60 -42.91 -11.22
C ALA A 137 7.43 -41.82 -11.87
N CYS A 138 8.73 -42.07 -12.07
CA CYS A 138 9.61 -41.09 -12.67
C CYS A 138 10.21 -41.66 -13.93
N SER A 139 9.39 -42.16 -14.83
CA SER A 139 9.90 -42.79 -16.03
C SER A 139 10.07 -41.77 -17.13
N HIS A 140 10.95 -42.07 -18.07
CA HIS A 140 11.16 -41.27 -19.26
C HIS A 140 11.33 -42.18 -20.47
N ALA A 141 10.64 -41.81 -21.55
CA ALA A 141 10.69 -42.57 -22.78
C ALA A 141 10.40 -44.06 -22.52
N ARG A 142 9.42 -44.31 -21.66
CA ARG A 142 8.91 -45.65 -21.34
C ARG A 142 9.90 -46.54 -20.57
N LYS A 143 10.84 -45.94 -19.84
CA LYS A 143 11.73 -46.69 -18.98
C LYS A 143 11.80 -45.99 -17.63
N SER A 144 11.78 -46.75 -16.55
CA SER A 144 11.80 -46.19 -15.21
C SER A 144 13.07 -45.37 -14.97
N SER A 145 12.97 -44.38 -14.09
CA SER A 145 14.10 -43.50 -13.85
C SER A 145 13.89 -42.79 -12.52
N PHE A 146 14.58 -41.67 -12.33
CA PHE A 146 14.56 -40.92 -11.08
C PHE A 146 15.09 -39.53 -11.33
N TYR A 147 14.95 -38.68 -10.33
CA TYR A 147 15.45 -37.32 -10.39
C TYR A 147 16.92 -37.32 -10.73
N LYS A 148 17.30 -36.41 -11.63
CA LYS A 148 18.68 -36.37 -12.08
C LYS A 148 19.60 -35.67 -11.10
N ASN A 149 19.08 -34.95 -10.10
CA ASN A 149 19.95 -34.25 -9.16
C ASN A 149 20.03 -34.95 -7.81
N LEU A 150 19.22 -35.97 -7.59
CA LEU A 150 19.22 -36.73 -6.35
C LEU A 150 19.60 -38.18 -6.63
N LEU A 151 19.95 -38.90 -5.57
CA LEU A 151 20.36 -40.29 -5.67
C LEU A 151 19.66 -41.08 -4.59
N TRP A 152 18.79 -42.00 -4.99
CA TRP A 152 18.02 -42.86 -4.07
C TRP A 152 18.89 -44.05 -3.66
N LEU A 153 19.59 -43.92 -2.54
CA LEU A 153 20.46 -44.97 -2.04
C LEU A 153 19.64 -46.11 -1.46
N THR A 154 20.11 -47.36 -1.65
CA THR A 154 19.47 -48.51 -1.00
C THR A 154 20.55 -49.44 -0.42
N GLU A 155 20.07 -50.46 0.30
CA GLU A 155 20.95 -51.43 0.92
C GLU A 155 21.80 -52.16 -0.13
N ALA A 156 22.99 -52.59 0.29
CA ALA A 156 23.87 -53.41 -0.54
C ALA A 156 24.30 -54.65 0.24
N ASN A 157 24.01 -55.83 -0.31
CA ASN A 157 24.47 -57.10 0.24
C ASN A 157 23.95 -57.32 1.67
N GLY A 158 22.66 -57.02 1.85
CA GLY A 158 21.98 -57.29 3.09
C GLY A 158 22.14 -56.25 4.17
N SER A 159 22.80 -55.13 3.88
CA SER A 159 23.07 -54.13 4.90
C SER A 159 23.02 -52.73 4.30
N TYR A 160 22.51 -51.76 5.09
CA TYR A 160 22.56 -50.33 4.77
C TYR A 160 23.38 -49.67 5.87
N PRO A 161 24.70 -49.58 5.72
CA PRO A 161 25.52 -49.06 6.80
C PRO A 161 25.33 -47.57 7.01
N ASN A 162 25.66 -47.14 8.23
CA ASN A 162 25.78 -45.74 8.59
C ASN A 162 26.49 -45.00 7.48
N LEU A 163 26.00 -43.83 7.12
CA LEU A 163 26.72 -43.00 6.18
C LEU A 163 26.89 -41.61 6.76
N SER A 164 28.04 -41.00 6.48
CA SER A 164 28.33 -39.65 6.92
C SER A 164 29.11 -38.95 5.81
N LYS A 165 28.48 -37.99 5.13
CA LYS A 165 29.08 -37.35 3.97
C LYS A 165 29.00 -35.85 4.15
N SER A 166 30.13 -35.18 4.04
CA SER A 166 30.17 -33.76 4.28
C SER A 166 30.65 -33.05 3.02
N TYR A 167 30.31 -31.78 2.90
CA TYR A 167 30.75 -30.99 1.76
C TYR A 167 31.08 -29.58 2.24
N VAL A 168 32.28 -29.11 1.89
CA VAL A 168 32.76 -27.77 2.23
C VAL A 168 32.53 -26.84 1.05
N ASN A 169 31.76 -25.76 1.25
CA ASN A 169 31.52 -24.77 0.22
C ASN A 169 32.74 -23.88 0.07
N ASN A 170 33.58 -24.19 -0.91
CA ASN A 170 34.73 -23.37 -1.26
C ASN A 170 34.49 -22.60 -2.56
N GLN A 171 33.22 -22.44 -2.93
CA GLN A 171 32.78 -21.82 -4.18
C GLN A 171 32.67 -20.30 -4.10
N GLU A 172 32.94 -19.70 -2.95
CA GLU A 172 32.87 -18.26 -2.76
C GLU A 172 31.50 -17.66 -3.11
N LYS A 173 30.44 -18.47 -3.05
CA LYS A 173 29.08 -18.00 -3.22
C LYS A 173 28.13 -18.99 -2.55
N GLU A 174 26.86 -18.62 -2.46
CA GLU A 174 25.85 -19.48 -1.85
C GLU A 174 25.70 -20.76 -2.65
N VAL A 175 25.56 -21.88 -1.94
CA VAL A 175 25.26 -23.15 -2.58
C VAL A 175 23.90 -23.62 -2.09
N LEU A 176 22.99 -23.84 -3.02
CA LEU A 176 21.70 -24.45 -2.75
C LEU A 176 21.84 -25.97 -2.78
N VAL A 177 21.57 -26.63 -1.66
CA VAL A 177 21.62 -28.10 -1.56
C VAL A 177 20.22 -28.62 -1.32
N LEU A 178 19.79 -29.58 -2.14
CA LEU A 178 18.49 -30.25 -2.01
C LEU A 178 18.71 -31.74 -1.67
N TRP A 179 17.75 -32.33 -0.97
CA TRP A 179 17.79 -33.75 -0.65
C TRP A 179 16.36 -34.19 -0.38
N GLY A 180 16.18 -35.50 -0.15
CA GLY A 180 14.88 -36.04 0.12
C GLY A 180 14.91 -37.04 1.27
N VAL A 181 13.73 -37.39 1.74
CA VAL A 181 13.57 -38.44 2.73
C VAL A 181 12.42 -39.33 2.28
N HIS A 182 12.69 -40.63 2.11
CA HIS A 182 11.69 -41.59 1.65
C HIS A 182 10.86 -42.11 2.82
N HIS A 183 9.55 -42.18 2.60
CA HIS A 183 8.60 -42.73 3.57
C HIS A 183 7.84 -43.90 2.97
N PRO A 184 8.23 -45.14 3.26
CA PRO A 184 7.54 -46.29 2.66
C PRO A 184 6.10 -46.43 3.12
N SER A 185 5.34 -47.16 2.32
CA SER A 185 3.94 -47.47 2.59
C SER A 185 3.76 -48.67 3.53
N ASN A 186 4.81 -49.41 3.83
CA ASN A 186 4.71 -50.56 4.75
C ASN A 186 6.09 -50.89 5.28
N ILE A 187 6.11 -51.64 6.39
CA ILE A 187 7.38 -51.95 7.03
C ILE A 187 8.14 -53.01 6.25
N GLU A 188 7.46 -53.77 5.39
CA GLU A 188 8.15 -54.72 4.52
C GLU A 188 9.11 -54.00 3.58
N ASP A 189 8.64 -52.90 2.95
CA ASP A 189 9.48 -52.17 2.02
C ASP A 189 10.61 -51.47 2.75
N GLN A 190 10.33 -50.99 3.97
CA GLN A 190 11.36 -50.38 4.80
C GLN A 190 12.45 -51.38 5.13
N ARG A 191 12.05 -52.60 5.52
CA ARG A 191 13.02 -53.66 5.79
C ARG A 191 13.83 -54.00 4.54
N THR A 192 13.15 -54.20 3.41
CA THR A 192 13.82 -54.59 2.18
C THR A 192 14.86 -53.56 1.74
N LEU A 193 14.50 -52.27 1.78
CA LEU A 193 15.39 -51.25 1.24
C LEU A 193 16.47 -50.83 2.23
N TYR A 194 16.20 -50.87 3.53
CA TYR A 194 17.11 -50.23 4.48
C TYR A 194 17.52 -51.16 5.62
N ARG A 195 16.99 -52.39 5.67
CA ARG A 195 17.49 -53.42 6.59
C ARG A 195 17.37 -52.98 8.05
N LYS A 196 16.35 -52.18 8.33
CA LYS A 196 16.10 -51.56 9.62
C LYS A 196 14.64 -51.16 9.63
N GLU A 197 14.03 -51.22 10.80
CA GLU A 197 12.68 -50.66 10.92
C GLU A 197 12.72 -49.18 11.31
N ASN A 198 13.75 -48.76 12.05
CA ASN A 198 13.82 -47.42 12.61
C ASN A 198 15.10 -46.77 12.08
N ALA A 199 14.96 -45.93 11.08
CA ALA A 199 16.11 -45.20 10.55
C ALA A 199 15.95 -43.71 10.84
N TYR A 200 17.01 -42.96 10.55
CA TYR A 200 16.98 -41.53 10.73
C TYR A 200 17.85 -40.90 9.67
N VAL A 201 17.58 -39.61 9.40
CA VAL A 201 18.43 -38.76 8.57
C VAL A 201 18.74 -37.47 9.34
N SER A 202 19.99 -37.03 9.27
CA SER A 202 20.47 -35.83 9.95
C SER A 202 21.20 -34.94 8.96
N VAL A 203 20.87 -33.65 8.94
CA VAL A 203 21.49 -32.67 8.04
C VAL A 203 21.80 -31.41 8.84
N VAL A 204 23.07 -31.02 8.86
CA VAL A 204 23.52 -29.89 9.69
C VAL A 204 24.52 -29.03 8.93
N SER A 205 24.49 -27.75 9.21
CA SER A 205 25.51 -26.79 8.75
C SER A 205 25.78 -25.85 9.92
N SER A 206 26.42 -24.71 9.65
CA SER A 206 26.57 -23.73 10.71
C SER A 206 25.26 -23.09 11.12
N ASN A 207 24.26 -23.05 10.24
CA ASN A 207 23.00 -22.40 10.58
C ASN A 207 21.75 -23.23 10.26
N TYR A 208 21.92 -24.44 9.75
CA TYR A 208 20.82 -25.36 9.50
C TYR A 208 21.02 -26.64 10.34
N ASN A 209 19.94 -27.21 10.86
CA ASN A 209 20.01 -28.45 11.65
C ASN A 209 18.65 -29.12 11.69
N ARG A 210 18.52 -30.29 11.07
CA ARG A 210 17.23 -30.96 11.14
C ARG A 210 17.43 -32.47 11.13
N ARG A 211 16.56 -33.17 11.86
CA ARG A 211 16.56 -34.63 11.94
C ARG A 211 15.25 -35.18 11.40
N PHE A 212 15.33 -36.20 10.57
CA PHE A 212 14.16 -36.80 9.95
C PHE A 212 14.08 -38.28 10.35
N THR A 213 12.86 -38.73 10.66
CA THR A 213 12.64 -40.15 10.88
C THR A 213 11.53 -40.63 9.95
N PRO A 214 11.71 -41.72 9.22
CA PRO A 214 10.64 -42.17 8.33
C PRO A 214 9.37 -42.49 9.10
N GLU A 215 8.24 -42.15 8.48
CA GLU A 215 6.92 -42.47 9.00
C GLU A 215 6.26 -43.40 8.00
N ILE A 216 5.89 -44.59 8.46
CA ILE A 216 5.39 -45.64 7.60
C ILE A 216 3.89 -45.79 7.79
N ALA A 217 3.13 -45.65 6.71
CA ALA A 217 1.68 -45.85 6.77
C ALA A 217 1.14 -46.07 5.34
N GLU A 218 -0.01 -46.74 5.26
CA GLU A 218 -0.70 -46.87 3.99
C GLU A 218 -1.37 -45.56 3.61
N ARG A 219 -1.21 -45.18 2.35
CA ARG A 219 -1.65 -43.89 1.87
C ARG A 219 -2.35 -44.08 0.53
N PRO A 220 -3.23 -43.16 0.14
CA PRO A 220 -3.80 -43.22 -1.21
C PRO A 220 -2.69 -43.07 -2.23
N LYS A 221 -2.85 -43.76 -3.37
CA LYS A 221 -1.79 -43.83 -4.36
C LYS A 221 -1.79 -42.60 -5.25
N VAL A 222 -0.61 -42.00 -5.39
CA VAL A 222 -0.39 -40.86 -6.28
C VAL A 222 0.70 -41.28 -7.25
N ARG A 223 0.44 -41.12 -8.55
CA ARG A 223 1.31 -41.67 -9.59
C ARG A 223 1.54 -43.15 -9.31
N ASN A 224 0.48 -43.84 -8.91
CA ASN A 224 0.51 -45.25 -8.55
C ASN A 224 1.51 -45.52 -7.43
N GLN A 225 1.70 -44.55 -6.54
CA GLN A 225 2.65 -44.67 -5.45
C GLN A 225 1.96 -44.37 -4.13
N ALA A 226 1.96 -45.34 -3.21
CA ALA A 226 1.54 -45.12 -1.83
C ALA A 226 2.68 -44.65 -0.93
N GLY A 227 3.94 -44.87 -1.33
CA GLY A 227 5.05 -44.25 -0.63
C GLY A 227 5.06 -42.74 -0.86
N ARG A 228 5.92 -42.06 -0.11
CA ARG A 228 6.10 -40.62 -0.28
C ARG A 228 7.59 -40.30 -0.14
N MET A 229 7.99 -39.23 -0.80
CA MET A 229 9.32 -38.64 -0.64
C MET A 229 9.13 -37.18 -0.30
N ASN A 230 9.63 -36.75 0.85
CA ASN A 230 9.60 -35.35 1.22
C ASN A 230 10.91 -34.70 0.80
N TYR A 231 10.81 -33.51 0.20
CA TYR A 231 11.95 -32.81 -0.38
C TYR A 231 12.32 -31.65 0.50
N TYR A 232 13.62 -31.42 0.65
CA TYR A 232 14.10 -30.37 1.54
C TYR A 232 15.29 -29.68 0.88
N TRP A 233 15.61 -28.49 1.38
CA TRP A 233 16.68 -27.69 0.80
C TRP A 233 17.24 -26.75 1.85
N THR A 234 18.43 -26.23 1.57
CA THR A 234 19.07 -25.22 2.40
C THR A 234 20.12 -24.50 1.57
N LEU A 235 20.42 -23.27 1.98
CA LEU A 235 21.46 -22.44 1.40
C LEU A 235 22.70 -22.57 2.24
N LEU A 236 23.76 -23.11 1.68
CA LEU A 236 25.03 -23.23 2.38
C LEU A 236 25.82 -21.95 2.14
N GLU A 237 26.15 -21.23 3.22
CA GLU A 237 26.89 -20.00 3.08
C GLU A 237 28.30 -20.28 2.56
N PRO A 238 28.94 -19.30 1.93
CA PRO A 238 30.32 -19.49 1.47
C PRO A 238 31.22 -19.91 2.63
N GLY A 239 32.08 -20.90 2.37
CA GLY A 239 32.98 -21.40 3.39
C GLY A 239 32.36 -22.38 4.37
N ASP A 240 31.05 -22.53 4.40
CA ASP A 240 30.46 -23.40 5.40
C ASP A 240 30.46 -24.85 4.91
N THR A 241 30.30 -25.79 5.84
CA THR A 241 30.20 -27.19 5.48
C THR A 241 28.83 -27.73 5.87
N ILE A 242 28.33 -28.66 5.06
CA ILE A 242 27.09 -29.39 5.34
C ILE A 242 27.42 -30.86 5.56
N ILE A 243 26.78 -31.47 6.55
CA ILE A 243 27.04 -32.85 6.93
C ILE A 243 25.75 -33.65 6.83
N PHE A 244 25.76 -34.70 6.02
CA PHE A 244 24.66 -35.63 5.91
C PHE A 244 25.01 -36.93 6.66
N GLU A 245 24.10 -37.39 7.50
CA GLU A 245 24.26 -38.60 8.29
C GLU A 245 22.97 -39.39 8.20
N ALA A 246 23.06 -40.68 7.87
CA ALA A 246 21.84 -41.48 7.83
C ALA A 246 22.19 -42.94 8.03
N ASN A 247 21.19 -43.68 8.47
CA ASN A 247 21.26 -45.13 8.39
C ASN A 247 20.09 -45.69 7.59
N GLY A 248 19.42 -44.84 6.81
CA GLY A 248 18.37 -45.28 5.93
C GLY A 248 17.55 -44.13 5.38
N ASN A 249 16.81 -44.40 4.30
CA ASN A 249 15.76 -43.55 3.75
C ASN A 249 16.22 -42.22 3.13
N LEU A 250 17.52 -41.97 3.04
CA LEU A 250 17.96 -40.69 2.50
C LEU A 250 17.91 -40.70 0.98
N ILE A 251 17.23 -39.71 0.40
CA ILE A 251 17.38 -39.42 -1.02
C ILE A 251 18.50 -38.39 -1.10
N ALA A 252 19.67 -38.84 -1.48
CA ALA A 252 20.89 -38.08 -1.29
C ALA A 252 21.08 -37.03 -2.38
N PRO A 253 21.69 -35.90 -2.04
CA PRO A 253 22.14 -34.97 -3.08
C PRO A 253 23.15 -35.65 -3.99
N TRP A 254 22.95 -35.47 -5.29
CA TRP A 254 23.92 -35.84 -6.31
C TRP A 254 24.50 -34.59 -6.96
N TYR A 255 23.64 -33.70 -7.45
CA TYR A 255 24.09 -32.41 -7.95
C TYR A 255 23.50 -31.30 -7.07
N ALA A 256 24.27 -30.23 -6.89
CA ALA A 256 23.84 -29.02 -6.15
C ALA A 256 24.12 -27.80 -7.02
N PHE A 257 23.84 -26.61 -6.48
CA PHE A 257 23.89 -25.39 -7.29
C PHE A 257 24.62 -24.28 -6.54
N ALA A 258 25.65 -23.74 -7.16
CA ALA A 258 26.27 -22.49 -6.74
C ALA A 258 25.55 -21.32 -7.41
N LEU A 259 25.20 -20.30 -6.64
CA LEU A 259 24.40 -19.21 -7.20
C LEU A 259 24.93 -17.85 -6.77
N SER A 260 24.68 -16.86 -7.65
CA SER A 260 24.99 -15.45 -7.44
C SER A 260 23.69 -14.63 -7.48
N ARG A 261 23.55 -13.71 -6.54
CA ARG A 261 22.36 -12.88 -6.45
C ARG A 261 22.45 -11.65 -7.35
N GLY A 262 21.30 -11.23 -7.89
CA GLY A 262 21.17 -10.02 -8.68
C GLY A 262 20.02 -9.15 -8.19
N LEU A 263 19.48 -8.36 -9.11
CA LEU A 263 18.26 -7.62 -8.82
C LEU A 263 17.11 -8.60 -8.62
N GLY A 264 16.24 -8.30 -7.64
CA GLY A 264 15.08 -9.14 -7.43
C GLY A 264 14.22 -9.19 -8.68
N SER A 265 13.98 -10.38 -9.20
CA SER A 265 13.09 -10.49 -10.35
C SER A 265 11.93 -11.40 -9.95
N GLY A 266 11.38 -12.16 -10.89
CA GLY A 266 10.19 -12.90 -10.53
C GLY A 266 9.84 -13.93 -11.58
N ILE A 267 8.67 -14.52 -11.39
CA ILE A 267 8.20 -15.63 -12.21
C ILE A 267 6.97 -15.18 -12.98
N ILE A 268 6.97 -15.44 -14.27
CA ILE A 268 5.83 -15.16 -15.13
C ILE A 268 5.21 -16.49 -15.51
N THR A 269 3.89 -16.58 -15.36
CA THR A 269 3.12 -17.69 -15.90
C THR A 269 2.60 -17.25 -17.25
N SER A 270 2.95 -17.98 -18.30
CA SER A 270 2.65 -17.48 -19.62
C SER A 270 2.48 -18.61 -20.61
N ASN A 271 1.46 -18.47 -21.45
CA ASN A 271 1.28 -19.30 -22.62
C ASN A 271 1.92 -18.64 -23.83
N ALA A 272 2.58 -17.51 -23.63
CA ALA A 272 3.22 -16.80 -24.73
C ALA A 272 4.58 -17.43 -25.03
N SER A 273 4.94 -17.41 -26.31
CA SER A 273 6.21 -17.94 -26.76
C SER A 273 7.30 -16.87 -26.71
N MET A 274 8.54 -17.34 -26.71
CA MET A 274 9.69 -16.44 -26.64
C MET A 274 10.00 -15.92 -28.03
N ASP A 275 10.54 -14.70 -28.09
CA ASP A 275 10.88 -14.04 -29.33
C ASP A 275 12.22 -13.33 -29.17
N GLU A 276 12.80 -12.92 -30.29
CA GLU A 276 14.09 -12.21 -30.29
C GLU A 276 13.87 -10.69 -30.15
N CYS A 277 13.23 -10.33 -29.05
CA CYS A 277 12.92 -8.94 -28.70
C CYS A 277 13.57 -8.59 -27.37
N ASP A 278 13.81 -7.30 -27.15
CA ASP A 278 14.21 -6.76 -25.86
C ASP A 278 13.08 -5.93 -25.28
N THR A 279 13.11 -5.73 -23.96
CA THR A 279 12.07 -4.93 -23.32
C THR A 279 12.57 -4.42 -21.97
N LYS A 280 11.96 -3.33 -21.54
CA LYS A 280 12.16 -2.83 -20.19
C LYS A 280 11.06 -3.30 -19.25
N CYS A 281 10.03 -3.94 -19.77
CA CYS A 281 8.88 -4.35 -18.95
C CYS A 281 8.19 -5.53 -19.61
N GLN A 282 8.07 -6.65 -18.89
CA GLN A 282 7.44 -7.88 -19.37
C GLN A 282 6.16 -8.18 -18.61
N THR A 283 5.10 -8.53 -19.33
CA THR A 283 3.85 -8.95 -18.73
C THR A 283 3.53 -10.38 -19.20
N PRO A 284 2.63 -11.08 -18.52
CA PRO A 284 2.33 -12.47 -18.91
C PRO A 284 1.87 -12.64 -20.35
N GLN A 285 1.12 -11.70 -20.91
CA GLN A 285 0.65 -11.84 -22.30
C GLN A 285 1.63 -11.28 -23.33
N GLY A 286 2.61 -10.49 -22.92
CA GLY A 286 3.56 -9.94 -23.86
C GLY A 286 4.30 -8.77 -23.26
N ALA A 287 5.33 -8.33 -23.98
CA ALA A 287 6.10 -7.18 -23.55
C ALA A 287 5.31 -5.90 -23.85
N ILE A 288 5.60 -4.85 -23.07
CA ILE A 288 4.98 -3.56 -23.28
C ILE A 288 6.05 -2.48 -23.24
N ASN A 289 5.83 -1.40 -24.00
CA ASN A 289 6.69 -0.23 -23.92
C ASN A 289 6.64 0.38 -22.53
N SER A 290 7.77 0.99 -22.14
CA SER A 290 7.95 1.59 -20.83
C SER A 290 7.96 3.11 -20.89
N SER A 291 7.44 3.70 -21.97
CA SER A 291 7.54 5.14 -22.15
C SER A 291 6.43 5.92 -21.46
N LEU A 292 5.20 5.43 -21.48
CA LEU A 292 4.06 6.10 -20.87
C LEU A 292 3.96 5.77 -19.37
N PRO A 293 3.30 6.63 -18.60
CA PRO A 293 3.25 6.40 -17.14
C PRO A 293 2.26 5.35 -16.68
N PHE A 294 1.31 4.93 -17.51
CA PHE A 294 0.25 4.02 -17.07
C PHE A 294 0.01 2.95 -18.13
N GLN A 295 -0.42 1.77 -17.67
CA GLN A 295 -0.80 0.68 -18.56
C GLN A 295 -1.98 -0.08 -17.98
N ASN A 296 -2.77 -0.71 -18.87
CA ASN A 296 -3.93 -1.48 -18.46
C ASN A 296 -3.90 -2.91 -18.99
N ILE A 297 -2.72 -3.44 -19.29
CA ILE A 297 -2.62 -4.79 -19.83
C ILE A 297 -2.68 -5.85 -18.73
N HIS A 298 -1.84 -5.72 -17.70
CA HIS A 298 -1.86 -6.69 -16.62
C HIS A 298 -1.25 -6.07 -15.37
N PRO A 299 -1.83 -6.34 -14.20
CA PRO A 299 -1.25 -5.79 -12.95
C PRO A 299 0.04 -6.46 -12.50
N VAL A 300 0.33 -7.67 -12.93
CA VAL A 300 1.52 -8.40 -12.49
C VAL A 300 2.57 -8.29 -13.59
N THR A 301 3.59 -7.47 -13.36
CA THR A 301 4.59 -7.19 -14.37
C THR A 301 5.97 -7.38 -13.75
N ILE A 302 6.97 -7.44 -14.63
CA ILE A 302 8.38 -7.51 -14.24
C ILE A 302 9.15 -6.49 -15.07
N GLY A 303 10.00 -5.72 -14.41
CA GLY A 303 10.84 -4.75 -15.09
C GLY A 303 10.60 -3.34 -14.56
N GLU A 304 11.03 -2.33 -15.30
CA GLU A 304 10.67 -0.94 -15.01
C GLU A 304 9.37 -0.65 -15.76
N CYS A 305 8.26 -0.61 -15.02
CA CYS A 305 6.98 -0.71 -15.68
C CYS A 305 6.09 0.50 -15.41
N PRO A 306 5.22 0.85 -16.35
CA PRO A 306 4.14 1.80 -16.06
C PRO A 306 3.20 1.25 -14.99
N LYS A 307 2.54 2.15 -14.27
CA LYS A 307 1.59 1.71 -13.24
C LYS A 307 0.34 1.11 -13.85
N TYR A 308 -0.17 0.08 -13.21
CA TYR A 308 -1.35 -0.59 -13.73
C TYR A 308 -2.59 0.20 -13.30
N VAL A 309 -3.49 0.42 -14.25
CA VAL A 309 -4.72 1.17 -14.03
C VAL A 309 -5.84 0.37 -14.68
N LYS A 310 -7.05 0.56 -14.18
CA LYS A 310 -8.21 -0.04 -14.82
C LYS A 310 -8.75 0.83 -15.94
N SER A 311 -8.09 1.95 -16.25
CA SER A 311 -8.55 2.87 -17.27
C SER A 311 -8.52 2.22 -18.64
N THR A 312 -9.47 2.62 -19.49
CA THR A 312 -9.46 2.25 -20.89
C THR A 312 -9.04 3.39 -21.80
N LYS A 313 -9.00 4.62 -21.30
CA LYS A 313 -8.65 5.79 -22.11
C LYS A 313 -8.04 6.82 -21.19
N LEU A 314 -6.82 7.27 -21.52
CA LEU A 314 -6.13 8.37 -20.85
C LEU A 314 -5.48 9.22 -21.93
N ARG A 315 -6.29 10.06 -22.58
CA ARG A 315 -5.87 10.93 -23.67
C ARG A 315 -5.79 12.37 -23.17
N MET A 316 -4.60 12.96 -23.30
CA MET A 316 -4.32 14.30 -22.83
C MET A 316 -4.30 15.26 -24.01
N VAL A 317 -5.11 16.32 -23.92
CA VAL A 317 -5.13 17.31 -24.98
C VAL A 317 -3.85 18.14 -24.92
N THR A 318 -3.24 18.33 -26.08
CA THR A 318 -2.14 19.26 -26.27
C THR A 318 -2.51 20.44 -27.16
N GLY A 319 -3.47 20.27 -28.07
CA GLY A 319 -3.95 21.34 -28.93
C GLY A 319 -5.18 22.04 -28.40
N LEU A 320 -6.09 22.43 -29.29
CA LEU A 320 -7.26 23.23 -28.95
C LEU A 320 -8.53 22.46 -29.26
N ARG A 321 -9.66 23.01 -28.79
CA ARG A 321 -10.96 22.66 -29.37
C ARG A 321 -10.87 22.79 -30.89
N ASN A 322 -11.43 21.82 -31.61
CA ASN A 322 -11.31 21.83 -33.07
C ASN A 322 -12.45 22.60 -33.76
N GLY A 330 -14.52 30.06 -23.79
CA GLY A 330 -14.44 29.20 -22.61
C GLY A 330 -14.30 30.02 -21.34
N LEU A 331 -13.22 29.75 -20.57
CA LEU A 331 -12.99 30.49 -19.33
C LEU A 331 -12.59 31.93 -19.62
N PHE A 332 -11.96 32.19 -20.76
CA PHE A 332 -11.48 33.52 -21.11
C PHE A 332 -12.25 34.19 -22.24
N GLY A 333 -13.28 33.54 -22.79
CA GLY A 333 -14.26 34.24 -23.60
C GLY A 333 -13.95 34.36 -25.08
N ALA A 334 -12.76 33.96 -25.52
CA ALA A 334 -12.37 34.08 -26.93
C ALA A 334 -12.68 32.79 -27.71
N ILE A 335 -11.89 31.73 -27.49
CA ILE A 335 -12.14 30.48 -28.20
C ILE A 335 -13.55 30.01 -27.90
N ALA A 336 -14.32 29.74 -28.96
CA ALA A 336 -15.73 29.39 -28.86
C ALA A 336 -16.53 30.47 -28.16
N GLY A 337 -16.01 31.70 -28.16
CA GLY A 337 -16.69 32.83 -27.59
C GLY A 337 -16.91 33.86 -28.69
N PHE A 338 -16.20 34.98 -28.62
CA PHE A 338 -16.39 35.97 -29.67
C PHE A 338 -15.59 35.64 -30.93
N ILE A 339 -14.54 34.82 -30.82
CA ILE A 339 -13.92 34.21 -31.99
C ILE A 339 -14.45 32.78 -32.08
N GLU A 340 -15.44 32.58 -32.94
CA GLU A 340 -16.26 31.37 -32.84
C GLU A 340 -15.65 30.16 -33.53
N GLY A 341 -14.66 30.32 -34.39
CA GLY A 341 -14.18 29.20 -35.17
C GLY A 341 -12.68 29.25 -35.40
N GLY A 342 -12.12 28.05 -35.65
CA GLY A 342 -10.72 27.93 -36.01
C GLY A 342 -10.53 28.09 -37.50
N TRP A 343 -9.28 28.27 -37.89
CA TRP A 343 -8.93 28.48 -39.29
C TRP A 343 -8.19 27.25 -39.76
N THR A 344 -8.86 26.39 -40.54
CA THR A 344 -8.15 25.28 -41.17
C THR A 344 -7.05 25.80 -42.09
N GLY A 345 -7.25 27.01 -42.64
CA GLY A 345 -6.30 27.55 -43.60
C GLY A 345 -4.96 27.86 -42.99
N MET A 346 -4.94 28.32 -41.74
CA MET A 346 -3.70 28.58 -41.05
C MET A 346 -3.09 27.25 -40.59
N MET A 347 -1.99 26.84 -41.22
CA MET A 347 -1.37 25.55 -41.01
C MET A 347 0.05 25.63 -40.47
N ASP A 348 0.42 26.76 -39.83
CA ASP A 348 1.79 26.92 -39.37
C ASP A 348 1.87 27.35 -37.91
N GLY A 349 0.79 27.22 -37.15
CA GLY A 349 0.81 27.64 -35.77
C GLY A 349 -0.55 27.46 -35.14
N TRP A 350 -0.56 27.60 -33.81
CA TRP A 350 -1.78 27.48 -33.04
C TRP A 350 -2.58 28.78 -33.07
N TYR A 351 -1.87 29.90 -33.03
CA TYR A 351 -2.47 31.22 -33.00
C TYR A 351 -1.83 32.07 -34.10
N GLY A 352 -2.59 33.02 -34.62
CA GLY A 352 -2.06 33.86 -35.67
C GLY A 352 -3.08 34.84 -36.19
N TYR A 353 -2.79 35.34 -37.40
CA TYR A 353 -3.50 36.47 -37.97
C TYR A 353 -4.07 36.11 -39.35
N HIS A 354 -5.15 36.78 -39.71
CA HIS A 354 -5.66 36.80 -41.08
C HIS A 354 -5.73 38.25 -41.58
N HIS A 355 -5.09 38.53 -42.70
CA HIS A 355 -5.06 39.88 -43.27
C HIS A 355 -5.92 39.95 -44.52
N GLN A 356 -6.56 41.10 -44.72
CA GLN A 356 -7.30 41.36 -45.96
C GLN A 356 -7.13 42.83 -46.30
N ASN A 357 -6.37 43.09 -47.35
CA ASN A 357 -6.10 44.43 -47.84
C ASN A 357 -6.00 44.39 -49.36
N GLU A 358 -5.77 45.56 -49.95
CA GLU A 358 -5.74 45.68 -51.41
C GLU A 358 -4.55 44.96 -52.03
N GLN A 359 -3.49 44.78 -51.26
CA GLN A 359 -2.24 44.17 -51.73
C GLN A 359 -2.27 42.64 -51.72
N GLY A 360 -3.26 42.03 -51.08
CA GLY A 360 -3.35 40.58 -51.08
C GLY A 360 -4.05 40.07 -49.83
N SER A 361 -4.22 38.76 -49.79
CA SER A 361 -4.99 38.10 -48.73
C SER A 361 -4.28 36.83 -48.30
N GLY A 362 -4.70 36.29 -47.14
CA GLY A 362 -4.10 35.07 -46.63
C GLY A 362 -3.94 34.98 -45.12
N TYR A 363 -3.64 33.78 -44.62
CA TYR A 363 -3.42 33.52 -43.20
C TYR A 363 -1.93 33.52 -42.86
N ALA A 364 -1.63 33.81 -41.60
CA ALA A 364 -0.26 33.73 -41.10
C ALA A 364 -0.29 33.56 -39.58
N ALA A 365 0.53 32.64 -39.08
CA ALA A 365 0.60 32.37 -37.65
C ALA A 365 1.55 33.33 -36.95
N ASP A 366 1.23 33.63 -35.69
CA ASP A 366 2.14 34.37 -34.81
C ASP A 366 3.15 33.39 -34.21
N GLN A 367 4.41 33.54 -34.61
CA GLN A 367 5.41 32.57 -34.17
C GLN A 367 5.65 32.68 -32.66
N LYS A 368 5.66 33.91 -32.12
CA LYS A 368 6.00 34.10 -30.72
C LYS A 368 5.04 33.36 -29.79
N SER A 369 3.76 33.67 -29.85
CA SER A 369 2.81 33.09 -28.91
C SER A 369 2.64 31.59 -29.14
N THR A 370 2.72 31.14 -30.39
CA THR A 370 2.64 29.71 -30.63
C THR A 370 3.84 28.99 -30.05
N GLN A 371 5.05 29.53 -30.25
CA GLN A 371 6.24 28.89 -29.72
C GLN A 371 6.23 28.86 -28.20
N ASN A 372 5.79 29.94 -27.57
CA ASN A 372 5.64 29.94 -26.11
C ASN A 372 4.67 28.87 -25.67
N ALA A 373 3.53 28.76 -26.36
CA ALA A 373 2.53 27.76 -25.97
C ALA A 373 3.04 26.36 -26.23
N ILE A 374 3.69 26.15 -27.38
CA ILE A 374 4.25 24.83 -27.67
C ILE A 374 5.29 24.45 -26.62
N ASN A 375 6.12 25.41 -26.20
CA ASN A 375 7.17 25.07 -25.24
C ASN A 375 6.59 24.75 -23.87
N GLY A 376 5.51 25.44 -23.48
CA GLY A 376 4.90 25.21 -22.18
C GLY A 376 4.15 23.89 -22.09
N ILE A 377 3.35 23.59 -23.10
CA ILE A 377 2.60 22.33 -23.11
C ILE A 377 3.56 21.15 -23.17
N THR A 378 4.67 21.32 -23.89
CA THR A 378 5.69 20.29 -23.95
C THR A 378 6.26 20.03 -22.56
N ASN A 379 6.57 21.09 -21.82
CA ASN A 379 7.02 20.94 -20.44
C ASN A 379 5.96 20.27 -19.57
N LYS A 380 4.68 20.52 -19.86
CA LYS A 380 3.61 19.94 -19.06
C LYS A 380 3.50 18.43 -19.30
N VAL A 381 3.54 18.00 -20.56
CA VAL A 381 3.48 16.57 -20.88
C VAL A 381 4.69 15.85 -20.31
N ASN A 382 5.87 16.46 -20.43
CA ASN A 382 7.07 15.83 -19.90
C ASN A 382 7.01 15.69 -18.39
N SER A 383 6.33 16.60 -17.71
CA SER A 383 6.22 16.50 -16.27
C SER A 383 5.28 15.38 -15.86
N VAL A 384 4.14 15.25 -16.55
CA VAL A 384 3.21 14.16 -16.25
C VAL A 384 3.88 12.82 -16.49
N ILE A 385 4.73 12.76 -17.51
CA ILE A 385 5.33 11.50 -17.90
C ILE A 385 6.58 11.22 -17.06
N GLU A 386 7.47 12.19 -16.95
CA GLU A 386 8.78 11.90 -16.37
C GLU A 386 8.82 12.01 -14.85
N LYS A 387 7.81 12.60 -14.22
CA LYS A 387 7.81 12.60 -12.75
C LYS A 387 7.52 11.21 -12.17
N MET A 388 7.09 10.26 -12.99
CA MET A 388 6.74 8.92 -12.53
C MET A 388 8.02 8.19 -12.16
N ASN A 389 8.16 7.89 -10.87
CA ASN A 389 9.27 7.12 -10.34
C ASN A 389 9.15 5.66 -10.80
N THR A 390 10.16 5.13 -11.49
CA THR A 390 10.10 3.75 -11.98
C THR A 390 11.32 2.89 -11.60
N GLN A 391 11.20 2.11 -10.53
CA GLN A 391 12.19 1.10 -10.15
C GLN A 391 11.91 -0.23 -10.84
N PHE A 392 12.98 -0.99 -11.13
CA PHE A 392 12.85 -2.38 -11.55
C PHE A 392 12.32 -3.24 -10.39
N THR A 393 11.13 -3.80 -10.57
CA THR A 393 10.49 -4.61 -9.53
C THR A 393 9.74 -5.76 -10.21
N ALA A 394 9.37 -6.74 -9.39
CA ALA A 394 8.52 -7.86 -9.79
C ALA A 394 7.31 -7.87 -8.87
N VAL A 395 6.12 -7.63 -9.43
CA VAL A 395 4.95 -7.45 -8.58
C VAL A 395 4.50 -8.75 -7.91
N GLY A 396 4.69 -9.90 -8.58
CA GLY A 396 3.98 -11.11 -8.19
C GLY A 396 4.46 -11.74 -6.90
N LYS A 397 3.54 -12.41 -6.22
CA LYS A 397 3.82 -13.11 -4.96
C LYS A 397 3.04 -14.41 -4.95
N GLU A 398 3.68 -15.49 -4.52
CA GLU A 398 3.08 -16.82 -4.51
C GLU A 398 2.84 -17.32 -3.09
N PHE A 399 1.61 -17.82 -2.83
CA PHE A 399 1.26 -18.33 -1.51
C PHE A 399 0.64 -19.73 -1.59
N ASN A 400 0.93 -20.54 -0.57
CA ASN A 400 0.42 -21.90 -0.56
C ASN A 400 -0.96 -21.96 0.12
N LYS A 401 -1.50 -23.18 0.19
CA LYS A 401 -2.88 -23.39 0.59
C LYS A 401 -3.14 -22.99 2.04
N LEU A 402 -2.11 -22.85 2.87
CA LEU A 402 -2.22 -22.32 4.24
C LEU A 402 -1.71 -20.89 4.37
N GLU A 403 -1.66 -20.14 3.28
CA GLU A 403 -1.25 -18.75 3.31
C GLU A 403 -2.28 -17.89 2.63
N LYS A 404 -3.56 -18.28 2.75
CA LYS A 404 -4.66 -17.53 2.19
C LYS A 404 -4.69 -16.09 2.72
N ARG A 405 -4.42 -15.91 4.03
CA ARG A 405 -4.39 -14.57 4.60
C ARG A 405 -3.31 -13.71 3.95
N MET A 406 -2.11 -14.28 3.79
CA MET A 406 -1.05 -13.54 3.10
C MET A 406 -1.44 -13.28 1.66
N GLU A 407 -2.10 -14.23 1.02
CA GLU A 407 -2.52 -14.04 -0.35
C GLU A 407 -3.50 -12.88 -0.46
N ASN A 408 -4.43 -12.78 0.49
CA ASN A 408 -5.44 -11.72 0.46
C ASN A 408 -4.85 -10.38 0.88
N LEU A 409 -3.84 -10.40 1.75
CA LEU A 409 -3.12 -9.18 2.08
C LEU A 409 -2.39 -8.66 0.85
N ASN A 410 -1.75 -9.55 0.10
CA ASN A 410 -1.07 -9.17 -1.14
C ASN A 410 -2.06 -8.63 -2.16
N LYS A 411 -3.25 -9.25 -2.27
CA LYS A 411 -4.27 -8.75 -3.18
C LYS A 411 -4.81 -7.40 -2.70
N LYS A 412 -4.93 -7.20 -1.38
CA LYS A 412 -5.38 -5.90 -0.88
C LYS A 412 -4.36 -4.81 -1.19
N VAL A 413 -3.07 -5.17 -1.21
CA VAL A 413 -2.02 -4.22 -1.54
C VAL A 413 -2.08 -3.85 -3.02
N ASP A 414 -2.08 -4.86 -3.89
CA ASP A 414 -2.13 -4.59 -5.33
C ASP A 414 -3.39 -3.85 -5.72
N ASP A 415 -4.52 -4.19 -5.11
CA ASP A 415 -5.78 -3.55 -5.48
C ASP A 415 -5.86 -2.11 -4.98
N GLY A 416 -5.26 -1.81 -3.83
CA GLY A 416 -5.31 -0.46 -3.32
C GLY A 416 -4.48 0.48 -4.16
N PHE A 417 -3.30 0.01 -4.58
CA PHE A 417 -2.46 0.77 -5.49
C PHE A 417 -3.17 0.98 -6.81
N LEU A 418 -3.95 -0.01 -7.24
CA LEU A 418 -4.73 0.14 -8.47
C LEU A 418 -5.83 1.20 -8.30
N ASP A 419 -6.52 1.20 -7.16
CA ASP A 419 -7.59 2.17 -6.97
C ASP A 419 -7.04 3.59 -6.90
N ILE A 420 -5.92 3.77 -6.19
CA ILE A 420 -5.29 5.08 -6.07
C ILE A 420 -4.78 5.55 -7.43
N TRP A 421 -4.08 4.67 -8.16
CA TRP A 421 -3.50 5.10 -9.43
C TRP A 421 -4.57 5.30 -10.50
N THR A 422 -5.66 4.53 -10.46
CA THR A 422 -6.70 4.71 -11.46
C THR A 422 -7.45 6.03 -11.24
N TYR A 423 -7.89 6.28 -10.00
CA TYR A 423 -8.60 7.52 -9.68
C TYR A 423 -7.75 8.74 -9.98
N ASN A 424 -6.50 8.75 -9.51
CA ASN A 424 -5.66 9.91 -9.68
C ASN A 424 -5.35 10.15 -11.15
N ALA A 425 -5.15 9.08 -11.92
CA ALA A 425 -4.85 9.26 -13.35
C ALA A 425 -6.06 9.83 -14.09
N GLU A 426 -7.24 9.23 -13.87
CA GLU A 426 -8.45 9.71 -14.54
C GLU A 426 -8.69 11.18 -14.25
N LEU A 427 -8.59 11.57 -12.98
CA LEU A 427 -8.90 12.94 -12.59
C LEU A 427 -7.81 13.90 -13.02
N LEU A 428 -6.55 13.45 -13.00
CA LEU A 428 -5.47 14.29 -13.50
C LEU A 428 -5.69 14.65 -14.95
N VAL A 429 -6.10 13.68 -15.78
CA VAL A 429 -6.31 13.93 -17.20
C VAL A 429 -7.53 14.81 -17.41
N LEU A 430 -8.59 14.59 -16.63
CA LEU A 430 -9.78 15.41 -16.74
C LEU A 430 -9.49 16.87 -16.40
N LEU A 431 -8.73 17.11 -15.32
CA LEU A 431 -8.56 18.45 -14.80
C LEU A 431 -7.54 19.22 -15.60
N GLU A 432 -6.45 18.56 -15.96
CA GLU A 432 -5.40 19.21 -16.72
C GLU A 432 -5.76 19.39 -18.18
N ASN A 433 -6.66 18.56 -18.72
CA ASN A 433 -7.23 18.86 -20.03
C ASN A 433 -8.04 20.15 -19.98
N GLU A 434 -8.81 20.34 -18.91
CA GLU A 434 -9.53 21.59 -18.76
C GLU A 434 -8.53 22.75 -18.69
N ARG A 435 -7.47 22.59 -17.91
CA ARG A 435 -6.49 23.66 -17.77
C ARG A 435 -5.82 23.97 -19.09
N THR A 436 -5.53 22.94 -19.89
CA THR A 436 -4.84 23.16 -21.16
C THR A 436 -5.70 23.96 -22.14
N LEU A 437 -7.02 23.70 -22.17
CA LEU A 437 -7.88 24.47 -23.05
C LEU A 437 -7.98 25.93 -22.60
N ASP A 438 -8.12 26.17 -21.29
CA ASP A 438 -8.09 27.53 -20.75
C ASP A 438 -6.79 28.24 -21.11
N PHE A 439 -5.69 27.51 -21.16
CA PHE A 439 -4.42 28.12 -21.50
C PHE A 439 -4.44 28.62 -22.93
N HIS A 440 -5.00 27.84 -23.86
CA HIS A 440 -5.11 28.30 -25.23
C HIS A 440 -6.10 29.44 -25.32
N ASP A 441 -7.24 29.32 -24.64
CA ASP A 441 -8.21 30.41 -24.60
C ASP A 441 -7.57 31.70 -24.11
N SER A 442 -6.64 31.61 -23.16
CA SER A 442 -5.99 32.80 -22.63
C SER A 442 -4.84 33.28 -23.49
N ASN A 443 -4.23 32.42 -24.31
CA ASN A 443 -3.16 32.91 -25.16
C ASN A 443 -3.70 33.73 -26.35
N VAL A 444 -4.87 33.34 -26.88
CA VAL A 444 -5.43 34.08 -28.00
C VAL A 444 -6.10 35.36 -27.52
N LYS A 445 -6.72 35.31 -26.33
CA LYS A 445 -7.32 36.51 -25.79
C LYS A 445 -6.26 37.56 -25.50
N ASN A 446 -5.08 37.12 -25.03
CA ASN A 446 -4.01 38.08 -24.77
C ASN A 446 -3.43 38.59 -26.09
N LEU A 447 -3.42 37.75 -27.12
CA LEU A 447 -2.98 38.21 -28.43
C LEU A 447 -3.93 39.27 -28.97
N TYR A 448 -5.24 39.04 -28.84
CA TYR A 448 -6.21 40.03 -29.28
C TYR A 448 -6.01 41.35 -28.55
N GLU A 449 -5.88 41.32 -27.22
CA GLU A 449 -5.76 42.55 -26.47
C GLU A 449 -4.46 43.28 -26.76
N LYS A 450 -3.40 42.53 -27.10
CA LYS A 450 -2.15 43.15 -27.50
C LYS A 450 -2.31 43.98 -28.76
N VAL A 451 -3.03 43.46 -29.75
CA VAL A 451 -3.25 44.20 -30.99
C VAL A 451 -4.20 45.37 -30.75
N LYS A 452 -5.25 45.15 -29.96
CA LYS A 452 -6.20 46.20 -29.64
C LYS A 452 -5.50 47.37 -28.96
N ASN A 453 -4.58 47.10 -28.04
CA ASN A 453 -3.84 48.16 -27.37
C ASN A 453 -2.97 48.93 -28.36
N GLN A 454 -2.38 48.22 -29.33
CA GLN A 454 -1.55 48.90 -30.32
C GLN A 454 -2.40 49.70 -31.30
N LEU A 455 -3.58 49.18 -31.64
CA LEU A 455 -4.47 49.78 -32.64
C LEU A 455 -5.46 50.72 -31.98
N ARG A 456 -4.99 51.57 -31.07
CA ARG A 456 -5.85 52.23 -30.10
C ARG A 456 -7.11 52.79 -30.77
N ASN A 457 -6.95 53.78 -31.64
CA ASN A 457 -8.04 54.45 -32.32
C ASN A 457 -8.13 54.19 -33.81
N ASN A 458 -7.06 53.66 -34.41
CA ASN A 458 -6.95 53.56 -35.87
C ASN A 458 -7.88 52.52 -36.50
N ALA A 459 -8.69 51.79 -35.71
CA ALA A 459 -9.54 50.77 -36.28
C ALA A 459 -10.82 50.63 -35.47
N LYS A 460 -11.84 50.08 -36.12
CA LYS A 460 -13.08 49.70 -35.46
C LYS A 460 -12.97 48.23 -35.04
N GLU A 461 -13.33 47.96 -33.79
CA GLU A 461 -13.42 46.58 -33.31
C GLU A 461 -14.72 45.98 -33.82
N LEU A 462 -14.61 44.98 -34.69
CA LEU A 462 -15.78 44.35 -35.27
C LEU A 462 -16.47 43.37 -34.32
N GLY A 463 -15.79 42.91 -33.27
CA GLY A 463 -16.40 42.03 -32.29
C GLY A 463 -16.30 40.55 -32.62
N ASN A 464 -15.54 40.20 -33.65
CA ASN A 464 -15.36 38.81 -34.07
C ASN A 464 -13.90 38.40 -33.99
N GLY A 465 -13.11 39.16 -33.24
CA GLY A 465 -11.68 39.02 -33.25
C GLY A 465 -11.00 39.80 -34.34
N CYS A 466 -11.75 40.60 -35.09
CA CYS A 466 -11.19 41.31 -36.23
C CYS A 466 -11.38 42.81 -36.07
N PHE A 467 -10.40 43.56 -36.55
CA PHE A 467 -10.39 45.01 -36.48
C PHE A 467 -10.29 45.58 -37.89
N GLU A 468 -11.26 46.44 -38.27
CA GLU A 468 -11.27 47.08 -39.60
C GLU A 468 -10.54 48.42 -39.53
N PHE A 469 -9.42 48.51 -40.23
CA PHE A 469 -8.58 49.71 -40.18
C PHE A 469 -9.26 50.95 -40.79
N TYR A 470 -9.16 52.08 -40.07
CA TYR A 470 -9.47 53.40 -40.61
C TYR A 470 -8.30 53.88 -41.45
N HIS A 471 -7.12 53.85 -40.85
CA HIS A 471 -5.86 54.14 -41.51
C HIS A 471 -5.68 53.09 -42.60
N LYS A 472 -5.32 53.53 -43.82
CA LYS A 472 -5.17 52.61 -44.93
C LYS A 472 -4.01 51.67 -44.68
N CYS A 473 -4.30 50.37 -44.63
CA CYS A 473 -3.31 49.37 -44.32
C CYS A 473 -3.11 48.45 -45.51
N ASP A 474 -1.86 48.34 -45.93
CA ASP A 474 -1.37 47.55 -47.05
C ASP A 474 -0.84 46.26 -46.45
N ASN A 475 0.17 45.67 -47.08
CA ASN A 475 0.91 44.55 -46.51
C ASN A 475 2.10 44.98 -45.66
N GLU A 476 2.40 46.28 -45.58
CA GLU A 476 3.58 46.74 -44.85
C GLU A 476 3.31 47.18 -43.42
N CYS A 477 2.16 47.78 -43.15
CA CYS A 477 1.85 48.22 -41.78
C CYS A 477 1.67 47.03 -40.86
N MET A 478 1.12 45.94 -41.38
CA MET A 478 0.80 44.78 -40.57
C MET A 478 2.05 44.09 -40.03
N GLU A 479 3.09 43.91 -40.86
CA GLU A 479 4.29 43.23 -40.38
C GLU A 479 4.87 43.95 -39.15
N SER A 480 4.75 45.27 -39.10
CA SER A 480 5.15 45.98 -37.89
C SER A 480 4.16 45.75 -36.76
N VAL A 481 2.87 45.61 -37.07
CA VAL A 481 1.86 45.40 -36.05
C VAL A 481 1.93 43.97 -35.51
N LYS A 482 2.10 42.99 -36.41
CA LYS A 482 2.31 41.62 -35.94
C LYS A 482 3.70 41.46 -35.34
N ASN A 483 4.63 42.35 -35.66
CA ASN A 483 5.91 42.39 -34.96
C ASN A 483 5.86 43.34 -33.77
N GLY A 484 4.67 43.83 -33.42
CA GLY A 484 4.46 44.64 -32.24
C GLY A 484 5.11 46.00 -32.18
N THR A 485 5.32 46.66 -33.32
CA THR A 485 5.74 48.05 -33.35
C THR A 485 4.70 48.83 -34.14
N TYR A 486 4.18 49.90 -33.57
CA TYR A 486 3.11 50.63 -34.22
C TYR A 486 3.26 52.12 -33.94
N ASP A 487 2.94 52.96 -34.92
CA ASP A 487 2.93 54.41 -34.73
C ASP A 487 1.46 54.85 -34.80
N TYR A 488 0.81 54.89 -33.65
CA TYR A 488 -0.58 55.33 -33.58
C TYR A 488 -0.65 56.82 -33.91
N SER A 492 -3.44 60.11 -41.35
CA SER A 492 -3.80 59.46 -42.61
C SER A 492 -5.19 58.86 -42.53
N GLU A 493 -6.08 59.51 -41.79
CA GLU A 493 -7.46 59.05 -41.67
C GLU A 493 -8.17 59.18 -43.00
N GLU A 494 -8.78 58.09 -43.46
CA GLU A 494 -9.49 58.10 -44.74
C GLU A 494 -10.73 59.01 -44.69
N SER B 2 2.87 66.33 -18.06
CA SER B 2 1.68 65.60 -17.64
C SER B 2 1.89 64.76 -16.36
N ASP B 3 0.78 64.46 -15.71
CA ASP B 3 0.79 63.70 -14.48
C ASP B 3 0.34 62.27 -14.74
N THR B 4 0.97 61.33 -14.05
CA THR B 4 0.81 59.91 -14.36
C THR B 4 0.74 59.07 -13.09
N ILE B 5 -0.12 58.06 -13.12
CA ILE B 5 -0.18 57.03 -12.10
C ILE B 5 0.03 55.67 -12.78
N CYS B 6 0.95 54.88 -12.24
CA CYS B 6 1.31 53.57 -12.78
C CYS B 6 0.95 52.46 -11.79
N ILE B 7 0.55 51.32 -12.34
CA ILE B 7 0.29 50.11 -11.57
C ILE B 7 1.46 49.16 -11.77
N GLY B 8 1.90 48.52 -10.70
CA GLY B 8 3.04 47.62 -10.81
C GLY B 8 3.12 46.66 -9.63
N TYR B 9 4.13 45.81 -9.67
CA TYR B 9 4.26 44.73 -8.69
C TYR B 9 5.68 44.63 -8.17
N HIS B 10 5.83 43.94 -7.05
CA HIS B 10 7.07 43.92 -6.29
C HIS B 10 8.20 43.15 -7.00
N ALA B 11 9.43 43.61 -6.78
CA ALA B 11 10.62 42.88 -7.15
C ALA B 11 11.65 43.06 -6.05
N ASN B 12 12.51 42.05 -5.87
CA ASN B 12 13.56 42.12 -4.85
C ASN B 12 14.80 41.41 -5.36
N ASN B 13 15.79 41.22 -4.49
CA ASN B 13 17.05 40.58 -4.86
C ASN B 13 17.02 39.06 -4.65
N SER B 14 15.85 38.46 -4.48
CA SER B 14 15.77 37.04 -4.17
C SER B 14 16.26 36.20 -5.35
N THR B 15 16.87 35.06 -5.02
CA THR B 15 17.36 34.14 -6.03
C THR B 15 16.63 32.81 -6.01
N ASP B 16 15.60 32.67 -5.17
CA ASP B 16 14.82 31.45 -5.13
C ASP B 16 14.29 31.12 -6.51
N THR B 17 14.35 29.84 -6.85
CA THR B 17 13.76 29.30 -8.08
C THR B 17 12.75 28.24 -7.70
N VAL B 18 11.66 28.18 -8.47
CA VAL B 18 10.67 27.12 -8.38
C VAL B 18 10.43 26.58 -9.78
N ASP B 19 9.81 25.42 -9.85
CA ASP B 19 9.37 24.84 -11.12
C ASP B 19 7.86 24.94 -11.21
N THR B 20 7.36 25.07 -12.43
CA THR B 20 5.94 25.09 -12.70
C THR B 20 5.64 24.13 -13.83
N VAL B 21 4.36 23.87 -14.04
CA VAL B 21 3.96 22.92 -15.05
C VAL B 21 4.34 23.41 -16.46
N LEU B 22 4.38 24.71 -16.68
CA LEU B 22 4.71 25.23 -18.01
C LEU B 22 6.17 25.62 -18.14
N GLU B 23 6.87 25.88 -17.05
CA GLU B 23 8.23 26.38 -17.13
C GLU B 23 9.04 25.88 -15.95
N LYS B 24 10.24 25.38 -16.20
CA LYS B 24 11.12 25.00 -15.12
C LYS B 24 11.94 26.22 -14.70
N ASN B 25 12.36 26.24 -13.44
CA ASN B 25 13.38 27.17 -12.98
C ASN B 25 12.96 28.63 -13.19
N VAL B 26 11.92 29.00 -12.46
CA VAL B 26 11.36 30.35 -12.46
C VAL B 26 11.85 31.08 -11.22
N THR B 27 12.50 32.24 -11.40
CA THR B 27 12.95 33.05 -10.27
C THR B 27 11.77 33.77 -9.64
N VAL B 28 11.65 33.68 -8.30
CA VAL B 28 10.51 34.23 -7.59
C VAL B 28 10.97 35.05 -6.38
N THR B 29 10.06 35.91 -5.93
CA THR B 29 10.37 36.86 -4.85
C THR B 29 10.28 36.19 -3.48
N HIS B 30 9.33 35.27 -3.31
CA HIS B 30 9.15 34.56 -2.06
C HIS B 30 8.72 33.13 -2.34
N SER B 31 9.14 32.21 -1.46
CA SER B 31 8.79 30.80 -1.61
C SER B 31 8.95 30.08 -0.29
N VAL B 32 8.30 28.92 -0.21
CA VAL B 32 8.29 28.08 0.98
C VAL B 32 8.77 26.68 0.60
N ASN B 33 9.55 26.06 1.49
CA ASN B 33 10.02 24.69 1.31
C ASN B 33 9.06 23.71 1.98
N LEU B 34 8.62 22.70 1.23
CA LEU B 34 7.68 21.72 1.73
C LEU B 34 8.34 20.39 2.08
N LEU B 35 9.66 20.30 1.96
CA LEU B 35 10.37 19.04 2.00
C LEU B 35 11.40 19.08 3.12
N GLU B 36 11.20 18.25 4.15
CA GLU B 36 12.22 18.09 5.18
C GLU B 36 13.38 17.30 4.62
N ASP B 37 14.55 17.95 4.62
CA ASP B 37 15.78 17.39 4.07
C ASP B 37 16.91 17.45 5.07
N SER B 38 16.60 17.73 6.33
CA SER B 38 17.63 17.76 7.35
C SER B 38 17.14 16.98 8.56
N HIS B 39 18.09 16.41 9.29
CA HIS B 39 17.82 15.71 10.53
C HIS B 39 18.85 16.18 11.55
N ASN B 40 18.60 15.91 12.82
CA ASN B 40 19.47 16.43 13.86
C ASN B 40 20.64 15.50 14.21
N GLY B 41 20.71 14.32 13.61
CA GLY B 41 21.87 13.44 13.79
C GLY B 41 21.94 12.69 15.10
N LYS B 42 20.84 12.61 15.84
CA LYS B 42 20.81 12.02 17.17
C LYS B 42 19.60 11.10 17.30
N LEU B 43 19.63 10.23 18.30
CA LEU B 43 18.44 9.46 18.67
C LEU B 43 17.70 10.20 19.76
N CYS B 44 16.39 10.36 19.60
CA CYS B 44 15.61 11.19 20.52
C CYS B 44 14.47 10.41 21.16
N ARG B 45 13.84 11.06 22.13
CA ARG B 45 12.73 10.46 22.85
C ARG B 45 11.48 10.51 22.00
N LEU B 46 10.80 9.39 21.88
CA LEU B 46 9.48 9.31 21.27
C LEU B 46 8.44 9.20 22.37
N LYS B 47 7.33 9.92 22.20
CA LYS B 47 6.21 9.83 23.14
C LYS B 47 6.69 10.00 24.57
N GLY B 48 7.74 10.80 24.76
CA GLY B 48 8.25 11.09 26.09
C GLY B 48 9.28 10.13 26.62
N LYS B 49 9.47 8.96 26.00
CA LYS B 49 10.38 7.96 26.52
C LYS B 49 11.64 7.81 25.65
N ALA B 50 12.77 7.64 26.32
CA ALA B 50 14.00 7.36 25.61
C ALA B 50 13.99 5.93 25.07
N PRO B 51 14.73 5.65 24.00
CA PRO B 51 14.79 4.29 23.49
C PRO B 51 15.70 3.46 24.36
N LEU B 52 15.54 2.14 24.22
CA LEU B 52 16.53 1.18 24.74
C LEU B 52 17.71 1.15 23.79
N GLN B 53 18.89 1.53 24.27
CA GLN B 53 20.12 1.47 23.49
C GLN B 53 20.91 0.22 23.87
N LEU B 54 21.16 -0.65 22.90
CA LEU B 54 21.83 -1.90 23.19
C LEU B 54 23.34 -1.85 22.99
N GLY B 55 23.85 -0.88 22.24
CA GLY B 55 25.29 -0.74 22.07
C GLY B 55 25.95 -1.94 21.43
N LYS B 56 26.81 -2.64 22.16
CA LYS B 56 27.57 -3.76 21.61
C LYS B 56 26.72 -5.01 21.39
N CYS B 57 25.51 -5.06 21.93
CA CYS B 57 24.71 -6.27 21.86
C CYS B 57 23.53 -6.10 20.92
N ASN B 58 23.03 -7.24 20.43
CA ASN B 58 21.74 -7.26 19.77
C ASN B 58 20.73 -7.68 20.81
N ILE B 59 19.45 -7.77 20.41
CA ILE B 59 18.41 -8.05 21.39
C ILE B 59 18.60 -9.44 22.00
N ALA B 60 19.09 -10.40 21.20
CA ALA B 60 19.30 -11.75 21.71
C ALA B 60 20.29 -11.77 22.87
N GLY B 61 21.45 -11.16 22.67
CA GLY B 61 22.46 -11.14 23.73
C GLY B 61 21.99 -10.38 24.95
N TRP B 62 21.23 -9.31 24.73
CA TRP B 62 20.71 -8.52 25.83
C TRP B 62 19.68 -9.31 26.62
N ILE B 63 18.72 -9.93 25.93
CA ILE B 63 17.64 -10.58 26.66
C ILE B 63 18.13 -11.87 27.34
N LEU B 64 19.08 -12.58 26.72
CA LEU B 64 19.65 -13.79 27.33
C LEU B 64 20.68 -13.45 28.40
N GLY B 65 21.27 -12.26 28.35
CA GLY B 65 22.29 -11.88 29.30
C GLY B 65 23.67 -12.34 28.91
N ASN B 66 23.97 -12.26 27.61
CA ASN B 66 25.31 -12.54 27.12
C ASN B 66 26.29 -11.82 28.03
N PRO B 67 27.37 -12.48 28.47
CA PRO B 67 28.23 -11.87 29.49
C PRO B 67 28.83 -10.54 29.08
N GLU B 68 28.84 -10.20 27.80
CA GLU B 68 29.36 -8.94 27.30
C GLU B 68 28.28 -7.85 27.23
N CYS B 69 27.11 -8.07 27.81
CA CYS B 69 26.02 -7.11 27.74
C CYS B 69 25.69 -6.60 29.13
N GLU B 70 25.29 -5.34 29.19
CA GLU B 70 24.95 -4.71 30.46
C GLU B 70 23.59 -5.23 30.91
N SER B 71 23.51 -5.61 32.17
CA SER B 71 22.25 -6.07 32.75
C SER B 71 21.43 -4.87 33.19
N LEU B 72 20.11 -5.04 33.23
CA LEU B 72 19.19 -4.00 33.70
C LEU B 72 18.76 -4.33 35.12
N LEU B 73 19.25 -3.55 36.09
CA LEU B 73 18.91 -3.74 37.49
C LEU B 73 17.62 -3.04 37.92
N SER B 74 17.15 -2.05 37.15
CA SER B 74 16.02 -1.20 37.53
C SER B 74 14.82 -1.44 36.60
N LYS B 75 13.63 -1.06 37.07
CA LYS B 75 12.44 -1.11 36.24
C LYS B 75 12.45 0.07 35.28
N ARG B 76 12.32 -0.20 33.98
CA ARG B 76 12.39 0.89 33.02
C ARG B 76 11.35 0.72 31.92
N SER B 77 11.28 1.74 31.06
CA SER B 77 10.33 1.86 29.97
C SER B 77 11.05 2.35 28.72
N TRP B 78 10.53 2.01 27.55
CA TRP B 78 11.13 2.58 26.35
C TRP B 78 10.11 2.61 25.23
N SER B 79 10.29 3.56 24.32
CA SER B 79 9.41 3.78 23.19
C SER B 79 9.81 3.01 21.95
N TYR B 80 11.11 2.81 21.74
CA TYR B 80 11.62 2.01 20.61
C TYR B 80 12.98 1.49 21.04
N ILE B 81 13.56 0.62 20.21
CA ILE B 81 14.87 0.02 20.51
C ILE B 81 15.86 0.48 19.45
N ALA B 82 17.05 0.87 19.90
CA ALA B 82 18.14 1.28 19.04
C ALA B 82 19.28 0.28 19.19
N GLU B 83 19.57 -0.48 18.16
CA GLU B 83 20.82 -1.20 18.15
C GLU B 83 21.74 -0.61 17.07
N THR B 84 23.04 -0.77 17.29
CA THR B 84 24.06 -0.19 16.43
C THR B 84 24.48 -1.15 15.34
N PRO B 85 25.18 -0.66 14.31
CA PRO B 85 25.70 -1.56 13.27
C PRO B 85 26.74 -2.55 13.79
N ASN B 86 27.43 -2.25 14.89
CA ASN B 86 28.32 -3.22 15.53
C ASN B 86 27.65 -3.95 16.69
N SER B 87 26.34 -4.21 16.60
CA SER B 87 25.67 -5.05 17.60
C SER B 87 25.95 -6.50 17.25
N GLU B 88 27.06 -7.05 17.75
CA GLU B 88 27.55 -8.35 17.33
C GLU B 88 27.48 -9.41 18.44
N ASN B 89 27.08 -9.05 19.65
CA ASN B 89 27.09 -9.97 20.77
C ASN B 89 25.67 -10.45 21.01
N GLY B 90 25.41 -11.69 20.61
CA GLY B 90 24.10 -12.26 20.78
C GLY B 90 24.16 -13.64 21.41
N THR B 91 23.80 -14.65 20.63
CA THR B 91 23.91 -16.02 21.08
C THR B 91 25.37 -16.46 20.95
N CYS B 92 26.13 -16.33 22.06
CA CYS B 92 27.54 -16.71 22.07
C CYS B 92 27.74 -18.22 21.96
N TYR B 93 26.76 -19.01 22.41
CA TYR B 93 26.72 -20.44 22.14
C TYR B 93 25.82 -20.66 20.94
N PRO B 94 26.28 -21.32 19.88
CA PRO B 94 25.49 -21.38 18.64
C PRO B 94 24.18 -22.18 18.77
N GLY B 95 23.16 -21.71 18.06
CA GLY B 95 21.88 -22.39 18.00
C GLY B 95 20.83 -21.48 17.41
N ASP B 96 19.61 -22.00 17.34
CA ASP B 96 18.47 -21.28 16.76
C ASP B 96 17.70 -20.56 17.87
N PHE B 97 17.33 -19.31 17.61
CA PHE B 97 16.48 -18.55 18.52
C PHE B 97 15.06 -18.58 17.95
N ALA B 98 14.18 -19.30 18.63
CA ALA B 98 12.83 -19.47 18.12
C ALA B 98 12.07 -18.14 18.06
N ASP B 99 11.48 -17.84 16.91
CA ASP B 99 10.64 -16.66 16.73
C ASP B 99 11.32 -15.38 17.19
N TYR B 100 12.59 -15.24 16.81
CA TYR B 100 13.42 -14.11 17.24
C TYR B 100 12.83 -12.77 16.76
N GLU B 101 12.54 -12.66 15.46
CA GLU B 101 12.02 -11.39 14.93
C GLU B 101 10.72 -11.02 15.63
N GLU B 102 9.87 -12.00 15.85
CA GLU B 102 8.63 -11.81 16.58
C GLU B 102 8.88 -11.25 17.99
N LEU B 103 9.90 -11.75 18.67
CA LEU B 103 10.22 -11.25 20.01
C LEU B 103 10.77 -9.83 19.95
N ARG B 104 11.59 -9.54 18.92
CA ARG B 104 12.11 -8.20 18.72
C ARG B 104 10.99 -7.20 18.54
N GLU B 105 10.01 -7.54 17.70
CA GLU B 105 8.88 -6.64 17.51
C GLU B 105 8.09 -6.47 18.80
N GLN B 106 7.87 -7.55 19.53
CA GLN B 106 7.08 -7.47 20.76
C GLN B 106 7.79 -6.72 21.88
N LEU B 107 9.11 -6.80 21.96
CA LEU B 107 9.86 -6.07 22.97
C LEU B 107 10.13 -4.61 22.58
N SER B 108 9.69 -4.15 21.40
CA SER B 108 10.23 -2.87 20.96
C SER B 108 9.65 -1.66 21.70
N SER B 109 8.45 -1.74 22.29
CA SER B 109 8.04 -0.66 23.19
C SER B 109 7.33 -1.26 24.40
N VAL B 110 7.80 -0.89 25.61
CA VAL B 110 7.26 -1.43 26.85
C VAL B 110 6.93 -0.29 27.81
N SER B 111 5.77 -0.39 28.47
CA SER B 111 5.40 0.59 29.52
C SER B 111 6.21 0.35 30.79
N SER B 112 6.47 -0.92 31.13
CA SER B 112 7.39 -1.23 32.23
C SER B 112 8.03 -2.60 32.01
N PHE B 113 9.25 -2.72 32.51
CA PHE B 113 10.12 -3.85 32.23
C PHE B 113 10.94 -4.08 33.48
N GLU B 114 10.93 -5.32 33.99
CA GLU B 114 11.60 -5.55 35.26
C GLU B 114 12.17 -6.97 35.29
N ARG B 115 13.49 -7.05 35.40
CA ARG B 115 14.15 -8.33 35.52
C ARG B 115 14.01 -8.82 36.95
N PHE B 116 13.76 -10.13 37.11
CA PHE B 116 13.62 -10.70 38.44
C PHE B 116 14.08 -12.15 38.41
N GLU B 117 14.52 -12.64 39.57
CA GLU B 117 15.03 -14.00 39.70
C GLU B 117 13.84 -14.95 39.76
N ILE B 118 13.64 -15.71 38.69
CA ILE B 118 12.48 -16.58 38.62
C ILE B 118 12.73 -17.89 39.38
N PHE B 119 13.88 -18.51 39.16
CA PHE B 119 14.28 -19.72 39.87
C PHE B 119 15.65 -19.47 40.45
N PRO B 120 15.73 -18.98 41.70
CA PRO B 120 17.03 -18.54 42.22
C PRO B 120 18.06 -19.67 42.11
N LYS B 121 19.21 -19.33 41.54
CA LYS B 121 20.21 -20.34 41.25
C LYS B 121 20.65 -21.06 42.51
N GLU B 122 20.73 -20.35 43.62
CA GLU B 122 21.29 -20.90 44.84
C GLU B 122 20.37 -21.91 45.53
N SER B 123 19.06 -21.89 45.24
CA SER B 123 18.11 -22.63 46.07
C SER B 123 17.16 -23.52 45.29
N SER B 124 17.16 -23.48 43.96
CA SER B 124 16.16 -24.18 43.17
C SER B 124 16.56 -25.58 42.75
N TRP B 125 17.85 -25.92 42.75
CA TRP B 125 18.33 -27.16 42.16
C TRP B 125 19.23 -27.89 43.15
N PRO B 126 18.67 -28.35 44.27
CA PRO B 126 19.51 -28.93 45.32
C PRO B 126 20.19 -30.22 44.90
N LYS B 127 19.72 -30.88 43.85
CA LYS B 127 20.28 -32.15 43.44
C LYS B 127 20.89 -32.08 42.03
N HIS B 128 21.29 -30.90 41.57
CA HIS B 128 21.99 -30.71 40.30
C HIS B 128 23.22 -29.82 40.48
N ASN B 129 24.15 -29.90 39.53
CA ASN B 129 25.32 -29.02 39.54
C ASN B 129 24.96 -27.72 38.84
N THR B 130 25.00 -26.62 39.58
CA THR B 130 24.66 -25.31 39.03
C THR B 130 25.89 -24.47 38.76
N THR B 131 27.08 -24.98 39.03
CA THR B 131 28.29 -24.18 38.90
C THR B 131 29.23 -24.62 37.78
N ARG B 132 28.96 -25.73 37.10
CA ARG B 132 29.87 -26.19 36.05
C ARG B 132 29.46 -25.73 34.65
N GLY B 133 28.25 -25.23 34.47
CA GLY B 133 27.77 -24.86 33.14
C GLY B 133 28.30 -23.54 32.59
N VAL B 134 29.60 -23.50 32.31
CA VAL B 134 30.24 -22.36 31.65
C VAL B 134 31.00 -22.88 30.45
N THR B 135 31.19 -22.02 29.46
CA THR B 135 31.85 -22.40 28.24
C THR B 135 32.70 -21.25 27.72
N ALA B 136 33.78 -21.61 27.03
CA ALA B 136 34.65 -20.63 26.42
C ALA B 136 33.95 -19.86 25.31
N ALA B 137 32.86 -20.41 24.76
CA ALA B 137 32.09 -19.72 23.74
C ALA B 137 31.45 -18.46 24.27
N CYS B 138 31.20 -18.41 25.57
CA CYS B 138 30.57 -17.26 26.20
C CYS B 138 31.57 -16.72 27.19
N SER B 139 32.75 -16.40 26.73
CA SER B 139 33.81 -16.02 27.64
C SER B 139 33.61 -14.59 28.12
N HIS B 140 34.09 -14.33 29.31
CA HIS B 140 34.08 -12.97 29.84
C HIS B 140 35.35 -12.76 30.64
N ALA B 141 36.03 -11.65 30.37
CA ALA B 141 37.26 -11.29 31.07
C ALA B 141 38.28 -12.42 30.99
N ARG B 142 38.37 -13.06 29.83
CA ARG B 142 39.33 -14.13 29.56
C ARG B 142 39.07 -15.36 30.40
N LYS B 143 37.83 -15.56 30.85
CA LYS B 143 37.45 -16.72 31.63
C LYS B 143 36.12 -17.25 31.11
N SER B 144 35.96 -18.56 31.11
CA SER B 144 34.72 -19.13 30.61
C SER B 144 33.54 -18.62 31.41
N SER B 145 32.39 -18.57 30.78
CA SER B 145 31.23 -18.01 31.45
C SER B 145 29.99 -18.50 30.71
N PHE B 146 28.87 -17.81 30.92
CA PHE B 146 27.60 -18.22 30.37
C PHE B 146 26.63 -17.06 30.48
N TYR B 147 25.48 -17.21 29.84
CA TYR B 147 24.41 -16.23 29.91
C TYR B 147 24.07 -15.93 31.37
N LYS B 148 23.79 -14.65 31.66
CA LYS B 148 23.48 -14.26 33.02
C LYS B 148 22.04 -14.53 33.42
N ASN B 149 21.16 -14.84 32.47
CA ASN B 149 19.75 -15.09 32.76
C ASN B 149 19.34 -16.55 32.67
N LEU B 150 20.22 -17.43 32.21
CA LEU B 150 19.94 -18.85 32.13
C LEU B 150 20.93 -19.60 33.00
N LEU B 151 20.59 -20.86 33.31
CA LEU B 151 21.42 -21.68 34.18
C LEU B 151 21.56 -23.05 33.54
N TRP B 152 22.79 -23.40 33.16
CA TRP B 152 23.12 -24.64 32.49
C TRP B 152 23.29 -25.72 33.54
N LEU B 153 22.22 -26.47 33.78
CA LEU B 153 22.24 -27.55 34.76
C LEU B 153 23.03 -28.75 34.23
N THR B 154 23.80 -29.37 35.12
CA THR B 154 24.48 -30.62 34.77
C THR B 154 24.36 -31.60 35.93
N GLU B 155 24.78 -32.83 35.65
CA GLU B 155 24.73 -33.91 36.63
C GLU B 155 25.52 -33.54 37.89
N ALA B 156 25.09 -34.10 39.01
CA ALA B 156 25.76 -33.94 40.30
C ALA B 156 25.98 -35.32 40.90
N ASN B 157 27.22 -35.65 41.20
CA ASN B 157 27.58 -36.89 41.90
C ASN B 157 27.11 -38.12 41.11
N GLY B 158 27.27 -38.08 39.80
CA GLY B 158 27.00 -39.23 38.95
C GLY B 158 25.56 -39.39 38.51
N SER B 159 24.69 -38.44 38.83
CA SER B 159 23.27 -38.57 38.50
C SER B 159 22.71 -37.20 38.12
N TYR B 160 21.79 -37.20 37.14
CA TYR B 160 21.04 -36.00 36.73
C TYR B 160 19.56 -36.29 36.98
N PRO B 161 19.03 -35.94 38.15
CA PRO B 161 17.68 -36.39 38.49
C PRO B 161 16.62 -35.67 37.71
N ASN B 162 15.49 -36.37 37.53
CA ASN B 162 14.30 -35.75 36.99
C ASN B 162 14.01 -34.46 37.74
N LEU B 163 13.66 -33.42 37.00
CA LEU B 163 13.32 -32.16 37.64
C LEU B 163 11.93 -31.71 37.17
N SER B 164 11.20 -31.10 38.09
CA SER B 164 9.89 -30.54 37.77
C SER B 164 9.76 -29.24 38.56
N LYS B 165 9.84 -28.11 37.85
CA LYS B 165 9.84 -26.79 38.47
C LYS B 165 8.77 -25.92 37.85
N SER B 166 7.92 -25.35 38.69
CA SER B 166 6.80 -24.54 38.24
C SER B 166 6.89 -23.13 38.82
N TYR B 167 6.26 -22.19 38.11
CA TYR B 167 6.23 -20.80 38.53
C TYR B 167 4.86 -20.21 38.25
N VAL B 168 4.28 -19.56 39.25
CA VAL B 168 3.00 -18.88 39.14
C VAL B 168 3.27 -17.41 38.90
N ASN B 169 2.72 -16.88 37.81
CA ASN B 169 2.81 -15.45 37.51
C ASN B 169 1.92 -14.70 38.49
N ASN B 170 2.51 -14.10 39.53
CA ASN B 170 1.81 -13.21 40.44
C ASN B 170 2.20 -11.76 40.20
N GLN B 171 2.79 -11.46 39.05
CA GLN B 171 3.29 -10.13 38.80
C GLN B 171 2.22 -9.17 38.30
N GLU B 172 1.00 -9.65 38.08
CA GLU B 172 -0.10 -8.80 37.59
C GLU B 172 0.23 -8.11 36.28
N LYS B 173 1.14 -8.71 35.52
CA LYS B 173 1.46 -8.32 34.15
C LYS B 173 2.09 -9.54 33.51
N GLU B 174 2.34 -9.47 32.20
CA GLU B 174 2.97 -10.57 31.49
C GLU B 174 4.37 -10.79 32.02
N VAL B 175 4.78 -12.05 32.05
CA VAL B 175 6.15 -12.40 32.36
C VAL B 175 6.75 -13.06 31.14
N LEU B 176 7.88 -12.53 30.67
CA LEU B 176 8.64 -13.16 29.60
C LEU B 176 9.59 -14.19 30.23
N VAL B 177 9.41 -15.46 29.89
CA VAL B 177 10.27 -16.52 30.39
C VAL B 177 11.06 -17.06 29.20
N LEU B 178 12.38 -17.12 29.34
CA LEU B 178 13.22 -17.73 28.32
C LEU B 178 13.96 -18.96 28.87
N TRP B 179 14.23 -19.91 27.98
CA TRP B 179 14.96 -21.13 28.33
C TRP B 179 15.69 -21.67 27.10
N GLY B 180 16.49 -22.71 27.33
CA GLY B 180 17.25 -23.31 26.26
C GLY B 180 17.26 -24.82 26.35
N VAL B 181 17.71 -25.44 25.27
CA VAL B 181 17.90 -26.89 25.21
C VAL B 181 19.26 -27.17 24.60
N HIS B 182 20.07 -27.96 25.31
CA HIS B 182 21.39 -28.30 24.80
C HIS B 182 21.35 -29.54 23.93
N HIS B 183 22.04 -29.48 22.79
CA HIS B 183 22.15 -30.61 21.86
C HIS B 183 23.62 -30.91 21.72
N PRO B 184 24.13 -31.94 22.39
CA PRO B 184 25.55 -32.28 22.27
C PRO B 184 25.91 -32.76 20.87
N SER B 185 27.21 -32.69 20.59
CA SER B 185 27.76 -33.14 19.33
C SER B 185 28.13 -34.61 19.28
N ASN B 186 28.10 -35.33 20.41
CA ASN B 186 28.38 -36.77 20.45
C ASN B 186 27.72 -37.36 21.68
N ILE B 187 27.49 -38.68 21.67
CA ILE B 187 26.77 -39.33 22.77
C ILE B 187 27.61 -39.42 24.04
N GLU B 188 28.95 -39.35 23.91
CA GLU B 188 29.81 -39.34 25.08
C GLU B 188 29.54 -38.10 25.93
N ASP B 189 29.44 -36.94 25.30
CA ASP B 189 29.12 -35.73 26.05
C ASP B 189 27.72 -35.80 26.63
N GLN B 190 26.78 -36.43 25.91
CA GLN B 190 25.44 -36.59 26.44
C GLN B 190 25.47 -37.42 27.72
N ARG B 191 26.25 -38.50 27.73
CA ARG B 191 26.36 -39.30 28.94
C ARG B 191 27.02 -38.51 30.07
N THR B 192 28.14 -37.86 29.79
CA THR B 192 28.93 -37.22 30.83
C THR B 192 28.13 -36.16 31.58
N LEU B 193 27.41 -35.32 30.86
CA LEU B 193 26.72 -34.18 31.48
C LEU B 193 25.37 -34.55 32.06
N TYR B 194 24.68 -35.52 31.46
CA TYR B 194 23.29 -35.79 31.80
C TYR B 194 23.00 -37.23 32.16
N ARG B 195 24.01 -38.14 32.06
CA ARG B 195 23.92 -39.51 32.58
C ARG B 195 22.81 -40.32 31.93
N LYS B 196 22.49 -40.02 30.68
CA LYS B 196 21.40 -40.61 29.91
C LYS B 196 21.72 -40.34 28.46
N GLU B 197 21.39 -41.28 27.60
CA GLU B 197 21.50 -41.04 26.18
C GLU B 197 20.23 -40.43 25.62
N ASN B 198 19.09 -40.67 26.27
CA ASN B 198 17.79 -40.22 25.79
C ASN B 198 17.17 -39.33 26.86
N ALA B 199 17.22 -38.02 26.65
CA ALA B 199 16.60 -37.08 27.57
C ALA B 199 15.45 -36.35 26.89
N TYR B 200 14.69 -35.62 27.69
CA TYR B 200 13.64 -34.79 27.14
C TYR B 200 13.50 -33.55 27.99
N VAL B 201 12.95 -32.51 27.37
CA VAL B 201 12.56 -31.29 28.07
C VAL B 201 11.12 -31.00 27.70
N SER B 202 10.33 -30.61 28.69
CA SER B 202 8.93 -30.30 28.49
C SER B 202 8.66 -28.95 29.15
N VAL B 203 8.00 -28.05 28.44
CA VAL B 203 7.63 -26.75 28.99
C VAL B 203 6.17 -26.47 28.66
N VAL B 204 5.36 -26.22 29.69
CA VAL B 204 3.91 -26.09 29.49
C VAL B 204 3.34 -24.94 30.32
N SER B 205 2.35 -24.25 29.75
CA SER B 205 1.54 -23.27 30.46
C SER B 205 0.11 -23.53 30.06
N SER B 206 -0.78 -22.60 30.36
CA SER B 206 -2.16 -22.74 29.89
C SER B 206 -2.30 -22.63 28.38
N ASN B 207 -1.36 -21.96 27.71
CA ASN B 207 -1.48 -21.76 26.27
C ASN B 207 -0.18 -22.04 25.51
N TYR B 208 0.89 -22.41 26.20
CA TYR B 208 2.13 -22.84 25.58
C TYR B 208 2.35 -24.30 25.93
N ASN B 209 2.82 -25.09 24.96
CA ASN B 209 2.93 -26.54 25.17
C ASN B 209 3.93 -27.11 24.17
N ARG B 210 5.14 -27.45 24.62
CA ARG B 210 6.14 -27.99 23.72
C ARG B 210 7.07 -28.97 24.43
N ARG B 211 7.47 -30.02 23.70
CA ARG B 211 8.40 -31.05 24.17
C ARG B 211 9.63 -31.08 23.29
N PHE B 212 10.82 -31.13 23.89
CA PHE B 212 12.09 -31.13 23.17
C PHE B 212 12.87 -32.42 23.44
N THR B 213 13.46 -32.99 22.40
CA THR B 213 14.38 -34.09 22.62
C THR B 213 15.71 -33.75 21.97
N PRO B 214 16.83 -33.88 22.68
CA PRO B 214 18.13 -33.61 22.07
C PRO B 214 18.41 -34.48 20.85
N GLU B 215 19.03 -33.85 19.85
CA GLU B 215 19.47 -34.52 18.63
C GLU B 215 20.98 -34.43 18.60
N ILE B 216 21.63 -35.58 18.59
CA ILE B 216 23.08 -35.67 18.67
C ILE B 216 23.63 -36.01 17.31
N ALA B 217 24.55 -35.18 16.83
CA ALA B 217 25.18 -35.41 15.56
C ALA B 217 26.43 -34.58 15.53
N GLU B 218 27.36 -35.01 14.69
CA GLU B 218 28.55 -34.20 14.46
C GLU B 218 28.17 -32.99 13.61
N ARG B 219 28.62 -31.81 14.03
CA ARG B 219 28.25 -30.57 13.37
C ARG B 219 29.47 -29.70 13.19
N PRO B 220 29.49 -28.86 12.15
CA PRO B 220 30.60 -27.92 12.00
C PRO B 220 30.63 -26.93 13.15
N LYS B 221 31.84 -26.53 13.53
CA LYS B 221 32.03 -25.75 14.74
C LYS B 221 31.75 -24.26 14.51
N VAL B 222 30.94 -23.67 15.39
CA VAL B 222 30.62 -22.24 15.40
C VAL B 222 31.07 -21.71 16.76
N ARG B 223 31.89 -20.67 16.77
CA ARG B 223 32.58 -20.23 17.98
C ARG B 223 33.22 -21.43 18.67
N ASN B 224 33.84 -22.27 17.85
CA ASN B 224 34.51 -23.49 18.30
C ASN B 224 33.58 -24.44 19.05
N GLN B 225 32.31 -24.48 18.68
CA GLN B 225 31.35 -25.37 19.33
C GLN B 225 30.69 -26.22 18.27
N ALA B 226 30.81 -27.54 18.41
CA ALA B 226 30.03 -28.44 17.60
C ALA B 226 28.67 -28.70 18.22
N GLY B 227 28.53 -28.51 19.52
CA GLY B 227 27.22 -28.57 20.13
C GLY B 227 26.35 -27.41 19.67
N ARG B 228 25.07 -27.48 20.02
CA ARG B 228 24.14 -26.42 19.72
C ARG B 228 23.27 -26.19 20.94
N MET B 229 22.81 -24.96 21.09
CA MET B 229 21.86 -24.62 22.13
C MET B 229 20.71 -23.88 21.46
N ASN B 230 19.51 -24.44 21.56
CA ASN B 230 18.34 -23.75 21.02
C ASN B 230 17.64 -22.95 22.12
N TYR B 231 17.25 -21.73 21.79
CA TYR B 231 16.66 -20.78 22.72
C TYR B 231 15.16 -20.67 22.46
N TYR B 232 14.37 -20.61 23.53
CA TYR B 232 12.92 -20.55 23.40
C TYR B 232 12.38 -19.56 24.41
N TRP B 233 11.14 -19.12 24.19
CA TRP B 233 10.53 -18.14 25.08
C TRP B 233 9.02 -18.22 24.99
N THR B 234 8.37 -17.66 26.00
CA THR B 234 6.92 -17.49 25.99
C THR B 234 6.59 -16.35 26.94
N LEU B 235 5.45 -15.72 26.69
CA LEU B 235 4.90 -14.67 27.54
C LEU B 235 3.85 -15.35 28.41
N LEU B 236 4.13 -15.41 29.70
CA LEU B 236 3.21 -16.00 30.67
C LEU B 236 2.22 -14.92 31.08
N GLU B 237 0.93 -15.15 30.82
CA GLU B 237 -0.06 -14.17 31.17
C GLU B 237 -0.28 -14.14 32.68
N PRO B 238 -0.73 -12.99 33.21
CA PRO B 238 -0.92 -12.87 34.66
C PRO B 238 -1.81 -13.96 35.23
N GLY B 239 -1.39 -14.52 36.35
CA GLY B 239 -2.10 -15.61 36.99
C GLY B 239 -1.81 -16.99 36.45
N ASP B 240 -1.15 -17.11 35.31
CA ASP B 240 -0.90 -18.43 34.74
C ASP B 240 0.34 -19.09 35.34
N THR B 241 0.46 -20.39 35.13
CA THR B 241 1.62 -21.15 35.62
C THR B 241 2.40 -21.72 34.44
N ILE B 242 3.73 -21.72 34.57
CA ILE B 242 4.61 -22.40 33.62
C ILE B 242 5.33 -23.51 34.37
N ILE B 243 5.43 -24.68 33.75
CA ILE B 243 6.01 -25.88 34.36
C ILE B 243 7.12 -26.41 33.46
N PHE B 244 8.31 -26.56 34.01
CA PHE B 244 9.45 -27.15 33.33
C PHE B 244 9.66 -28.57 33.85
N GLU B 245 9.84 -29.50 32.92
CA GLU B 245 10.08 -30.91 33.26
C GLU B 245 11.21 -31.39 32.37
N ALA B 246 12.24 -31.96 32.97
CA ALA B 246 13.35 -32.47 32.18
C ALA B 246 14.08 -33.55 32.96
N ASN B 247 14.78 -34.41 32.21
CA ASN B 247 15.77 -35.30 32.81
C ASN B 247 17.14 -35.10 32.19
N GLY B 248 17.32 -33.98 31.49
CA GLY B 248 18.61 -33.63 30.94
C GLY B 248 18.48 -32.50 29.94
N ASN B 249 19.62 -31.87 29.62
CA ASN B 249 19.78 -30.96 28.48
C ASN B 249 19.05 -29.63 28.64
N LEU B 250 18.44 -29.36 29.77
CA LEU B 250 17.70 -28.12 29.93
C LEU B 250 18.64 -26.98 30.30
N ILE B 251 18.61 -25.90 29.51
CA ILE B 251 19.19 -24.64 29.95
C ILE B 251 18.06 -23.88 30.63
N ALA B 252 18.10 -23.86 31.96
CA ALA B 252 16.97 -23.45 32.79
C ALA B 252 16.86 -21.92 32.93
N PRO B 253 15.63 -21.42 33.04
CA PRO B 253 15.44 -20.01 33.42
C PRO B 253 16.10 -19.71 34.75
N TRP B 254 16.86 -18.63 34.78
CA TRP B 254 17.35 -18.07 36.03
C TRP B 254 16.67 -16.73 36.34
N TYR B 255 16.67 -15.81 35.40
CA TYR B 255 15.90 -14.57 35.51
C TYR B 255 14.85 -14.50 34.43
N ALA B 256 13.75 -13.87 34.76
CA ALA B 256 12.67 -13.59 33.83
C ALA B 256 12.35 -12.09 33.90
N PHE B 257 11.37 -11.67 33.11
CA PHE B 257 11.09 -10.25 32.96
C PHE B 257 9.58 -10.05 33.08
N ALA B 258 9.17 -9.26 34.06
CA ALA B 258 7.80 -8.82 34.13
C ALA B 258 7.68 -7.57 33.28
N LEU B 259 6.73 -7.56 32.36
CA LEU B 259 6.66 -6.42 31.46
C LEU B 259 5.21 -6.11 31.08
N SER B 260 5.01 -4.86 30.69
CA SER B 260 3.77 -4.43 30.07
C SER B 260 4.15 -3.89 28.71
N ARG B 261 3.61 -4.51 27.66
CA ARG B 261 3.87 -4.02 26.31
C ARG B 261 2.91 -2.90 25.98
N GLY B 262 3.36 -1.99 25.14
CA GLY B 262 2.48 -0.91 24.74
C GLY B 262 2.16 -0.98 23.27
N LEU B 263 1.84 0.17 22.68
CA LEU B 263 1.61 0.19 21.25
C LEU B 263 2.88 -0.22 20.53
N GLY B 264 2.71 -1.01 19.47
CA GLY B 264 3.82 -1.49 18.69
C GLY B 264 4.76 -0.42 18.17
N SER B 265 6.05 -0.61 18.41
CA SER B 265 7.09 0.27 17.93
C SER B 265 7.97 -0.54 16.97
N GLY B 266 9.29 -0.36 17.04
CA GLY B 266 10.18 -1.06 16.15
C GLY B 266 11.63 -0.84 16.55
N ILE B 267 12.54 -1.28 15.68
CA ILE B 267 13.97 -1.25 15.95
C ILE B 267 14.63 -0.25 15.00
N ILE B 268 15.47 0.62 15.53
CA ILE B 268 16.29 1.50 14.73
C ILE B 268 17.72 0.98 14.76
N THR B 269 18.32 0.83 13.60
CA THR B 269 19.74 0.55 13.49
C THR B 269 20.45 1.84 13.16
N SER B 270 21.33 2.29 14.06
CA SER B 270 21.92 3.62 13.96
C SER B 270 23.23 3.66 14.73
N ASN B 271 24.21 4.38 14.19
CA ASN B 271 25.40 4.72 14.95
C ASN B 271 25.30 6.10 15.56
N ALA B 272 24.12 6.70 15.53
CA ALA B 272 23.97 8.04 16.10
C ALA B 272 23.86 7.98 17.61
N SER B 273 24.35 9.01 18.25
CA SER B 273 24.27 9.04 19.70
C SER B 273 22.90 9.52 20.14
N MET B 274 22.54 9.16 21.37
CA MET B 274 21.27 9.62 21.92
C MET B 274 21.43 10.98 22.61
N ASP B 275 20.37 11.78 22.58
CA ASP B 275 20.39 13.10 23.19
C ASP B 275 19.09 13.31 23.97
N GLU B 276 19.11 14.31 24.86
CA GLU B 276 17.92 14.64 25.66
C GLU B 276 17.02 15.62 24.89
N CYS B 277 16.56 15.11 23.74
CA CYS B 277 15.67 15.78 22.80
C CYS B 277 14.38 14.98 22.73
N ASP B 278 13.31 15.64 22.34
CA ASP B 278 12.07 14.98 22.02
C ASP B 278 11.80 15.12 20.52
N THR B 279 10.99 14.22 20.00
CA THR B 279 10.69 14.24 18.59
C THR B 279 9.39 13.48 18.39
N LYS B 280 8.71 13.80 17.29
CA LYS B 280 7.61 12.97 16.86
C LYS B 280 8.03 11.96 15.79
N CYS B 281 9.24 12.04 15.29
CA CYS B 281 9.63 11.21 14.17
C CYS B 281 11.12 10.94 14.27
N GLN B 282 11.46 9.66 14.36
CA GLN B 282 12.84 9.21 14.47
C GLN B 282 13.20 8.48 13.18
N THR B 283 14.36 8.78 12.66
CA THR B 283 14.94 8.25 11.44
C THR B 283 16.26 7.60 11.82
N PRO B 284 16.78 6.65 11.01
CA PRO B 284 18.04 5.99 11.44
C PRO B 284 19.22 6.97 11.58
N GLN B 285 19.31 7.99 10.74
CA GLN B 285 20.40 8.94 10.89
C GLN B 285 20.13 10.03 11.92
N GLY B 286 18.90 10.25 12.32
CA GLY B 286 18.61 11.29 13.29
C GLY B 286 17.14 11.65 13.29
N ALA B 287 16.77 12.47 14.27
CA ALA B 287 15.38 12.91 14.33
C ALA B 287 15.13 13.99 13.27
N ILE B 288 13.87 14.08 12.83
CA ILE B 288 13.45 15.10 11.88
C ILE B 288 12.18 15.76 12.41
N ASN B 289 12.01 17.04 12.05
CA ASN B 289 10.76 17.74 12.31
C ASN B 289 9.61 17.13 11.54
N SER B 290 8.40 17.22 12.13
CA SER B 290 7.18 16.74 11.48
C SER B 290 6.28 17.89 11.03
N SER B 291 6.84 19.08 10.82
CA SER B 291 5.98 20.19 10.44
C SER B 291 5.66 20.15 8.94
N LEU B 292 6.63 19.78 8.11
CA LEU B 292 6.40 19.68 6.67
C LEU B 292 5.74 18.35 6.29
N PRO B 293 5.05 18.31 5.15
CA PRO B 293 4.35 17.07 4.78
C PRO B 293 5.23 15.99 4.15
N PHE B 294 6.45 16.33 3.72
CA PHE B 294 7.30 15.40 3.00
C PHE B 294 8.71 15.46 3.57
N GLN B 295 9.41 14.32 3.47
CA GLN B 295 10.82 14.24 3.89
C GLN B 295 11.55 13.28 2.96
N ASN B 296 12.84 13.51 2.79
CA ASN B 296 13.62 12.67 1.89
C ASN B 296 14.84 12.13 2.60
N ILE B 297 14.75 12.02 3.93
CA ILE B 297 15.88 11.58 4.74
C ILE B 297 16.01 10.06 4.73
N HIS B 298 14.93 9.36 5.05
CA HIS B 298 14.99 7.91 5.08
C HIS B 298 13.59 7.33 4.96
N PRO B 299 13.39 6.25 4.20
CA PRO B 299 12.06 5.65 4.14
C PRO B 299 11.63 4.92 5.41
N VAL B 300 12.58 4.45 6.23
CA VAL B 300 12.26 3.63 7.38
C VAL B 300 12.30 4.52 8.63
N THR B 301 11.13 4.91 9.11
CA THR B 301 11.05 5.85 10.23
C THR B 301 10.15 5.26 11.31
N ILE B 302 10.20 5.89 12.48
CA ILE B 302 9.30 5.55 13.58
C ILE B 302 8.64 6.83 14.11
N GLY B 303 7.31 6.81 14.19
CA GLY B 303 6.55 7.92 14.73
C GLY B 303 5.49 8.49 13.80
N GLU B 304 5.06 9.71 14.09
CA GLU B 304 4.22 10.51 13.20
C GLU B 304 5.15 11.30 12.32
N CYS B 305 5.29 10.88 11.07
CA CYS B 305 6.39 11.31 10.21
C CYS B 305 5.89 11.95 8.93
N PRO B 306 6.61 12.91 8.36
CA PRO B 306 6.30 13.33 6.99
C PRO B 306 6.41 12.14 6.07
N LYS B 307 5.67 12.18 4.96
CA LYS B 307 5.70 11.09 4.01
C LYS B 307 7.04 11.10 3.28
N TYR B 308 7.59 9.91 3.05
CA TYR B 308 8.88 9.78 2.41
C TYR B 308 8.74 9.95 0.90
N VAL B 309 9.62 10.74 0.31
CA VAL B 309 9.58 10.96 -1.14
C VAL B 309 11.00 10.89 -1.68
N LYS B 310 11.11 10.54 -2.96
CA LYS B 310 12.43 10.55 -3.60
C LYS B 310 12.81 11.93 -4.15
N SER B 311 11.95 12.92 -3.94
CA SER B 311 12.22 14.27 -4.44
C SER B 311 13.44 14.87 -3.77
N THR B 312 14.16 15.68 -4.53
CA THR B 312 15.29 16.39 -3.99
C THR B 312 14.98 17.85 -3.67
N LYS B 313 13.84 18.38 -4.15
CA LYS B 313 13.45 19.78 -3.97
C LYS B 313 11.93 19.89 -4.09
N LEU B 314 11.28 20.50 -3.10
CA LEU B 314 9.84 20.77 -3.19
C LEU B 314 9.61 22.21 -2.71
N ARG B 315 9.82 23.15 -3.61
CA ARG B 315 9.72 24.56 -3.28
C ARG B 315 8.42 25.11 -3.84
N MET B 316 7.62 25.70 -2.96
CA MET B 316 6.31 26.24 -3.29
C MET B 316 6.43 27.77 -3.41
N VAL B 317 6.03 28.33 -4.56
CA VAL B 317 6.09 29.79 -4.69
C VAL B 317 4.98 30.40 -3.85
N THR B 318 5.34 31.43 -3.07
CA THR B 318 4.37 32.27 -2.37
C THR B 318 4.29 33.68 -2.92
N GLY B 319 5.38 34.20 -3.49
CA GLY B 319 5.45 35.52 -4.09
C GLY B 319 5.24 35.51 -5.59
N LEU B 320 5.94 36.40 -6.27
CA LEU B 320 5.74 36.61 -7.71
C LEU B 320 7.00 36.22 -8.46
N ARG B 321 6.87 36.14 -9.79
CA ARG B 321 8.06 36.20 -10.63
C ARG B 321 8.88 37.41 -10.21
N ASN B 322 10.19 37.21 -10.06
CA ASN B 322 11.08 38.31 -9.74
C ASN B 322 11.68 38.80 -11.05
N ILE B 323 11.27 39.99 -11.46
CA ILE B 323 11.72 40.65 -12.70
C ILE B 323 12.18 42.05 -12.34
N PRO B 324 13.36 42.21 -11.74
CA PRO B 324 13.76 43.57 -11.40
C PRO B 324 14.27 44.32 -12.63
N GLY B 330 1.98 34.92 -19.14
CA GLY B 330 1.06 35.08 -18.03
C GLY B 330 -0.37 34.76 -18.43
N LEU B 331 -1.12 34.14 -17.54
CA LEU B 331 -2.48 33.72 -17.89
C LEU B 331 -3.43 34.90 -18.02
N PHE B 332 -3.21 35.98 -17.27
CA PHE B 332 -4.12 37.12 -17.29
C PHE B 332 -3.55 38.34 -17.99
N GLY B 333 -2.32 38.27 -18.50
CA GLY B 333 -1.79 39.23 -19.43
C GLY B 333 -1.08 40.42 -18.84
N ALA B 334 -1.14 40.61 -17.52
CA ALA B 334 -0.54 41.78 -16.89
C ALA B 334 0.91 41.51 -16.52
N ILE B 335 1.14 40.68 -15.48
CA ILE B 335 2.52 40.38 -15.09
C ILE B 335 3.23 39.71 -16.25
N ALA B 336 4.41 40.23 -16.58
CA ALA B 336 5.22 39.80 -17.72
C ALA B 336 4.46 39.90 -19.02
N GLY B 337 3.44 40.76 -19.04
CA GLY B 337 2.66 41.07 -20.21
C GLY B 337 2.80 42.55 -20.52
N PHE B 338 1.76 43.34 -20.32
CA PHE B 338 1.92 44.75 -20.62
C PHE B 338 2.58 45.51 -19.47
N ILE B 339 2.52 45.02 -18.25
CA ILE B 339 3.36 45.51 -17.16
C ILE B 339 4.51 44.50 -17.10
N GLU B 340 5.58 44.80 -17.80
CA GLU B 340 6.57 43.77 -18.07
C GLU B 340 7.63 43.62 -16.98
N GLY B 341 7.70 44.52 -16.01
CA GLY B 341 8.76 44.44 -15.01
C GLY B 341 8.28 44.80 -13.61
N GLY B 342 9.01 44.24 -12.63
CA GLY B 342 8.77 44.53 -11.23
C GLY B 342 9.50 45.78 -10.77
N TRP B 343 9.11 46.24 -9.59
CA TRP B 343 9.64 47.45 -9.00
C TRP B 343 10.45 47.10 -7.76
N THR B 344 11.77 47.20 -7.86
CA THR B 344 12.58 47.15 -6.65
C THR B 344 12.18 48.23 -5.67
N GLY B 345 11.69 49.37 -6.18
CA GLY B 345 11.39 50.51 -5.31
C GLY B 345 10.23 50.28 -4.37
N MET B 346 9.20 49.57 -4.83
CA MET B 346 8.07 49.25 -3.96
C MET B 346 8.49 48.10 -3.05
N MET B 347 8.74 48.38 -1.78
CA MET B 347 9.31 47.39 -0.88
C MET B 347 8.42 47.08 0.31
N ASP B 348 7.14 47.47 0.26
CA ASP B 348 6.24 47.25 1.39
C ASP B 348 4.95 46.59 0.94
N GLY B 349 4.97 45.92 -0.20
CA GLY B 349 3.79 45.24 -0.68
C GLY B 349 4.08 44.56 -1.99
N TRP B 350 3.17 43.66 -2.36
CA TRP B 350 3.30 42.89 -3.58
C TRP B 350 2.81 43.68 -4.79
N TYR B 351 1.74 44.47 -4.63
CA TYR B 351 1.12 45.23 -5.70
C TYR B 351 0.99 46.69 -5.28
N GLY B 352 1.04 47.60 -6.26
CA GLY B 352 0.89 48.99 -5.92
C GLY B 352 1.07 49.93 -7.09
N TYR B 353 1.37 51.18 -6.74
CA TYR B 353 1.35 52.29 -7.68
C TYR B 353 2.67 53.04 -7.67
N HIS B 354 2.96 53.66 -8.81
CA HIS B 354 3.96 54.72 -8.89
C HIS B 354 3.26 55.97 -9.40
N HIS B 355 3.38 57.05 -8.67
CA HIS B 355 2.79 58.34 -9.06
C HIS B 355 3.89 59.34 -9.38
N GLN B 356 3.60 60.22 -10.34
CA GLN B 356 4.48 61.35 -10.65
C GLN B 356 3.62 62.56 -10.99
N ASN B 357 3.66 63.59 -10.12
CA ASN B 357 3.00 64.88 -10.37
C ASN B 357 3.92 66.00 -9.88
N GLU B 358 3.42 67.24 -9.95
CA GLU B 358 4.27 68.39 -9.67
C GLU B 358 4.79 68.41 -8.23
N GLN B 359 4.10 67.77 -7.30
CA GLN B 359 4.53 67.77 -5.91
C GLN B 359 5.57 66.69 -5.58
N GLY B 360 5.76 65.69 -6.43
CA GLY B 360 6.75 64.67 -6.14
C GLY B 360 6.36 63.33 -6.75
N SER B 361 7.24 62.34 -6.50
CA SER B 361 7.11 61.00 -7.05
C SER B 361 7.45 59.97 -5.99
N GLY B 362 7.17 58.71 -6.30
CA GLY B 362 7.46 57.65 -5.36
C GLY B 362 6.46 56.53 -5.46
N TYR B 363 6.81 55.42 -4.84
CA TYR B 363 6.02 54.21 -4.85
C TYR B 363 5.14 54.11 -3.61
N ALA B 364 4.07 53.35 -3.74
CA ALA B 364 3.21 53.07 -2.61
C ALA B 364 2.53 51.74 -2.87
N ALA B 365 2.48 50.89 -1.86
CA ALA B 365 1.82 49.61 -2.01
C ALA B 365 0.32 49.80 -1.79
N ASP B 366 -0.48 49.06 -2.54
CA ASP B 366 -1.92 48.99 -2.30
C ASP B 366 -2.14 47.96 -1.21
N GLN B 367 -2.50 48.43 -0.02
CA GLN B 367 -2.55 47.55 1.14
C GLN B 367 -3.68 46.55 1.06
N LYS B 368 -4.85 46.98 0.57
CA LYS B 368 -6.01 46.10 0.58
C LYS B 368 -5.74 44.84 -0.24
N SER B 369 -5.38 45.01 -1.51
CA SER B 369 -5.18 43.86 -2.39
C SER B 369 -3.96 43.04 -1.97
N THR B 370 -2.91 43.69 -1.46
CA THR B 370 -1.73 42.98 -0.98
C THR B 370 -2.05 42.12 0.23
N GLN B 371 -2.77 42.67 1.20
CA GLN B 371 -3.11 41.89 2.38
C GLN B 371 -4.06 40.74 2.01
N ASN B 372 -4.99 40.98 1.09
CA ASN B 372 -5.84 39.89 0.61
C ASN B 372 -5.02 38.75 0.04
N ALA B 373 -4.03 39.08 -0.80
CA ALA B 373 -3.24 38.04 -1.43
C ALA B 373 -2.37 37.31 -0.41
N ILE B 374 -1.78 38.04 0.53
CA ILE B 374 -0.96 37.41 1.57
C ILE B 374 -1.80 36.43 2.38
N ASN B 375 -3.05 36.79 2.67
CA ASN B 375 -3.93 35.92 3.44
C ASN B 375 -4.31 34.67 2.66
N GLY B 376 -4.51 34.79 1.35
CA GLY B 376 -4.87 33.62 0.57
C GLY B 376 -3.69 32.68 0.38
N ILE B 377 -2.51 33.21 0.09
CA ILE B 377 -1.32 32.38 -0.08
C ILE B 377 -0.94 31.71 1.24
N THR B 378 -1.12 32.43 2.34
CA THR B 378 -0.90 31.87 3.67
C THR B 378 -1.85 30.71 3.93
N ASN B 379 -3.14 30.89 3.61
CA ASN B 379 -4.12 29.82 3.75
C ASN B 379 -3.83 28.65 2.82
N LYS B 380 -3.27 28.92 1.64
CA LYS B 380 -2.99 27.86 0.69
C LYS B 380 -1.83 27.00 1.16
N VAL B 381 -0.75 27.64 1.60
CA VAL B 381 0.39 26.91 2.15
C VAL B 381 -0.03 26.10 3.37
N ASN B 382 -0.83 26.70 4.25
CA ASN B 382 -1.25 25.98 5.45
C ASN B 382 -2.13 24.77 5.12
N SER B 383 -2.91 24.84 4.03
CA SER B 383 -3.71 23.68 3.67
C SER B 383 -2.84 22.55 3.14
N VAL B 384 -1.84 22.88 2.31
CA VAL B 384 -0.94 21.86 1.78
C VAL B 384 -0.22 21.15 2.91
N ILE B 385 0.07 21.88 3.99
CA ILE B 385 0.87 21.36 5.08
C ILE B 385 0.00 20.58 6.06
N GLU B 386 -1.08 21.20 6.52
CA GLU B 386 -1.84 20.70 7.65
C GLU B 386 -2.90 19.67 7.29
N LYS B 387 -3.25 19.51 6.02
CA LYS B 387 -4.15 18.42 5.64
C LYS B 387 -3.47 17.04 5.72
N MET B 388 -2.17 17.01 5.93
CA MET B 388 -1.41 15.76 5.95
C MET B 388 -1.67 15.03 7.26
N ASN B 389 -2.49 13.98 7.19
CA ASN B 389 -2.66 13.03 8.27
C ASN B 389 -1.48 12.05 8.29
N THR B 390 -0.82 11.92 9.43
CA THR B 390 0.27 10.95 9.57
C THR B 390 0.00 10.08 10.79
N GLN B 391 -0.36 8.83 10.55
CA GLN B 391 -0.54 7.92 11.66
C GLN B 391 0.81 7.58 12.28
N PHE B 392 0.81 7.40 13.60
CA PHE B 392 1.99 6.82 14.24
C PHE B 392 2.25 5.43 13.66
N THR B 393 3.44 5.25 13.08
CA THR B 393 3.82 4.02 12.41
C THR B 393 5.28 3.70 12.66
N ALA B 394 5.61 2.42 12.65
CA ALA B 394 6.99 1.96 12.65
C ALA B 394 7.15 1.19 11.34
N VAL B 395 7.85 1.80 10.39
CA VAL B 395 7.88 1.30 9.03
C VAL B 395 8.66 0.00 8.95
N GLY B 396 9.67 -0.16 9.79
CA GLY B 396 10.62 -1.24 9.60
C GLY B 396 10.00 -2.58 9.94
N LYS B 397 10.47 -3.61 9.23
CA LYS B 397 10.02 -4.98 9.39
C LYS B 397 11.23 -5.87 9.22
N GLU B 398 11.39 -6.83 10.13
CA GLU B 398 12.49 -7.77 10.06
C GLU B 398 11.92 -9.13 9.73
N PHE B 399 12.50 -9.78 8.73
CA PHE B 399 12.07 -11.11 8.28
C PHE B 399 13.29 -12.01 8.20
N ASN B 400 13.10 -13.30 8.53
CA ASN B 400 14.24 -14.22 8.56
C ASN B 400 14.47 -14.90 7.21
N LYS B 401 15.48 -15.78 7.18
CA LYS B 401 15.96 -16.34 5.92
C LYS B 401 14.89 -17.13 5.18
N LEU B 402 13.84 -17.57 5.86
CA LEU B 402 12.72 -18.25 5.23
C LEU B 402 11.47 -17.37 5.10
N GLU B 403 11.63 -16.06 5.12
CA GLU B 403 10.50 -15.16 4.99
C GLU B 403 10.75 -14.15 3.88
N LYS B 404 11.47 -14.58 2.84
CA LYS B 404 11.85 -13.71 1.74
C LYS B 404 10.63 -13.12 1.02
N ARG B 405 9.59 -13.93 0.79
CA ARG B 405 8.37 -13.43 0.16
C ARG B 405 7.73 -12.33 1.02
N MET B 406 7.69 -12.52 2.33
CA MET B 406 7.19 -11.50 3.23
C MET B 406 8.04 -10.24 3.14
N GLU B 407 9.36 -10.40 3.05
CA GLU B 407 10.28 -9.27 2.96
C GLU B 407 10.01 -8.46 1.69
N ASN B 408 9.71 -9.15 0.60
CA ASN B 408 9.45 -8.47 -0.66
C ASN B 408 8.07 -7.84 -0.71
N LEU B 409 7.10 -8.42 0.00
CA LEU B 409 5.79 -7.80 0.14
C LEU B 409 5.88 -6.50 0.92
N ASN B 410 6.65 -6.52 2.01
CA ASN B 410 6.90 -5.32 2.76
C ASN B 410 7.62 -4.27 1.92
N LYS B 411 8.56 -4.69 1.09
CA LYS B 411 9.25 -3.77 0.21
C LYS B 411 8.32 -3.24 -0.88
N LYS B 412 7.38 -4.06 -1.36
CA LYS B 412 6.42 -3.56 -2.34
C LYS B 412 5.49 -2.52 -1.72
N VAL B 413 5.19 -2.65 -0.44
CA VAL B 413 4.31 -1.68 0.23
C VAL B 413 5.03 -0.35 0.40
N ASP B 414 6.22 -0.37 0.96
CA ASP B 414 6.98 0.85 1.16
C ASP B 414 7.26 1.54 -0.17
N ASP B 415 7.61 0.76 -1.21
CA ASP B 415 7.95 1.30 -2.52
C ASP B 415 6.73 1.81 -3.27
N GLY B 416 5.57 1.22 -3.03
CA GLY B 416 4.36 1.71 -3.67
C GLY B 416 3.96 3.05 -3.08
N PHE B 417 4.05 3.18 -1.76
CA PHE B 417 3.78 4.44 -1.08
C PHE B 417 4.79 5.50 -1.48
N LEU B 418 6.05 5.12 -1.67
CA LEU B 418 7.04 6.07 -2.14
C LEU B 418 6.70 6.58 -3.52
N ASP B 419 6.23 5.68 -4.42
CA ASP B 419 5.90 6.07 -5.79
C ASP B 419 4.69 6.98 -5.84
N ILE B 420 3.67 6.66 -5.04
CA ILE B 420 2.47 7.48 -5.00
C ILE B 420 2.79 8.86 -4.44
N TRP B 421 3.52 8.92 -3.33
CA TRP B 421 3.75 10.20 -2.68
C TRP B 421 4.72 11.08 -3.47
N THR B 422 5.71 10.50 -4.10
CA THR B 422 6.64 11.29 -4.89
C THR B 422 5.95 11.89 -6.10
N TYR B 423 5.20 11.08 -6.82
CA TYR B 423 4.45 11.58 -7.96
C TYR B 423 3.51 12.69 -7.54
N ASN B 424 2.71 12.44 -6.49
CA ASN B 424 1.71 13.41 -6.06
C ASN B 424 2.35 14.68 -5.52
N ALA B 425 3.48 14.56 -4.83
CA ALA B 425 4.13 15.76 -4.31
C ALA B 425 4.68 16.62 -5.46
N GLU B 426 5.43 16.00 -6.37
CA GLU B 426 6.03 16.74 -7.48
C GLU B 426 4.98 17.47 -8.29
N LEU B 427 3.89 16.77 -8.66
CA LEU B 427 2.91 17.40 -9.53
C LEU B 427 2.09 18.44 -8.78
N LEU B 428 1.80 18.21 -7.49
CA LEU B 428 1.10 19.21 -6.72
C LEU B 428 1.86 20.54 -6.69
N VAL B 429 3.18 20.48 -6.49
CA VAL B 429 3.98 21.70 -6.43
C VAL B 429 4.10 22.32 -7.82
N LEU B 430 4.27 21.48 -8.84
CA LEU B 430 4.31 21.99 -10.21
C LEU B 430 3.02 22.71 -10.56
N LEU B 431 1.88 22.15 -10.16
CA LEU B 431 0.60 22.69 -10.62
C LEU B 431 0.15 23.87 -9.78
N GLU B 432 0.37 23.81 -8.47
CA GLU B 432 -0.04 24.88 -7.59
C GLU B 432 0.91 26.07 -7.68
N ASN B 433 2.17 25.84 -8.07
CA ASN B 433 3.04 26.96 -8.40
C ASN B 433 2.50 27.73 -9.60
N GLU B 434 2.00 27.00 -10.60
CA GLU B 434 1.37 27.68 -11.72
C GLU B 434 0.15 28.49 -11.25
N ARG B 435 -0.68 27.87 -10.41
CA ARG B 435 -1.90 28.54 -9.96
C ARG B 435 -1.62 29.79 -9.16
N THR B 436 -0.57 29.76 -8.34
CA THR B 436 -0.21 30.92 -7.53
C THR B 436 0.23 32.08 -8.40
N LEU B 437 1.00 31.78 -9.45
CA LEU B 437 1.43 32.84 -10.38
C LEU B 437 0.25 33.39 -11.16
N ASP B 438 -0.66 32.53 -11.63
CA ASP B 438 -1.88 33.02 -12.26
C ASP B 438 -2.64 33.95 -11.30
N PHE B 439 -2.61 33.63 -10.01
CA PHE B 439 -3.34 34.41 -9.01
C PHE B 439 -2.76 35.80 -8.85
N HIS B 440 -1.42 35.89 -8.79
CA HIS B 440 -0.78 37.20 -8.71
C HIS B 440 -1.03 37.99 -9.98
N ASP B 441 -0.86 37.34 -11.14
CA ASP B 441 -1.15 37.99 -12.42
C ASP B 441 -2.56 38.52 -12.45
N SER B 442 -3.50 37.81 -11.85
CA SER B 442 -4.89 38.22 -11.90
C SER B 442 -5.16 39.30 -10.86
N ASN B 443 -4.37 39.38 -9.80
CA ASN B 443 -4.56 40.47 -8.84
C ASN B 443 -4.08 41.78 -9.43
N VAL B 444 -3.04 41.75 -10.28
CA VAL B 444 -2.53 42.97 -10.87
C VAL B 444 -3.44 43.45 -11.99
N LYS B 445 -4.02 42.52 -12.76
CA LYS B 445 -5.00 42.90 -13.75
C LYS B 445 -6.20 43.59 -13.12
N ASN B 446 -6.67 43.07 -11.99
CA ASN B 446 -7.85 43.64 -11.36
C ASN B 446 -7.54 44.98 -10.71
N LEU B 447 -6.34 45.19 -10.20
CA LEU B 447 -5.97 46.50 -9.70
C LEU B 447 -5.90 47.52 -10.84
N TYR B 448 -5.23 47.13 -11.94
CA TYR B 448 -5.15 47.97 -13.12
C TYR B 448 -6.54 48.30 -13.65
N GLU B 449 -7.41 47.29 -13.80
CA GLU B 449 -8.73 47.54 -14.34
C GLU B 449 -9.57 48.37 -13.37
N LYS B 450 -9.34 48.21 -12.07
CA LYS B 450 -10.03 49.03 -11.07
C LYS B 450 -9.69 50.52 -11.27
N VAL B 451 -8.42 50.82 -11.53
CA VAL B 451 -8.03 52.20 -11.78
C VAL B 451 -8.57 52.67 -13.12
N LYS B 452 -8.52 51.81 -14.14
CA LYS B 452 -9.05 52.21 -15.44
C LYS B 452 -10.53 52.56 -15.37
N ASN B 453 -11.31 51.80 -14.61
CA ASN B 453 -12.74 52.13 -14.45
C ASN B 453 -12.94 53.46 -13.74
N GLN B 454 -12.06 53.79 -12.80
CA GLN B 454 -12.19 55.03 -12.05
C GLN B 454 -11.93 56.26 -12.92
N LEU B 455 -10.91 56.19 -13.75
CA LEU B 455 -10.37 57.30 -14.55
C LEU B 455 -10.87 57.25 -15.99
N ARG B 456 -12.18 57.07 -16.18
CA ARG B 456 -12.74 56.63 -17.46
C ARG B 456 -12.10 57.33 -18.66
N ASN B 457 -12.36 58.62 -18.84
CA ASN B 457 -11.80 59.35 -19.96
C ASN B 457 -10.77 60.39 -19.54
N ASN B 458 -10.64 60.66 -18.24
CA ASN B 458 -9.77 61.72 -17.75
C ASN B 458 -8.28 61.42 -17.94
N ALA B 459 -7.92 60.25 -18.46
CA ALA B 459 -6.53 59.87 -18.63
C ALA B 459 -6.41 58.99 -19.87
N LYS B 460 -5.19 58.97 -20.43
CA LYS B 460 -4.84 58.12 -21.58
C LYS B 460 -4.20 56.82 -21.10
N GLU B 461 -4.66 55.69 -21.63
CA GLU B 461 -4.02 54.41 -21.37
C GLU B 461 -2.77 54.30 -22.24
N LEU B 462 -1.60 54.26 -21.60
CA LEU B 462 -0.34 54.13 -22.34
C LEU B 462 -0.05 52.69 -22.75
N GLY B 463 -0.71 51.69 -22.15
CA GLY B 463 -0.51 50.32 -22.53
C GLY B 463 0.57 49.58 -21.79
N ASN B 464 1.18 50.19 -20.77
CA ASN B 464 2.24 49.58 -19.98
C ASN B 464 1.92 49.55 -18.49
N GLY B 465 0.65 49.65 -18.12
CA GLY B 465 0.28 49.85 -16.73
C GLY B 465 0.24 51.29 -16.24
N CYS B 466 0.40 52.28 -17.12
CA CYS B 466 0.45 53.66 -16.67
C CYS B 466 -0.68 54.47 -17.31
N PHE B 467 -1.18 55.42 -16.53
CA PHE B 467 -2.26 56.28 -16.96
C PHE B 467 -1.73 57.70 -16.99
N GLU B 468 -1.83 58.34 -18.15
CA GLU B 468 -1.41 59.73 -18.30
C GLU B 468 -2.62 60.63 -18.07
N PHE B 469 -2.60 61.38 -16.98
CA PHE B 469 -3.70 62.26 -16.65
C PHE B 469 -3.78 63.42 -17.62
N TYR B 470 -4.99 63.76 -18.05
CA TYR B 470 -5.15 65.00 -18.81
C TYR B 470 -5.14 66.19 -17.86
N HIS B 471 -6.05 66.22 -16.90
CA HIS B 471 -6.04 67.23 -15.86
C HIS B 471 -4.90 67.03 -14.86
N LYS B 472 -4.47 68.13 -14.27
CA LYS B 472 -3.47 68.09 -13.19
C LYS B 472 -4.03 67.38 -11.96
N CYS B 473 -3.28 66.39 -11.45
CA CYS B 473 -3.72 65.57 -10.33
C CYS B 473 -2.77 65.76 -9.15
N ASP B 474 -3.28 66.21 -7.99
CA ASP B 474 -2.40 66.57 -6.89
C ASP B 474 -2.21 65.35 -5.98
N ASN B 475 -1.80 65.57 -4.71
CA ASN B 475 -1.62 64.45 -3.79
C ASN B 475 -2.90 64.06 -3.10
N GLU B 476 -3.95 64.85 -3.25
CA GLU B 476 -5.24 64.47 -2.73
C GLU B 476 -5.99 63.71 -3.80
N CYS B 477 -5.73 64.07 -5.05
CA CYS B 477 -6.28 63.38 -6.20
C CYS B 477 -5.63 62.01 -6.39
N MET B 478 -4.31 61.91 -6.17
CA MET B 478 -3.60 60.64 -6.33
C MET B 478 -4.01 59.67 -5.23
N GLU B 479 -4.07 60.18 -3.99
CA GLU B 479 -4.57 59.41 -2.87
C GLU B 479 -6.02 59.02 -3.11
N SER B 480 -6.78 59.86 -3.84
CA SER B 480 -8.16 59.51 -4.16
C SER B 480 -8.25 58.36 -5.15
N VAL B 481 -7.30 58.26 -6.08
CA VAL B 481 -7.33 57.16 -7.03
C VAL B 481 -6.89 55.87 -6.35
N LYS B 482 -5.87 55.95 -5.50
CA LYS B 482 -5.35 54.78 -4.81
C LYS B 482 -6.30 54.25 -3.75
N ASN B 483 -7.14 55.10 -3.15
CA ASN B 483 -8.13 54.61 -2.21
C ASN B 483 -9.50 54.41 -2.85
N GLY B 484 -9.58 54.45 -4.18
CA GLY B 484 -10.80 54.17 -4.92
C GLY B 484 -11.94 55.14 -4.69
N THR B 485 -11.62 56.39 -4.36
CA THR B 485 -12.65 57.41 -4.29
C THR B 485 -12.29 58.54 -5.24
N TYR B 486 -12.07 58.22 -6.51
CA TYR B 486 -11.70 59.22 -7.50
C TYR B 486 -12.93 60.00 -7.93
N ASP B 487 -12.88 61.32 -7.76
CA ASP B 487 -13.98 62.19 -8.14
C ASP B 487 -13.94 62.37 -9.64
N TYR B 488 -14.60 61.48 -10.36
CA TYR B 488 -14.58 61.55 -11.82
C TYR B 488 -15.30 62.78 -12.36
N PRO B 489 -16.55 63.09 -11.97
CA PRO B 489 -17.25 64.21 -12.63
C PRO B 489 -16.51 65.54 -12.53
N LYS B 490 -15.91 65.82 -11.36
CA LYS B 490 -15.09 67.00 -11.08
C LYS B 490 -14.15 67.39 -12.22
N TYR B 491 -13.64 66.39 -12.94
CA TYR B 491 -12.62 66.63 -13.95
C TYR B 491 -13.11 66.39 -15.37
N SER B 492 -14.32 65.90 -15.57
CA SER B 492 -14.90 65.77 -16.90
C SER B 492 -15.61 67.07 -17.30
N SER C 2 -33.79 57.36 -17.53
CA SER C 2 -33.10 56.55 -18.53
C SER C 2 -33.33 55.06 -18.28
N ASP C 3 -33.10 54.23 -19.30
CA ASP C 3 -33.37 52.81 -19.23
C ASP C 3 -32.08 52.06 -18.95
N THR C 4 -32.19 50.96 -18.19
CA THR C 4 -31.03 50.28 -17.65
C THR C 4 -31.17 48.78 -17.79
N ILE C 5 -30.04 48.12 -18.11
CA ILE C 5 -29.89 46.66 -18.13
C ILE C 5 -28.71 46.30 -17.23
N CYS C 6 -28.94 45.39 -16.27
CA CYS C 6 -27.89 44.99 -15.33
C CYS C 6 -27.59 43.50 -15.43
N ILE C 7 -26.30 43.14 -15.29
CA ILE C 7 -25.87 41.75 -15.19
C ILE C 7 -25.57 41.47 -13.74
N GLY C 8 -25.98 40.28 -13.28
CA GLY C 8 -25.83 39.88 -11.90
C GLY C 8 -25.93 38.38 -11.78
N TYR C 9 -25.84 37.92 -10.54
CA TYR C 9 -25.78 36.51 -10.22
C TYR C 9 -26.74 36.19 -9.07
N HIS C 10 -26.91 34.89 -8.84
CA HIS C 10 -27.91 34.38 -7.92
C HIS C 10 -27.49 34.59 -6.46
N ALA C 11 -28.50 34.77 -5.62
CA ALA C 11 -28.34 34.75 -4.16
C ALA C 11 -29.57 34.05 -3.58
N ASN C 12 -29.39 33.36 -2.46
CA ASN C 12 -30.52 32.71 -1.81
C ASN C 12 -30.28 32.70 -0.31
N ASN C 13 -31.13 31.97 0.42
CA ASN C 13 -31.05 31.90 1.87
C ASN C 13 -30.15 30.79 2.38
N SER C 14 -29.31 30.19 1.53
CA SER C 14 -28.50 29.04 1.94
C SER C 14 -27.40 29.43 2.91
N THR C 15 -27.14 28.55 3.87
CA THR C 15 -26.08 28.74 4.85
C THR C 15 -24.97 27.70 4.73
N ASP C 16 -25.05 26.82 3.73
CA ASP C 16 -23.98 25.87 3.49
C ASP C 16 -22.64 26.60 3.36
N THR C 17 -21.61 26.02 3.95
CA THR C 17 -20.25 26.54 3.83
C THR C 17 -19.33 25.48 3.25
N VAL C 18 -18.37 25.92 2.44
CA VAL C 18 -17.29 25.06 1.97
C VAL C 18 -15.97 25.77 2.28
N ASP C 19 -14.90 25.00 2.24
CA ASP C 19 -13.55 25.54 2.32
C ASP C 19 -12.96 25.56 0.93
N THR C 20 -12.08 26.53 0.69
CA THR C 20 -11.35 26.66 -0.56
C THR C 20 -9.87 26.80 -0.22
N VAL C 21 -9.02 26.67 -1.24
CA VAL C 21 -7.60 26.73 -0.99
C VAL C 21 -7.19 28.11 -0.50
N LEU C 22 -7.91 29.15 -0.92
CA LEU C 22 -7.54 30.50 -0.51
C LEU C 22 -8.32 30.99 0.70
N GLU C 23 -9.49 30.44 0.94
CA GLU C 23 -10.37 31.02 1.94
C GLU C 23 -11.16 29.90 2.60
N LYS C 24 -11.20 29.93 3.93
CA LYS C 24 -12.01 28.99 4.69
C LYS C 24 -13.42 29.52 4.86
N ASN C 25 -14.37 28.57 5.03
CA ASN C 25 -15.71 28.84 5.53
C ASN C 25 -16.46 29.87 4.66
N VAL C 26 -16.65 29.50 3.40
CA VAL C 26 -17.30 30.38 2.43
C VAL C 26 -18.76 29.95 2.28
N THR C 27 -19.69 30.87 2.54
CA THR C 27 -21.10 30.56 2.37
C THR C 27 -21.46 30.51 0.90
N VAL C 28 -22.07 29.39 0.47
CA VAL C 28 -22.33 29.16 -0.95
C VAL C 28 -23.81 28.81 -1.15
N THR C 29 -24.27 29.00 -2.39
CA THR C 29 -25.69 28.85 -2.70
C THR C 29 -26.10 27.40 -2.86
N HIS C 30 -25.23 26.56 -3.43
CA HIS C 30 -25.53 25.15 -3.63
C HIS C 30 -24.27 24.31 -3.43
N SER C 31 -24.43 23.12 -2.86
CA SER C 31 -23.27 22.27 -2.62
C SER C 31 -23.70 20.80 -2.50
N VAL C 32 -22.72 19.91 -2.66
CA VAL C 32 -22.95 18.47 -2.54
C VAL C 32 -21.95 17.89 -1.55
N ASN C 33 -22.43 16.97 -0.73
CA ASN C 33 -21.59 16.28 0.24
C ASN C 33 -20.96 15.07 -0.43
N LEU C 34 -19.67 14.89 -0.25
CA LEU C 34 -18.96 13.73 -0.80
C LEU C 34 -18.59 12.69 0.25
N LEU C 35 -18.96 12.91 1.52
CA LEU C 35 -18.45 12.13 2.64
C LEU C 35 -19.61 11.42 3.34
N GLU C 36 -19.64 10.09 3.26
CA GLU C 36 -20.59 9.33 4.03
C GLU C 36 -20.16 9.28 5.49
N ASP C 37 -20.98 9.86 6.38
CA ASP C 37 -20.60 9.97 7.78
C ASP C 37 -21.69 9.43 8.70
N SER C 38 -22.64 8.69 8.17
CA SER C 38 -23.70 8.09 8.97
C SER C 38 -23.88 6.62 8.60
N HIS C 39 -24.32 5.82 9.57
CA HIS C 39 -24.63 4.41 9.36
C HIS C 39 -25.95 4.10 10.05
N ASN C 40 -26.55 2.96 9.67
CA ASN C 40 -27.90 2.61 10.14
C ASN C 40 -27.93 1.80 11.44
N GLY C 41 -26.78 1.43 12.00
CA GLY C 41 -26.71 0.79 13.30
C GLY C 41 -27.10 -0.66 13.37
N LYS C 42 -27.20 -1.35 12.24
CA LYS C 42 -27.67 -2.73 12.18
C LYS C 42 -26.73 -3.58 11.31
N LEU C 43 -26.84 -4.90 11.44
CA LEU C 43 -26.20 -5.81 10.49
C LEU C 43 -27.16 -6.10 9.36
N CYS C 44 -26.68 -6.04 8.12
CA CYS C 44 -27.57 -6.20 6.98
C CYS C 44 -27.06 -7.28 6.04
N ARG C 45 -27.90 -7.63 5.07
CA ARG C 45 -27.53 -8.63 4.09
C ARG C 45 -26.67 -8.01 3.00
N LEU C 46 -25.55 -8.65 2.69
CA LEU C 46 -24.70 -8.33 1.55
C LEU C 46 -25.02 -9.29 0.41
N LYS C 47 -25.09 -8.75 -0.81
CA LYS C 47 -25.35 -9.56 -2.00
C LYS C 47 -26.57 -10.45 -1.81
N GLY C 48 -27.55 -9.96 -1.03
CA GLY C 48 -28.81 -10.63 -0.81
C GLY C 48 -28.83 -11.64 0.31
N LYS C 49 -27.67 -12.09 0.79
CA LYS C 49 -27.61 -13.16 1.79
C LYS C 49 -27.29 -12.58 3.17
N ALA C 50 -27.99 -13.10 4.16
CA ALA C 50 -27.78 -12.65 5.53
C ALA C 50 -26.45 -13.18 6.05
N PRO C 51 -25.87 -12.53 7.06
CA PRO C 51 -24.62 -13.04 7.62
C PRO C 51 -24.88 -14.23 8.51
N LEU C 52 -23.83 -15.01 8.71
CA LEU C 52 -23.80 -16.07 9.72
C LEU C 52 -23.52 -15.43 11.06
N GLN C 53 -24.49 -15.47 11.98
CA GLN C 53 -24.29 -14.88 13.30
C GLN C 53 -23.89 -15.97 14.29
N LEU C 54 -22.71 -15.81 14.86
CA LEU C 54 -22.18 -16.79 15.77
C LEU C 54 -22.57 -16.50 17.20
N GLY C 55 -22.98 -15.26 17.50
CA GLY C 55 -23.49 -14.94 18.81
C GLY C 55 -22.51 -15.24 19.92
N LYS C 56 -22.88 -16.21 20.77
CA LYS C 56 -22.10 -16.62 21.93
C LYS C 56 -20.90 -17.47 21.55
N CYS C 57 -20.82 -17.94 20.30
CA CYS C 57 -19.73 -18.82 19.90
C CYS C 57 -18.77 -18.09 18.97
N ASN C 58 -17.53 -18.55 18.97
CA ASN C 58 -16.54 -18.18 17.97
C ASN C 58 -16.51 -19.29 16.92
N ILE C 59 -15.63 -19.13 15.93
CA ILE C 59 -15.64 -20.06 14.80
C ILE C 59 -15.18 -21.45 15.22
N ALA C 60 -14.25 -21.54 16.17
CA ALA C 60 -13.80 -22.84 16.67
C ALA C 60 -14.97 -23.62 17.25
N GLY C 61 -15.75 -23.00 18.13
CA GLY C 61 -16.88 -23.67 18.73
C GLY C 61 -17.93 -24.05 17.70
N TRP C 62 -18.15 -23.19 16.71
CA TRP C 62 -19.10 -23.51 15.66
C TRP C 62 -18.62 -24.66 14.78
N ILE C 63 -17.39 -24.60 14.28
CA ILE C 63 -16.97 -25.61 13.31
C ILE C 63 -16.72 -26.96 14.00
N LEU C 64 -16.24 -26.94 15.24
CA LEU C 64 -16.06 -28.17 16.01
C LEU C 64 -17.36 -28.70 16.59
N GLY C 65 -18.37 -27.85 16.72
CA GLY C 65 -19.62 -28.28 17.32
C GLY C 65 -19.63 -28.23 18.83
N ASN C 66 -19.04 -27.19 19.43
CA ASN C 66 -19.12 -26.99 20.86
C ASN C 66 -20.59 -27.17 21.28
N PRO C 67 -20.85 -27.92 22.36
CA PRO C 67 -22.25 -28.28 22.67
C PRO C 67 -23.14 -27.07 22.90
N GLU C 68 -22.57 -25.90 23.15
CA GLU C 68 -23.35 -24.68 23.35
C GLU C 68 -23.66 -23.96 22.05
N CYS C 69 -23.33 -24.55 20.90
CA CYS C 69 -23.51 -23.93 19.60
C CYS C 69 -24.43 -24.75 18.70
N GLU C 70 -25.31 -25.57 19.28
CA GLU C 70 -26.11 -26.45 18.43
C GLU C 70 -27.14 -25.68 17.60
N SER C 71 -27.35 -24.39 17.87
CA SER C 71 -28.25 -23.58 17.07
C SER C 71 -27.61 -23.10 15.77
N LEU C 72 -26.30 -23.30 15.61
CA LEU C 72 -25.56 -22.95 14.41
C LEU C 72 -25.25 -24.14 13.50
N LEU C 73 -25.70 -25.34 13.85
CA LEU C 73 -25.39 -26.52 13.05
C LEU C 73 -26.22 -26.59 11.78
N SER C 74 -27.27 -25.75 11.67
CA SER C 74 -28.23 -25.80 10.57
C SER C 74 -28.13 -24.63 9.60
N LYS C 75 -27.21 -23.69 9.82
CA LYS C 75 -26.95 -22.61 8.87
C LYS C 75 -26.08 -23.12 7.72
N ARG C 76 -26.45 -22.80 6.48
CA ARG C 76 -25.77 -23.38 5.32
C ARG C 76 -25.28 -22.39 4.25
N SER C 77 -25.74 -21.15 4.22
CA SER C 77 -25.20 -20.17 3.28
C SER C 77 -25.07 -18.80 3.95
N TRP C 78 -24.05 -18.04 3.54
CA TRP C 78 -23.88 -16.72 4.14
C TRP C 78 -22.97 -15.84 3.31
N SER C 79 -23.16 -14.53 3.46
CA SER C 79 -22.35 -13.53 2.78
C SER C 79 -21.10 -13.16 3.58
N TYR C 80 -21.22 -13.08 4.91
CA TYR C 80 -20.09 -12.80 5.77
C TYR C 80 -20.41 -13.36 7.14
N ILE C 81 -19.42 -13.37 8.02
CA ILE C 81 -19.57 -13.93 9.36
C ILE C 81 -19.52 -12.80 10.38
N ALA C 82 -20.47 -12.81 11.30
CA ALA C 82 -20.54 -11.84 12.37
C ALA C 82 -20.34 -12.54 13.71
N GLU C 83 -19.23 -12.23 14.39
CA GLU C 83 -19.07 -12.63 15.78
C GLU C 83 -19.38 -11.44 16.68
N THR C 84 -19.86 -11.72 17.86
CA THR C 84 -20.14 -10.64 18.80
C THR C 84 -18.95 -10.47 19.73
N PRO C 85 -18.84 -9.34 20.45
CA PRO C 85 -17.72 -9.19 21.38
C PRO C 85 -17.75 -10.18 22.53
N ASN C 86 -18.86 -10.88 22.75
CA ASN C 86 -18.90 -11.94 23.75
C ASN C 86 -18.95 -13.33 23.12
N SER C 87 -18.28 -13.54 21.99
CA SER C 87 -18.14 -14.87 21.40
C SER C 87 -17.10 -15.66 22.19
N GLU C 88 -17.56 -16.41 23.18
CA GLU C 88 -16.66 -17.05 24.12
C GLU C 88 -16.67 -18.59 24.09
N ASN C 89 -17.56 -19.22 23.32
CA ASN C 89 -17.72 -20.68 23.34
C ASN C 89 -16.97 -21.26 22.14
N GLY C 90 -15.78 -21.78 22.40
CA GLY C 90 -14.94 -22.32 21.35
C GLY C 90 -14.43 -23.70 21.69
N THR C 91 -13.13 -23.82 21.87
CA THR C 91 -12.56 -25.11 22.27
C THR C 91 -12.75 -25.28 23.77
N CYS C 92 -13.85 -25.94 24.13
CA CYS C 92 -14.15 -26.16 25.53
C CYS C 92 -13.15 -27.11 26.18
N TYR C 93 -12.58 -28.02 25.40
CA TYR C 93 -11.46 -28.78 25.91
C TYR C 93 -10.17 -28.12 25.47
N PRO C 94 -9.27 -27.79 26.39
CA PRO C 94 -8.10 -26.98 26.01
C PRO C 94 -7.14 -27.72 25.09
N GLY C 95 -6.53 -26.95 24.19
CA GLY C 95 -5.53 -27.45 23.29
C GLY C 95 -5.28 -26.45 22.19
N ASP C 96 -4.39 -26.82 21.27
CA ASP C 96 -4.03 -25.94 20.17
C ASP C 96 -4.89 -26.23 18.96
N PHE C 97 -5.38 -25.17 18.34
CA PHE C 97 -6.16 -25.25 17.10
C PHE C 97 -5.22 -24.86 15.98
N ALA C 98 -4.82 -25.84 15.18
CA ALA C 98 -3.83 -25.60 14.13
C ALA C 98 -4.37 -24.68 13.04
N ASP C 99 -3.56 -23.67 12.68
CA ASP C 99 -3.87 -22.77 11.57
C ASP C 99 -5.29 -22.22 11.71
N TYR C 100 -5.65 -21.84 12.94
CA TYR C 100 -7.01 -21.41 13.23
C TYR C 100 -7.38 -20.18 12.41
N GLU C 101 -6.54 -19.14 12.46
CA GLU C 101 -6.81 -17.94 11.66
C GLU C 101 -6.90 -18.26 10.18
N GLU C 102 -6.00 -19.12 9.69
CA GLU C 102 -6.08 -19.56 8.30
C GLU C 102 -7.44 -20.19 8.01
N LEU C 103 -7.94 -21.00 8.94
CA LEU C 103 -9.24 -21.62 8.70
C LEU C 103 -10.37 -20.60 8.75
N ARG C 104 -10.28 -19.60 9.64
CA ARG C 104 -11.29 -18.54 9.70
C ARG C 104 -11.35 -17.78 8.38
N GLU C 105 -10.19 -17.49 7.80
CA GLU C 105 -10.18 -16.87 6.49
C GLU C 105 -10.78 -17.80 5.44
N GLN C 106 -10.54 -19.13 5.53
CA GLN C 106 -11.09 -20.03 4.53
C GLN C 106 -12.61 -20.03 4.59
N LEU C 107 -13.18 -19.99 5.80
CA LEU C 107 -14.63 -20.06 5.93
C LEU C 107 -15.28 -18.73 5.57
N SER C 108 -14.50 -17.67 5.39
CA SER C 108 -14.99 -16.36 4.99
C SER C 108 -15.31 -16.32 3.51
N SER C 109 -14.91 -17.34 2.77
CA SER C 109 -15.15 -17.36 1.34
C SER C 109 -15.97 -18.59 0.95
N VAL C 110 -17.05 -18.86 1.68
CA VAL C 110 -17.82 -20.09 1.47
C VAL C 110 -19.25 -19.72 1.09
N SER C 111 -19.69 -20.18 -0.09
CA SER C 111 -21.06 -19.93 -0.55
C SER C 111 -22.05 -20.91 0.04
N SER C 112 -21.79 -22.22 -0.14
CA SER C 112 -22.65 -23.26 0.38
C SER C 112 -21.80 -24.21 1.21
N PHE C 113 -22.46 -24.80 2.19
CA PHE C 113 -21.83 -25.47 3.31
C PHE C 113 -22.76 -26.60 3.70
N GLU C 114 -22.23 -27.80 3.80
CA GLU C 114 -23.07 -28.98 4.03
C GLU C 114 -22.38 -29.84 5.06
N ARG C 115 -22.99 -29.93 6.25
CA ARG C 115 -22.51 -30.83 7.27
C ARG C 115 -23.03 -32.22 6.94
N PHE C 116 -22.15 -33.21 7.05
CA PHE C 116 -22.56 -34.57 6.77
C PHE C 116 -21.76 -35.52 7.65
N GLU C 117 -22.38 -36.65 7.97
CA GLU C 117 -21.80 -37.62 8.89
C GLU C 117 -20.76 -38.41 8.12
N ILE C 118 -19.49 -38.08 8.34
CA ILE C 118 -18.43 -38.71 7.56
C ILE C 118 -18.13 -40.10 8.09
N PHE C 119 -18.05 -40.26 9.41
CA PHE C 119 -17.86 -41.56 10.05
C PHE C 119 -18.94 -41.76 11.10
N PRO C 120 -20.07 -42.36 10.75
CA PRO C 120 -21.20 -42.44 11.70
C PRO C 120 -20.82 -43.13 13.00
N LYS C 121 -21.17 -42.47 14.10
CA LYS C 121 -20.77 -42.96 15.41
C LYS C 121 -21.34 -44.34 15.70
N GLU C 122 -22.56 -44.62 15.23
CA GLU C 122 -23.22 -45.87 15.58
C GLU C 122 -22.62 -47.07 14.88
N SER C 123 -21.92 -46.90 13.76
CA SER C 123 -21.57 -48.04 12.93
C SER C 123 -20.11 -48.12 12.53
N SER C 124 -19.32 -47.08 12.77
CA SER C 124 -17.98 -47.05 12.19
C SER C 124 -16.94 -47.66 13.10
N TRP C 125 -17.24 -47.78 14.39
CA TRP C 125 -16.25 -48.15 15.39
C TRP C 125 -16.77 -49.31 16.21
N PRO C 126 -16.92 -50.48 15.58
CA PRO C 126 -17.51 -51.62 16.29
C PRO C 126 -16.66 -52.19 17.42
N LYS C 127 -15.36 -51.91 17.47
CA LYS C 127 -14.52 -52.49 18.50
C LYS C 127 -13.91 -51.42 19.42
N HIS C 128 -14.53 -50.25 19.50
CA HIS C 128 -14.09 -49.19 20.41
C HIS C 128 -15.30 -48.69 21.17
N ASN C 129 -15.05 -48.00 22.30
CA ASN C 129 -16.14 -47.39 23.06
C ASN C 129 -16.42 -46.00 22.48
N THR C 130 -17.64 -45.80 22.01
CA THR C 130 -18.04 -44.53 21.39
C THR C 130 -18.89 -43.66 22.31
N THR C 131 -19.15 -44.10 23.55
CA THR C 131 -20.04 -43.37 24.44
C THR C 131 -19.35 -42.82 25.68
N ARG C 132 -18.08 -43.13 25.91
CA ARG C 132 -17.37 -42.69 27.10
C ARG C 132 -16.65 -41.36 26.89
N GLY C 133 -16.51 -40.92 25.65
CA GLY C 133 -15.76 -39.70 25.40
C GLY C 133 -16.53 -38.43 25.64
N VAL C 134 -16.94 -38.22 26.90
CA VAL C 134 -17.57 -36.99 27.33
C VAL C 134 -16.77 -36.45 28.50
N THR C 135 -16.84 -35.13 28.70
CA THR C 135 -16.08 -34.44 29.74
C THR C 135 -16.88 -33.27 30.31
N ALA C 136 -16.61 -32.95 31.57
CA ALA C 136 -17.23 -31.77 32.20
C ALA C 136 -16.72 -30.46 31.59
N ALA C 137 -15.55 -30.46 30.95
CA ALA C 137 -15.05 -29.25 30.29
C ALA C 137 -15.97 -28.81 29.16
N CYS C 138 -16.75 -29.72 28.59
CA CYS C 138 -17.67 -29.43 27.50
C CYS C 138 -19.05 -29.83 27.95
N SER C 139 -19.53 -29.20 29.02
CA SER C 139 -20.80 -29.59 29.59
C SER C 139 -21.95 -29.02 28.79
N HIS C 140 -23.08 -29.69 28.85
CA HIS C 140 -24.30 -29.13 28.31
C HIS C 140 -25.45 -29.57 29.21
N ALA C 141 -26.29 -28.62 29.60
CA ALA C 141 -27.43 -28.90 30.47
C ALA C 141 -27.01 -29.64 31.73
N ARG C 142 -25.89 -29.22 32.32
CA ARG C 142 -25.41 -29.77 33.60
C ARG C 142 -25.04 -31.25 33.50
N LYS C 143 -24.66 -31.70 32.31
CA LYS C 143 -24.19 -33.07 32.11
C LYS C 143 -22.99 -33.03 31.19
N SER C 144 -22.01 -33.90 31.46
CA SER C 144 -20.80 -33.93 30.63
C SER C 144 -21.17 -34.19 29.18
N SER C 145 -20.37 -33.68 28.27
CA SER C 145 -20.70 -33.79 26.85
C SER C 145 -19.43 -33.60 26.05
N PHE C 146 -19.57 -33.30 24.77
CA PHE C 146 -18.42 -33.21 23.89
C PHE C 146 -18.84 -32.54 22.60
N TYR C 147 -17.86 -32.23 21.77
CA TYR C 147 -18.11 -31.65 20.45
C TYR C 147 -19.07 -32.51 19.66
N LYS C 148 -20.01 -31.87 18.96
CA LYS C 148 -20.99 -32.60 18.18
C LYS C 148 -20.44 -33.07 16.83
N ASN C 149 -19.28 -32.59 16.41
CA ASN C 149 -18.70 -32.99 15.13
C ASN C 149 -17.51 -33.94 15.27
N LEU C 150 -17.04 -34.20 16.48
CA LEU C 150 -15.95 -35.12 16.74
C LEU C 150 -16.41 -36.23 17.67
N LEU C 151 -15.63 -37.31 17.74
CA LEU C 151 -15.97 -38.47 18.56
C LEU C 151 -14.73 -38.94 19.29
N TRP C 152 -14.74 -38.87 20.62
CA TRP C 152 -13.61 -39.24 21.48
C TRP C 152 -13.63 -40.74 21.74
N LEU C 153 -12.91 -41.50 20.90
CA LEU C 153 -12.88 -42.96 21.01
C LEU C 153 -12.04 -43.42 22.19
N THR C 154 -12.50 -44.47 22.87
CA THR C 154 -11.72 -45.05 23.94
C THR C 154 -11.73 -46.58 23.86
N GLU C 155 -10.90 -47.19 24.70
CA GLU C 155 -10.77 -48.64 24.75
C GLU C 155 -12.12 -49.30 25.03
N ALA C 156 -12.27 -50.54 24.55
CA ALA C 156 -13.44 -51.38 24.83
C ALA C 156 -12.96 -52.71 25.35
N ASN C 157 -13.37 -53.06 26.58
CA ASN C 157 -13.11 -54.37 27.19
C ASN C 157 -11.62 -54.71 27.27
N GLY C 158 -10.82 -53.74 27.69
CA GLY C 158 -9.41 -53.95 27.96
C GLY C 158 -8.48 -53.79 26.78
N SER C 159 -8.99 -53.39 25.61
CA SER C 159 -8.09 -53.24 24.48
C SER C 159 -8.55 -52.08 23.62
N TYR C 160 -7.59 -51.37 23.03
CA TYR C 160 -7.86 -50.33 22.05
C TYR C 160 -7.23 -50.81 20.75
N PRO C 161 -7.99 -51.51 19.92
CA PRO C 161 -7.39 -52.14 18.74
C PRO C 161 -7.02 -51.11 17.69
N ASN C 162 -6.09 -51.54 16.83
CA ASN C 162 -5.74 -50.82 15.61
C ASN C 162 -7.00 -50.35 14.88
N LEU C 163 -6.98 -49.10 14.40
CA LEU C 163 -8.07 -48.61 13.58
C LEU C 163 -7.56 -48.05 12.26
N SER C 164 -8.34 -48.26 11.21
CA SER C 164 -8.04 -47.73 9.89
C SER C 164 -9.36 -47.40 9.21
N LYS C 165 -9.63 -46.12 9.01
CA LYS C 165 -10.89 -45.67 8.42
C LYS C 165 -10.58 -44.72 7.27
N SER C 166 -11.22 -44.95 6.13
CA SER C 166 -10.98 -44.17 4.93
C SER C 166 -12.25 -43.45 4.50
N TYR C 167 -12.08 -42.35 3.80
CA TYR C 167 -13.24 -41.66 3.25
C TYR C 167 -12.86 -41.13 1.89
N VAL C 168 -13.69 -41.43 0.90
CA VAL C 168 -13.52 -40.95 -0.46
C VAL C 168 -14.46 -39.77 -0.64
N ASN C 169 -13.90 -38.62 -1.00
CA ASN C 169 -14.67 -37.40 -1.28
C ASN C 169 -15.41 -37.60 -2.60
N ASN C 170 -16.70 -37.92 -2.49
CA ASN C 170 -17.59 -38.00 -3.65
C ASN C 170 -18.54 -36.81 -3.70
N GLN C 171 -18.20 -35.74 -2.99
CA GLN C 171 -19.02 -34.56 -2.89
C GLN C 171 -18.84 -33.62 -4.07
N GLU C 172 -17.87 -33.88 -4.96
CA GLU C 172 -17.56 -33.01 -6.10
C GLU C 172 -17.27 -31.58 -5.66
N LYS C 173 -16.80 -31.42 -4.43
CA LYS C 173 -16.37 -30.13 -3.92
C LYS C 173 -15.42 -30.43 -2.76
N GLU C 174 -14.75 -29.39 -2.27
CA GLU C 174 -13.84 -29.59 -1.16
C GLU C 174 -14.61 -30.05 0.06
N VAL C 175 -14.01 -30.99 0.79
CA VAL C 175 -14.53 -31.47 2.07
C VAL C 175 -13.55 -30.99 3.12
N LEU C 176 -14.05 -30.21 4.09
CA LEU C 176 -13.27 -29.82 5.25
C LEU C 176 -13.40 -30.94 6.27
N VAL C 177 -12.28 -31.57 6.63
CA VAL C 177 -12.26 -32.65 7.62
C VAL C 177 -11.50 -32.16 8.85
N LEU C 178 -12.12 -32.27 10.02
CA LEU C 178 -11.46 -31.90 11.26
C LEU C 178 -11.31 -33.13 12.14
N TRP C 179 -10.24 -33.14 12.93
CA TRP C 179 -9.97 -34.22 13.88
C TRP C 179 -9.11 -33.68 15.01
N GLY C 180 -8.90 -34.52 16.01
CA GLY C 180 -8.13 -34.12 17.18
C GLY C 180 -7.19 -35.23 17.62
N VAL C 181 -6.27 -34.86 18.51
CA VAL C 181 -5.37 -35.81 19.16
C VAL C 181 -5.32 -35.49 20.66
N HIS C 182 -5.64 -36.49 21.48
CA HIS C 182 -5.66 -36.27 22.93
C HIS C 182 -4.27 -36.51 23.51
N HIS C 183 -3.89 -35.65 24.45
CA HIS C 183 -2.61 -35.77 25.16
C HIS C 183 -2.92 -35.79 26.65
N PRO C 184 -2.94 -36.95 27.30
CA PRO C 184 -3.22 -36.99 28.74
C PRO C 184 -2.11 -36.38 29.57
N SER C 185 -2.47 -36.02 30.82
CA SER C 185 -1.49 -35.45 31.73
C SER C 185 -0.66 -36.48 32.48
N ASN C 186 -1.02 -37.76 32.43
CA ASN C 186 -0.26 -38.76 33.16
C ASN C 186 -0.45 -40.09 32.45
N ILE C 187 0.51 -41.00 32.66
CA ILE C 187 0.51 -42.28 31.94
C ILE C 187 -0.57 -43.22 32.47
N GLU C 188 -1.07 -43.00 33.70
CA GLU C 188 -2.18 -43.82 34.18
C GLU C 188 -3.42 -43.60 33.33
N ASP C 189 -3.74 -42.34 33.01
CA ASP C 189 -4.87 -42.03 32.14
C ASP C 189 -4.64 -42.51 30.73
N GLN C 190 -3.39 -42.48 30.27
CA GLN C 190 -3.07 -43.01 28.95
C GLN C 190 -3.41 -44.49 28.87
N ARG C 191 -2.99 -45.26 29.89
CA ARG C 191 -3.32 -46.69 29.94
C ARG C 191 -4.81 -46.92 30.06
N THR C 192 -5.50 -46.13 30.91
CA THR C 192 -6.93 -46.33 31.13
C THR C 192 -7.73 -46.13 29.85
N LEU C 193 -7.43 -45.07 29.12
CA LEU C 193 -8.24 -44.74 27.95
C LEU C 193 -7.83 -45.57 26.74
N TYR C 194 -6.55 -45.94 26.62
CA TYR C 194 -6.03 -46.47 25.39
C TYR C 194 -5.25 -47.79 25.50
N ARG C 195 -5.03 -48.31 26.71
CA ARG C 195 -4.44 -49.66 26.89
C ARG C 195 -3.06 -49.78 26.27
N LYS C 196 -2.29 -48.70 26.30
CA LYS C 196 -1.05 -48.56 25.57
C LYS C 196 -0.29 -47.41 26.19
N GLU C 197 1.03 -47.50 26.27
CA GLU C 197 1.78 -46.32 26.70
C GLU C 197 2.26 -45.45 25.54
N ASN C 198 2.54 -46.06 24.39
CA ASN C 198 3.10 -45.42 23.20
C ASN C 198 2.12 -45.70 22.09
N ALA C 199 1.35 -44.69 21.74
CA ALA C 199 0.38 -44.75 20.66
C ALA C 199 0.79 -43.79 19.56
N TYR C 200 0.06 -43.84 18.46
CA TYR C 200 0.26 -42.90 17.37
C TYR C 200 -1.06 -42.65 16.69
N VAL C 201 -1.14 -41.51 16.02
CA VAL C 201 -2.24 -41.19 15.12
C VAL C 201 -1.63 -40.83 13.77
N SER C 202 -2.24 -41.30 12.69
CA SER C 202 -1.78 -41.03 11.34
C SER C 202 -2.95 -40.55 10.50
N VAL C 203 -2.74 -39.48 9.72
CA VAL C 203 -3.79 -38.96 8.85
C VAL C 203 -3.15 -38.65 7.49
N VAL C 204 -3.69 -39.22 6.42
CA VAL C 204 -3.06 -39.13 5.11
C VAL C 204 -4.09 -38.98 4.01
N SER C 205 -3.75 -38.18 2.99
CA SER C 205 -4.52 -38.06 1.75
C SER C 205 -3.53 -38.04 0.59
N SER C 206 -4.01 -37.63 -0.59
CA SER C 206 -3.11 -37.47 -1.71
C SER C 206 -2.14 -36.31 -1.53
N ASN C 207 -2.47 -35.31 -0.69
CA ASN C 207 -1.60 -34.15 -0.52
C ASN C 207 -1.37 -33.76 0.93
N TYR C 208 -1.94 -34.48 1.89
CA TYR C 208 -1.71 -34.23 3.31
C TYR C 208 -1.09 -35.47 3.92
N ASN C 209 -0.12 -35.29 4.82
CA ASN C 209 0.60 -36.44 5.38
C ASN C 209 1.20 -36.05 6.72
N ARG C 210 0.62 -36.56 7.80
CA ARG C 210 1.15 -36.22 9.12
C ARG C 210 0.92 -37.34 10.12
N ARG C 211 1.88 -37.52 11.03
CA ARG C 211 1.82 -38.50 12.11
C ARG C 211 1.89 -37.77 13.44
N PHE C 212 1.00 -38.10 14.37
CA PHE C 212 0.96 -37.43 15.68
C PHE C 212 1.32 -38.45 16.77
N THR C 213 2.09 -38.00 17.74
CA THR C 213 2.48 -38.81 18.87
C THR C 213 1.99 -38.15 20.15
N PRO C 214 1.26 -38.84 21.01
CA PRO C 214 0.85 -38.23 22.28
C PRO C 214 2.06 -37.86 23.14
N GLU C 215 1.99 -36.70 23.76
CA GLU C 215 3.02 -36.25 24.69
C GLU C 215 2.38 -36.21 26.07
N ILE C 216 2.92 -36.96 27.01
CA ILE C 216 2.33 -37.08 28.33
C ILE C 216 3.17 -36.22 29.26
N ALA C 217 2.55 -35.24 29.91
CA ALA C 217 3.29 -34.39 30.82
C ALA C 217 2.32 -33.70 31.78
N GLU C 218 2.85 -33.26 32.93
CA GLU C 218 2.03 -32.48 33.85
C GLU C 218 1.80 -31.09 33.27
N ARG C 219 0.57 -30.63 33.37
CA ARG C 219 0.16 -29.37 32.78
C ARG C 219 -0.74 -28.61 33.73
N PRO C 220 -0.74 -27.28 33.66
CA PRO C 220 -1.71 -26.51 34.44
C PRO C 220 -3.10 -26.78 33.91
N LYS C 221 -4.07 -26.79 34.80
CA LYS C 221 -5.43 -27.11 34.41
C LYS C 221 -6.12 -25.91 33.78
N VAL C 222 -6.79 -26.14 32.65
CA VAL C 222 -7.62 -25.18 31.96
C VAL C 222 -9.01 -25.81 31.87
N ARG C 223 -10.03 -25.09 32.34
CA ARG C 223 -11.37 -25.68 32.49
C ARG C 223 -11.27 -27.02 33.21
N ASN C 224 -10.45 -27.04 34.26
CA ASN C 224 -10.18 -28.21 35.07
C ASN C 224 -9.60 -29.39 34.28
N GLN C 225 -8.82 -29.12 33.21
CA GLN C 225 -8.21 -30.18 32.43
C GLN C 225 -6.71 -29.93 32.32
N ALA C 226 -5.90 -30.86 32.81
CA ALA C 226 -4.47 -30.87 32.54
C ALA C 226 -4.15 -31.61 31.25
N GLY C 227 -5.05 -32.46 30.79
CA GLY C 227 -4.91 -33.01 29.46
C GLY C 227 -5.08 -31.94 28.39
N ARG C 228 -4.75 -32.31 27.15
CA ARG C 228 -4.89 -31.40 26.02
C ARG C 228 -5.45 -32.16 24.84
N MET C 229 -6.20 -31.45 24.00
CA MET C 229 -6.64 -31.96 22.70
C MET C 229 -6.23 -30.94 21.67
N ASN C 230 -5.39 -31.35 20.74
CA ASN C 230 -5.00 -30.49 19.65
C ASN C 230 -5.90 -30.77 18.46
N TYR C 231 -6.36 -29.69 17.82
CA TYR C 231 -7.34 -29.75 16.76
C TYR C 231 -6.67 -29.55 15.42
N TYR C 232 -7.10 -30.32 14.43
CA TYR C 232 -6.46 -30.27 13.11
C TYR C 232 -7.54 -30.35 12.05
N TRP C 233 -7.15 -29.95 10.84
CA TRP C 233 -8.10 -29.96 9.74
C TRP C 233 -7.33 -30.04 8.45
N THR C 234 -8.04 -30.39 7.39
CA THR C 234 -7.48 -30.33 6.05
C THR C 234 -8.64 -30.21 5.08
N LEU C 235 -8.36 -29.67 3.90
CA LEU C 235 -9.33 -29.57 2.83
C LEU C 235 -9.09 -30.74 1.90
N LEU C 236 -10.05 -31.65 1.84
CA LEU C 236 -9.94 -32.84 1.01
C LEU C 236 -10.41 -32.51 -0.40
N GLU C 237 -9.53 -32.69 -1.38
CA GLU C 237 -9.86 -32.36 -2.76
C GLU C 237 -10.91 -33.32 -3.32
N PRO C 238 -11.70 -32.88 -4.29
CA PRO C 238 -12.69 -33.77 -4.90
C PRO C 238 -12.04 -35.02 -5.47
N GLY C 239 -12.66 -36.17 -5.21
CA GLY C 239 -12.14 -37.42 -5.68
C GLY C 239 -11.04 -38.05 -4.85
N ASP C 240 -10.49 -37.32 -3.89
CA ASP C 240 -9.38 -37.80 -3.10
C ASP C 240 -9.88 -38.67 -1.92
N THR C 241 -8.96 -39.41 -1.31
CA THR C 241 -9.27 -40.24 -0.16
C THR C 241 -8.48 -39.79 1.05
N ILE C 242 -9.10 -39.82 2.23
CA ILE C 242 -8.39 -39.55 3.47
C ILE C 242 -8.44 -40.82 4.31
N ILE C 243 -7.30 -41.17 4.92
CA ILE C 243 -7.16 -42.40 5.71
C ILE C 243 -6.72 -42.02 7.11
N PHE C 244 -7.52 -42.41 8.10
CA PHE C 244 -7.20 -42.23 9.50
C PHE C 244 -6.72 -43.56 10.05
N GLU C 245 -5.60 -43.53 10.77
CA GLU C 245 -5.03 -44.74 11.34
C GLU C 245 -4.58 -44.43 12.75
N ALA C 246 -4.98 -45.26 13.71
CA ALA C 246 -4.55 -45.03 15.08
C ALA C 246 -4.59 -46.31 15.88
N ASN C 247 -3.80 -46.33 16.97
CA ASN C 247 -3.94 -47.32 18.02
C ASN C 247 -4.16 -46.64 19.37
N GLY C 248 -4.53 -45.37 19.35
CA GLY C 248 -4.89 -44.61 20.53
C GLY C 248 -4.93 -43.13 20.26
N ASN C 249 -5.57 -42.40 21.18
CA ASN C 249 -5.53 -40.94 21.34
C ASN C 249 -6.22 -40.15 20.23
N LEU C 250 -6.89 -40.80 19.29
CA LEU C 250 -7.54 -40.09 18.19
C LEU C 250 -8.90 -39.56 18.60
N ILE C 251 -9.12 -38.26 18.39
CA ILE C 251 -10.47 -37.70 18.41
C ILE C 251 -10.95 -37.70 16.95
N ALA C 252 -11.84 -38.64 16.61
CA ALA C 252 -12.13 -38.94 15.22
C ALA C 252 -13.14 -37.96 14.62
N PRO C 253 -13.06 -37.71 13.32
CA PRO C 253 -14.16 -37.01 12.67
C PRO C 253 -15.44 -37.80 12.82
N TRP C 254 -16.50 -37.11 13.20
CA TRP C 254 -17.86 -37.63 13.14
C TRP C 254 -18.67 -36.95 12.05
N TYR C 255 -18.68 -35.61 12.01
CA TYR C 255 -19.25 -34.87 10.89
C TYR C 255 -18.14 -34.06 10.23
N ALA C 256 -18.28 -33.83 8.93
CA ALA C 256 -17.39 -33.01 8.12
C ALA C 256 -18.22 -32.03 7.29
N PHE C 257 -17.57 -31.22 6.44
CA PHE C 257 -18.27 -30.15 5.74
C PHE C 257 -17.88 -30.10 4.27
N ALA C 258 -18.87 -30.29 3.40
CA ALA C 258 -18.67 -30.05 1.98
C ALA C 258 -18.94 -28.59 1.70
N LEU C 259 -18.00 -27.94 1.05
CA LEU C 259 -18.13 -26.51 0.90
C LEU C 259 -17.85 -26.06 -0.53
N SER C 260 -18.56 -25.02 -0.93
CA SER C 260 -18.37 -24.36 -2.20
C SER C 260 -17.93 -22.93 -1.93
N ARG C 261 -16.91 -22.49 -2.65
CA ARG C 261 -16.38 -21.17 -2.43
C ARG C 261 -17.22 -20.14 -3.18
N GLY C 262 -17.31 -18.95 -2.59
CA GLY C 262 -17.99 -17.84 -3.22
C GLY C 262 -17.04 -16.66 -3.33
N LEU C 263 -17.57 -15.44 -3.38
CA LEU C 263 -16.69 -14.28 -3.34
C LEU C 263 -15.99 -14.24 -1.99
N GLY C 264 -14.70 -13.89 -2.01
CA GLY C 264 -13.96 -13.76 -0.77
C GLY C 264 -14.60 -12.71 0.10
N SER C 265 -15.01 -13.09 1.31
CA SER C 265 -15.63 -12.13 2.22
C SER C 265 -14.83 -12.06 3.52
N GLY C 266 -15.51 -11.93 4.65
CA GLY C 266 -14.78 -11.74 5.88
C GLY C 266 -15.63 -11.88 7.12
N ILE C 267 -15.00 -11.52 8.24
CA ILE C 267 -15.56 -11.67 9.58
C ILE C 267 -15.73 -10.28 10.18
N ILE C 268 -16.90 -10.02 10.72
CA ILE C 268 -17.23 -8.77 11.42
C ILE C 268 -17.44 -9.08 12.90
N THR C 269 -16.80 -8.32 13.77
CA THR C 269 -17.14 -8.32 15.18
C THR C 269 -18.00 -7.09 15.46
N SER C 270 -19.22 -7.32 15.94
CA SER C 270 -20.18 -6.23 16.04
C SER C 270 -21.16 -6.52 17.17
N ASN C 271 -21.52 -5.46 17.89
CA ASN C 271 -22.59 -5.54 18.87
C ASN C 271 -23.94 -5.18 18.26
N ALA C 272 -23.99 -4.96 16.95
CA ALA C 272 -25.24 -4.57 16.31
C ALA C 272 -26.13 -5.77 16.07
N SER C 273 -27.43 -5.53 16.14
CA SER C 273 -28.42 -6.54 15.86
C SER C 273 -28.70 -6.60 14.37
N MET C 274 -29.25 -7.73 13.93
CA MET C 274 -29.61 -7.91 12.53
C MET C 274 -30.99 -7.33 12.24
N ASP C 275 -31.16 -6.85 11.00
CA ASP C 275 -32.43 -6.31 10.52
C ASP C 275 -32.65 -6.83 9.11
N GLU C 276 -33.87 -6.68 8.60
CA GLU C 276 -34.18 -7.14 7.23
C GLU C 276 -33.86 -6.03 6.22
N CYS C 277 -32.59 -5.63 6.19
CA CYS C 277 -32.08 -4.58 5.32
C CYS C 277 -31.05 -5.14 4.34
N ASP C 278 -30.87 -4.43 3.23
CA ASP C 278 -29.76 -4.71 2.32
C ASP C 278 -28.76 -3.56 2.33
N THR C 279 -27.54 -3.87 1.94
CA THR C 279 -26.44 -2.92 1.86
C THR C 279 -25.41 -3.46 0.89
N LYS C 280 -24.67 -2.55 0.27
CA LYS C 280 -23.52 -2.92 -0.53
C LYS C 280 -22.23 -2.81 0.27
N CYS C 281 -22.33 -2.33 1.51
CA CYS C 281 -21.16 -2.10 2.36
C CYS C 281 -21.60 -2.22 3.81
N GLN C 282 -20.95 -3.11 4.55
CA GLN C 282 -21.21 -3.33 5.96
C GLN C 282 -19.97 -2.93 6.76
N THR C 283 -20.18 -2.21 7.84
CA THR C 283 -19.17 -1.82 8.80
C THR C 283 -19.54 -2.42 10.14
N PRO C 284 -18.59 -2.55 11.05
CA PRO C 284 -18.91 -3.17 12.36
C PRO C 284 -20.01 -2.44 13.14
N GLN C 285 -20.13 -1.12 13.03
CA GLN C 285 -21.20 -0.44 13.76
C GLN C 285 -22.51 -0.41 12.99
N GLY C 286 -22.50 -0.67 11.70
CA GLY C 286 -23.70 -0.66 10.91
C GLY C 286 -23.38 -0.55 9.43
N ALA C 287 -24.43 -0.77 8.63
CA ALA C 287 -24.30 -0.65 7.19
C ALA C 287 -24.26 0.82 6.79
N ILE C 288 -23.62 1.10 5.66
CA ILE C 288 -23.50 2.46 5.16
C ILE C 288 -23.84 2.51 3.68
N ASN C 289 -24.35 3.67 3.25
CA ASN C 289 -24.56 3.95 1.83
C ASN C 289 -23.21 3.86 1.12
N SER C 290 -23.24 3.41 -0.12
CA SER C 290 -22.01 3.29 -0.91
C SER C 290 -21.97 4.27 -2.09
N SER C 291 -22.80 5.32 -2.07
CA SER C 291 -22.94 6.18 -3.24
C SER C 291 -21.80 7.20 -3.35
N LEU C 292 -21.37 7.75 -2.22
CA LEU C 292 -20.30 8.73 -2.18
C LEU C 292 -18.95 8.05 -2.25
N PRO C 293 -17.92 8.77 -2.67
CA PRO C 293 -16.60 8.14 -2.80
C PRO C 293 -15.88 7.94 -1.49
N PHE C 294 -16.31 8.58 -0.41
CA PHE C 294 -15.56 8.52 0.83
C PHE C 294 -16.51 8.33 2.01
N GLN C 295 -16.01 7.70 3.07
CA GLN C 295 -16.75 7.50 4.30
C GLN C 295 -15.78 7.60 5.47
N ASN C 296 -16.30 7.97 6.65
CA ASN C 296 -15.45 8.08 7.84
C ASN C 296 -15.97 7.25 9.00
N ILE C 297 -16.75 6.20 8.71
CA ILE C 297 -17.37 5.40 9.76
C ILE C 297 -16.38 4.38 10.31
N HIS C 298 -15.79 3.55 9.45
CA HIS C 298 -14.86 2.54 9.96
C HIS C 298 -13.92 2.12 8.84
N PRO C 299 -12.63 1.92 9.13
CA PRO C 299 -11.70 1.47 8.08
C PRO C 299 -11.83 0.01 7.70
N VAL C 300 -12.40 -0.85 8.54
CA VAL C 300 -12.48 -2.28 8.25
C VAL C 300 -13.90 -2.58 7.78
N THR C 301 -14.07 -2.72 6.47
CA THR C 301 -15.40 -2.88 5.90
C THR C 301 -15.44 -4.13 5.04
N ILE C 302 -16.66 -4.56 4.72
CA ILE C 302 -16.89 -5.66 3.82
C ILE C 302 -17.90 -5.20 2.78
N GLY C 303 -17.58 -5.43 1.50
CA GLY C 303 -18.47 -5.07 0.42
C GLY C 303 -17.85 -4.12 -0.60
N GLU C 304 -18.69 -3.46 -1.40
CA GLU C 304 -18.28 -2.37 -2.28
C GLU C 304 -18.33 -1.09 -1.44
N CYS C 305 -17.17 -0.60 -1.03
CA CYS C 305 -17.24 0.40 0.01
C CYS C 305 -16.57 1.69 -0.44
N PRO C 306 -17.06 2.84 0.03
CA PRO C 306 -16.31 4.09 -0.15
C PRO C 306 -14.95 3.99 0.54
N LYS C 307 -14.02 4.79 0.06
CA LYS C 307 -12.70 4.76 0.67
C LYS C 307 -12.77 5.42 2.05
N TYR C 308 -12.05 4.85 3.02
CA TYR C 308 -12.07 5.38 4.37
C TYR C 308 -11.16 6.59 4.51
N VAL C 309 -11.66 7.65 5.14
CA VAL C 309 -10.85 8.84 5.38
C VAL C 309 -11.03 9.28 6.81
N LYS C 310 -10.02 9.97 7.32
CA LYS C 310 -10.04 10.62 8.62
C LYS C 310 -10.74 11.98 8.57
N SER C 311 -11.28 12.38 7.42
CA SER C 311 -11.94 13.66 7.24
C SER C 311 -13.28 13.71 7.98
N THR C 312 -13.63 14.90 8.47
CA THR C 312 -14.93 15.13 9.08
C THR C 312 -15.88 15.91 8.18
N LYS C 313 -15.38 16.53 7.12
CA LYS C 313 -16.19 17.33 6.20
C LYS C 313 -15.53 17.32 4.83
N LEU C 314 -16.28 16.91 3.80
CA LEU C 314 -15.85 16.96 2.41
C LEU C 314 -17.05 17.47 1.61
N ARG C 315 -17.22 18.80 1.59
CA ARG C 315 -18.34 19.45 0.91
C ARG C 315 -17.82 20.17 -0.33
N MET C 316 -18.41 19.85 -1.46
CA MET C 316 -18.02 20.42 -2.74
C MET C 316 -19.03 21.48 -3.15
N VAL C 317 -18.56 22.70 -3.43
CA VAL C 317 -19.49 23.74 -3.87
C VAL C 317 -19.89 23.47 -5.31
N THR C 318 -21.19 23.61 -5.59
CA THR C 318 -21.65 23.60 -6.97
C THR C 318 -22.15 24.95 -7.45
N GLY C 319 -22.68 25.79 -6.55
CA GLY C 319 -23.18 27.11 -6.88
C GLY C 319 -22.16 28.21 -6.64
N LEU C 320 -22.59 29.39 -6.20
CA LEU C 320 -21.70 30.53 -6.11
C LEU C 320 -21.52 30.95 -4.66
N ARG C 321 -20.55 31.84 -4.43
CA ARG C 321 -20.56 32.63 -3.20
C ARG C 321 -21.95 33.19 -3.01
N ASN C 322 -22.48 33.05 -1.79
CA ASN C 322 -23.80 33.58 -1.47
C ASN C 322 -23.65 35.00 -0.92
N ILE C 323 -24.08 35.99 -1.69
CA ILE C 323 -24.00 37.38 -1.24
C ILE C 323 -25.41 37.97 -1.25
N PRO C 324 -26.21 37.68 -0.21
CA PRO C 324 -27.61 38.10 -0.11
C PRO C 324 -27.81 39.49 0.48
N GLY C 330 -12.90 38.20 -7.12
CA GLY C 330 -12.50 36.85 -7.51
C GLY C 330 -11.39 36.88 -8.54
N LEU C 331 -11.14 35.75 -9.18
CA LEU C 331 -10.06 35.71 -10.17
C LEU C 331 -10.42 36.50 -11.43
N PHE C 332 -11.70 36.58 -11.76
CA PHE C 332 -12.10 37.23 -13.00
C PHE C 332 -12.75 38.60 -12.78
N GLY C 333 -12.87 39.05 -11.53
CA GLY C 333 -13.13 40.43 -11.20
C GLY C 333 -14.58 40.84 -11.04
N ALA C 334 -15.54 39.97 -11.38
CA ALA C 334 -16.96 40.34 -11.32
C ALA C 334 -17.59 39.99 -9.97
N ILE C 335 -17.81 38.69 -9.70
CA ILE C 335 -18.41 38.31 -8.43
C ILE C 335 -17.53 38.81 -7.29
N ALA C 336 -18.14 39.50 -6.33
CA ALA C 336 -17.44 40.15 -5.22
C ALA C 336 -16.40 41.14 -5.73
N GLY C 337 -16.55 41.60 -6.96
CA GLY C 337 -15.67 42.57 -7.57
C GLY C 337 -16.46 43.80 -7.96
N PHE C 338 -16.63 44.07 -9.26
CA PHE C 338 -17.38 45.26 -9.60
C PHE C 338 -18.89 45.04 -9.50
N ILE C 339 -19.34 43.79 -9.56
CA ILE C 339 -20.71 43.43 -9.20
C ILE C 339 -20.61 42.89 -7.78
N GLU C 340 -20.91 43.73 -6.80
CA GLU C 340 -20.56 43.44 -5.42
C GLU C 340 -21.56 42.52 -4.71
N GLY C 341 -22.73 42.28 -5.29
CA GLY C 341 -23.73 41.48 -4.59
C GLY C 341 -24.57 40.59 -5.50
N GLY C 342 -25.09 39.53 -4.88
CA GLY C 342 -26.02 38.65 -5.54
C GLY C 342 -27.45 39.15 -5.46
N TRP C 343 -28.30 38.57 -6.30
CA TRP C 343 -29.70 38.96 -6.41
C TRP C 343 -30.57 37.84 -5.87
N THR C 344 -31.13 38.04 -4.68
CA THR C 344 -32.14 37.09 -4.23
C THR C 344 -33.34 37.05 -5.16
N GLY C 345 -33.60 38.16 -5.88
CA GLY C 345 -34.79 38.23 -6.73
C GLY C 345 -34.76 37.28 -7.91
N MET C 346 -33.59 37.06 -8.50
CA MET C 346 -33.46 36.12 -9.62
C MET C 346 -33.44 34.70 -9.07
N MET C 347 -34.54 33.96 -9.26
CA MET C 347 -34.69 32.65 -8.65
C MET C 347 -34.80 31.54 -9.69
N ASP C 348 -34.40 31.84 -10.93
CA ASP C 348 -34.59 30.90 -12.03
C ASP C 348 -33.29 30.64 -12.77
N GLY C 349 -32.16 30.94 -12.15
CA GLY C 349 -30.88 30.73 -12.80
C GLY C 349 -29.75 31.25 -11.96
N TRP C 350 -28.54 30.87 -12.35
CA TRP C 350 -27.34 31.30 -11.65
C TRP C 350 -26.91 32.69 -12.11
N TYR C 351 -27.08 32.97 -13.39
CA TYR C 351 -26.68 34.23 -14.00
C TYR C 351 -27.86 34.80 -14.77
N GLY C 352 -27.90 36.11 -14.89
CA GLY C 352 -28.98 36.72 -15.65
C GLY C 352 -28.93 38.23 -15.58
N TYR C 353 -30.06 38.82 -15.90
CA TYR C 353 -30.17 40.26 -16.13
C TYR C 353 -31.27 40.85 -15.26
N HIS C 354 -31.12 42.14 -14.96
CA HIS C 354 -32.23 42.94 -14.45
C HIS C 354 -32.46 44.11 -15.40
N HIS C 355 -33.67 44.24 -15.91
CA HIS C 355 -34.03 45.29 -16.85
C HIS C 355 -34.95 46.30 -16.19
N GLN C 356 -34.82 47.56 -16.60
CA GLN C 356 -35.73 48.60 -16.14
C GLN C 356 -35.92 49.61 -17.27
N ASN C 357 -37.12 49.65 -17.85
CA ASN C 357 -37.45 50.59 -18.91
C ASN C 357 -38.88 51.07 -18.66
N GLU C 358 -39.42 51.85 -19.59
CA GLU C 358 -40.73 52.44 -19.37
C GLU C 358 -41.84 51.40 -19.24
N GLN C 359 -41.66 50.20 -19.81
CA GLN C 359 -42.71 49.18 -19.72
C GLN C 359 -42.65 48.34 -18.45
N GLY C 360 -41.56 48.38 -17.70
CA GLY C 360 -41.52 47.61 -16.47
C GLY C 360 -40.10 47.18 -16.12
N SER C 361 -40.02 46.46 -15.00
CA SER C 361 -38.75 45.98 -14.46
C SER C 361 -38.92 44.55 -13.94
N GLY C 362 -37.80 43.92 -13.61
CA GLY C 362 -37.82 42.56 -13.12
C GLY C 362 -36.58 41.81 -13.56
N TYR C 363 -36.37 40.67 -12.93
CA TYR C 363 -35.19 39.85 -13.18
C TYR C 363 -35.47 38.78 -14.23
N ALA C 364 -34.41 38.32 -14.87
CA ALA C 364 -34.51 37.23 -15.82
C ALA C 364 -33.19 36.49 -15.85
N ALA C 365 -33.25 35.17 -15.79
CA ALA C 365 -32.02 34.39 -15.84
C ALA C 365 -31.60 34.21 -17.29
N ASP C 366 -30.29 34.21 -17.51
CA ASP C 366 -29.78 33.85 -18.83
C ASP C 366 -29.67 32.33 -18.90
N GLN C 367 -30.58 31.71 -19.65
CA GLN C 367 -30.70 30.25 -19.63
C GLN C 367 -29.49 29.58 -20.28
N LYS C 368 -29.01 30.11 -21.40
CA LYS C 368 -27.89 29.47 -22.09
C LYS C 368 -26.68 29.35 -21.17
N SER C 369 -26.23 30.48 -20.62
CA SER C 369 -25.04 30.44 -19.78
C SER C 369 -25.30 29.67 -18.48
N THR C 370 -26.52 29.77 -17.93
CA THR C 370 -26.85 29.00 -16.74
C THR C 370 -26.91 27.52 -17.05
N GLN C 371 -27.59 27.15 -18.14
CA GLN C 371 -27.70 25.74 -18.48
C GLN C 371 -26.35 25.14 -18.81
N ASN C 372 -25.50 25.88 -19.53
CA ASN C 372 -24.14 25.43 -19.79
C ASN C 372 -23.38 25.21 -18.50
N ALA C 373 -23.52 26.13 -17.54
CA ALA C 373 -22.79 26.00 -16.27
C ALA C 373 -23.31 24.85 -15.43
N ILE C 374 -24.64 24.69 -15.37
CA ILE C 374 -25.23 23.59 -14.62
C ILE C 374 -24.77 22.26 -15.18
N ASN C 375 -24.71 22.17 -16.51
CA ASN C 375 -24.29 20.92 -17.14
C ASN C 375 -22.82 20.63 -16.88
N GLY C 376 -21.99 21.67 -16.86
CA GLY C 376 -20.57 21.47 -16.62
C GLY C 376 -20.27 21.11 -15.17
N ILE C 377 -20.90 21.81 -14.23
CA ILE C 377 -20.70 21.50 -12.82
C ILE C 377 -21.24 20.12 -12.50
N THR C 378 -22.34 19.71 -13.16
CA THR C 378 -22.86 18.35 -12.97
C THR C 378 -21.86 17.31 -13.45
N ASN C 379 -21.29 17.52 -14.63
CA ASN C 379 -20.30 16.58 -15.14
C ASN C 379 -19.10 16.49 -14.21
N LYS C 380 -18.73 17.61 -13.58
CA LYS C 380 -17.60 17.62 -12.68
C LYS C 380 -17.90 16.85 -11.40
N VAL C 381 -19.07 17.09 -10.82
CA VAL C 381 -19.44 16.35 -9.61
C VAL C 381 -19.50 14.86 -9.88
N ASN C 382 -20.08 14.47 -11.03
CA ASN C 382 -20.19 13.06 -11.37
C ASN C 382 -18.83 12.44 -11.63
N SER C 383 -17.86 13.21 -12.13
CA SER C 383 -16.54 12.63 -12.36
C SER C 383 -15.83 12.33 -11.05
N VAL C 384 -15.89 13.26 -10.10
CA VAL C 384 -15.28 13.04 -8.80
C VAL C 384 -15.88 11.80 -8.15
N ILE C 385 -17.17 11.55 -8.37
CA ILE C 385 -17.85 10.46 -7.70
C ILE C 385 -17.67 9.14 -8.46
N GLU C 386 -17.95 9.15 -9.75
CA GLU C 386 -18.07 7.91 -10.51
C GLU C 386 -16.73 7.35 -10.98
N LYS C 387 -15.65 8.12 -10.93
CA LYS C 387 -14.33 7.56 -11.22
C LYS C 387 -13.84 6.65 -10.10
N MET C 388 -14.51 6.66 -8.96
CA MET C 388 -14.07 5.87 -7.82
C MET C 388 -14.34 4.41 -8.09
N ASN C 389 -13.27 3.66 -8.37
CA ASN C 389 -13.35 2.22 -8.57
C ASN C 389 -13.57 1.54 -7.21
N THR C 390 -14.66 0.79 -7.07
CA THR C 390 -14.97 0.13 -5.80
C THR C 390 -15.22 -1.36 -6.01
N GLN C 391 -14.19 -2.17 -5.76
CA GLN C 391 -14.31 -3.63 -5.76
C GLN C 391 -14.86 -4.13 -4.43
N PHE C 392 -15.59 -5.26 -4.50
CA PHE C 392 -15.94 -5.98 -3.28
C PHE C 392 -14.68 -6.46 -2.59
N THR C 393 -14.48 -5.99 -1.35
CA THR C 393 -13.27 -6.28 -0.57
C THR C 393 -13.68 -6.59 0.86
N ALA C 394 -12.82 -7.33 1.55
CA ALA C 394 -12.91 -7.51 2.99
C ALA C 394 -11.59 -7.05 3.57
N VAL C 395 -11.62 -5.90 4.24
CA VAL C 395 -10.39 -5.25 4.67
C VAL C 395 -9.69 -6.04 5.76
N GLY C 396 -10.46 -6.75 6.58
CA GLY C 396 -9.92 -7.26 7.84
C GLY C 396 -8.99 -8.46 7.68
N LYS C 397 -8.05 -8.55 8.62
CA LYS C 397 -7.08 -9.61 8.69
C LYS C 397 -6.86 -9.94 10.16
N GLU C 398 -6.86 -11.24 10.49
CA GLU C 398 -6.71 -11.72 11.86
C GLU C 398 -5.34 -12.39 12.02
N PHE C 399 -4.65 -12.08 13.10
CA PHE C 399 -3.34 -12.62 13.39
C PHE C 399 -3.23 -13.09 14.83
N ASN C 400 -2.48 -14.17 15.04
CA ASN C 400 -2.34 -14.74 16.37
C ASN C 400 -1.13 -14.12 17.07
N LYS C 401 -0.89 -14.56 18.31
CA LYS C 401 0.10 -13.94 19.20
C LYS C 401 1.53 -14.07 18.70
N LEU C 402 1.80 -14.94 17.73
CA LEU C 402 3.14 -14.99 17.15
C LEU C 402 3.18 -14.42 15.73
N GLU C 403 2.22 -13.56 15.38
CA GLU C 403 2.18 -12.94 14.06
C GLU C 403 2.06 -11.41 14.14
N LYS C 404 2.66 -10.81 15.18
CA LYS C 404 2.62 -9.37 15.36
C LYS C 404 3.18 -8.62 14.16
N ARG C 405 4.29 -9.12 13.60
CA ARG C 405 4.87 -8.46 12.42
C ARG C 405 3.89 -8.46 11.26
N MET C 406 3.21 -9.58 11.00
CA MET C 406 2.19 -9.60 9.96
C MET C 406 1.06 -8.64 10.30
N GLU C 407 0.65 -8.61 11.56
CA GLU C 407 -0.42 -7.73 11.99
C GLU C 407 -0.04 -6.27 11.76
N ASN C 408 1.21 -5.91 12.06
CA ASN C 408 1.65 -4.54 11.92
C ASN C 408 1.88 -4.16 10.46
N LEU C 409 2.26 -5.14 9.62
CA LEU C 409 2.32 -4.91 8.18
C LEU C 409 0.93 -4.66 7.62
N ASN C 410 -0.05 -5.45 8.04
CA ASN C 410 -1.41 -5.18 7.61
C ASN C 410 -1.87 -3.81 8.11
N LYS C 411 -1.47 -3.45 9.32
CA LYS C 411 -1.84 -2.13 9.82
C LYS C 411 -1.15 -1.04 9.01
N LYS C 412 0.11 -1.25 8.61
CA LYS C 412 0.77 -0.24 7.81
C LYS C 412 0.12 -0.10 6.44
N VAL C 413 -0.42 -1.18 5.90
CA VAL C 413 -1.08 -1.06 4.61
C VAL C 413 -2.36 -0.24 4.75
N ASP C 414 -3.22 -0.60 5.71
CA ASP C 414 -4.48 0.11 5.91
C ASP C 414 -4.24 1.58 6.23
N ASP C 415 -3.23 1.87 7.04
CA ASP C 415 -2.95 3.24 7.45
C ASP C 415 -2.36 4.05 6.33
N GLY C 416 -1.61 3.41 5.43
CA GLY C 416 -1.05 4.12 4.31
C GLY C 416 -2.11 4.53 3.31
N PHE C 417 -3.05 3.62 3.03
CA PHE C 417 -4.17 3.94 2.16
C PHE C 417 -5.03 5.04 2.75
N LEU C 418 -5.19 5.03 4.07
CA LEU C 418 -5.96 6.06 4.77
C LEU C 418 -5.31 7.43 4.63
N ASP C 419 -3.98 7.50 4.80
CA ASP C 419 -3.30 8.78 4.68
C ASP C 419 -3.35 9.29 3.25
N ILE C 420 -3.16 8.41 2.28
CA ILE C 420 -3.22 8.85 0.89
C ILE C 420 -4.61 9.37 0.55
N TRP C 421 -5.66 8.63 0.90
CA TRP C 421 -7.00 9.02 0.50
C TRP C 421 -7.50 10.25 1.26
N THR C 422 -7.09 10.41 2.52
CA THR C 422 -7.52 11.58 3.28
C THR C 422 -6.88 12.86 2.72
N TYR C 423 -5.57 12.83 2.53
CA TYR C 423 -4.86 13.97 1.95
C TYR C 423 -5.43 14.34 0.59
N ASN C 424 -5.57 13.34 -0.29
CA ASN C 424 -6.01 13.61 -1.66
C ASN C 424 -7.45 14.10 -1.68
N ALA C 425 -8.31 13.56 -0.81
CA ALA C 425 -9.70 14.00 -0.81
C ALA C 425 -9.81 15.45 -0.32
N GLU C 426 -9.17 15.76 0.82
CA GLU C 426 -9.21 17.11 1.36
C GLU C 426 -8.71 18.13 0.34
N LEU C 427 -7.58 17.85 -0.30
CA LEU C 427 -6.98 18.82 -1.22
C LEU C 427 -7.76 18.92 -2.53
N LEU C 428 -8.31 17.82 -3.00
CA LEU C 428 -9.16 17.87 -4.19
C LEU C 428 -10.34 18.79 -3.98
N VAL C 429 -10.97 18.72 -2.81
CA VAL C 429 -12.14 19.55 -2.51
C VAL C 429 -11.74 21.02 -2.37
N LEU C 430 -10.64 21.30 -1.66
CA LEU C 430 -10.17 22.66 -1.49
C LEU C 430 -9.86 23.28 -2.84
N LEU C 431 -9.21 22.51 -3.72
CA LEU C 431 -8.71 23.09 -4.96
C LEU C 431 -9.81 23.18 -5.99
N GLU C 432 -10.70 22.19 -6.05
CA GLU C 432 -11.79 22.25 -7.00
C GLU C 432 -12.92 23.17 -6.53
N ASN C 433 -13.04 23.41 -5.22
CA ASN C 433 -13.93 24.46 -4.78
C ASN C 433 -13.46 25.82 -5.28
N GLU C 434 -12.15 26.06 -5.24
CA GLU C 434 -11.63 27.31 -5.78
C GLU C 434 -11.90 27.40 -7.27
N ARG C 435 -11.61 26.32 -8.00
CA ARG C 435 -11.82 26.31 -9.45
C ARG C 435 -13.29 26.53 -9.79
N THR C 436 -14.19 25.95 -9.00
CA THR C 436 -15.62 26.11 -9.29
C THR C 436 -16.05 27.56 -9.11
N LEU C 437 -15.58 28.23 -8.05
CA LEU C 437 -15.94 29.62 -7.82
C LEU C 437 -15.34 30.52 -8.89
N ASP C 438 -14.08 30.26 -9.29
CA ASP C 438 -13.45 30.95 -10.40
C ASP C 438 -14.30 30.81 -11.66
N PHE C 439 -14.93 29.65 -11.83
CA PHE C 439 -15.71 29.39 -13.02
C PHE C 439 -16.93 30.31 -13.09
N HIS C 440 -17.64 30.44 -11.97
CA HIS C 440 -18.81 31.29 -11.91
C HIS C 440 -18.42 32.76 -12.11
N ASP C 441 -17.34 33.19 -11.47
CA ASP C 441 -16.83 34.54 -11.69
C ASP C 441 -16.54 34.78 -13.17
N SER C 442 -16.09 33.74 -13.87
CA SER C 442 -15.71 33.90 -15.27
C SER C 442 -16.94 33.84 -16.18
N ASN C 443 -18.00 33.17 -15.76
CA ASN C 443 -19.17 33.11 -16.61
C ASN C 443 -19.91 34.44 -16.57
N VAL C 444 -19.91 35.12 -15.40
CA VAL C 444 -20.59 36.40 -15.29
C VAL C 444 -19.78 37.51 -15.97
N LYS C 445 -18.45 37.43 -15.88
CA LYS C 445 -17.62 38.39 -16.61
C LYS C 445 -17.85 38.29 -18.10
N ASN C 446 -17.93 37.06 -18.63
CA ASN C 446 -18.14 36.87 -20.05
C ASN C 446 -19.56 37.28 -20.44
N LEU C 447 -20.51 37.12 -19.51
CA LEU C 447 -21.87 37.60 -19.75
C LEU C 447 -21.89 39.12 -19.80
N TYR C 448 -21.23 39.76 -18.84
CA TYR C 448 -21.11 41.21 -18.86
C TYR C 448 -20.43 41.69 -20.13
N GLU C 449 -19.30 41.07 -20.49
CA GLU C 449 -18.54 41.55 -21.63
C GLU C 449 -19.28 41.33 -22.94
N LYS C 450 -20.11 40.29 -23.02
CA LYS C 450 -20.92 40.08 -24.22
C LYS C 450 -21.86 41.25 -24.46
N VAL C 451 -22.55 41.70 -23.41
CA VAL C 451 -23.50 42.80 -23.58
C VAL C 451 -22.76 44.12 -23.78
N LYS C 452 -21.63 44.33 -23.08
CA LYS C 452 -20.88 45.57 -23.28
C LYS C 452 -20.42 45.72 -24.72
N ASN C 453 -19.96 44.63 -25.34
CA ASN C 453 -19.63 44.68 -26.75
C ASN C 453 -20.86 44.98 -27.60
N GLN C 454 -22.02 44.48 -27.17
CA GLN C 454 -23.25 44.69 -27.92
C GLN C 454 -23.70 46.14 -27.87
N LEU C 455 -23.54 46.78 -26.72
CA LEU C 455 -24.00 48.17 -26.55
C LEU C 455 -22.85 49.16 -26.67
N ARG C 456 -21.96 48.98 -27.66
CA ARG C 456 -20.66 49.65 -27.66
C ARG C 456 -20.80 51.14 -27.33
N ASN C 457 -21.52 51.91 -28.16
CA ASN C 457 -21.66 53.34 -27.93
C ASN C 457 -23.02 53.75 -27.41
N ASN C 458 -24.03 52.88 -27.51
CA ASN C 458 -25.40 53.21 -27.17
C ASN C 458 -25.65 53.35 -25.67
N ALA C 459 -24.67 53.08 -24.80
CA ALA C 459 -24.95 53.10 -23.37
C ALA C 459 -23.73 53.51 -22.56
N LYS C 460 -24.00 53.99 -21.34
CA LYS C 460 -22.98 54.29 -20.35
C LYS C 460 -22.81 53.10 -19.40
N GLU C 461 -21.57 52.64 -19.20
CA GLU C 461 -21.29 51.62 -18.20
C GLU C 461 -21.19 52.26 -16.82
N LEU C 462 -22.11 51.89 -15.93
CA LEU C 462 -22.13 52.49 -14.61
C LEU C 462 -21.05 51.96 -13.68
N GLY C 463 -20.44 50.82 -14.00
CA GLY C 463 -19.38 50.25 -13.21
C GLY C 463 -19.82 49.30 -12.13
N ASN C 464 -21.10 48.95 -12.08
CA ASN C 464 -21.64 48.01 -11.11
C ASN C 464 -22.31 46.83 -11.79
N GLY C 465 -22.02 46.61 -13.07
CA GLY C 465 -22.75 45.67 -13.87
C GLY C 465 -23.96 46.22 -14.58
N CYS C 466 -24.18 47.54 -14.55
CA CYS C 466 -25.37 48.14 -15.11
C CYS C 466 -24.97 49.10 -16.23
N PHE C 467 -25.83 49.15 -17.26
CA PHE C 467 -25.64 50.02 -18.40
C PHE C 467 -26.84 50.96 -18.52
N GLU C 468 -26.58 52.27 -18.55
CA GLU C 468 -27.63 53.27 -18.73
C GLU C 468 -27.80 53.53 -20.21
N PHE C 469 -28.98 53.19 -20.72
CA PHE C 469 -29.25 53.36 -22.14
C PHE C 469 -29.33 54.84 -22.51
N TYR C 470 -28.72 55.18 -23.63
CA TYR C 470 -28.96 56.49 -24.24
C TYR C 470 -30.27 56.49 -25.01
N HIS C 471 -30.40 55.60 -26.00
CA HIS C 471 -31.67 55.41 -26.67
C HIS C 471 -32.66 54.70 -25.77
N LYS C 472 -33.93 55.07 -25.90
CA LYS C 472 -34.98 54.36 -25.18
C LYS C 472 -35.03 52.92 -25.70
N CYS C 473 -34.90 51.95 -24.81
CA CYS C 473 -34.86 50.55 -25.19
C CYS C 473 -36.11 49.87 -24.65
N ASP C 474 -36.89 49.27 -25.54
CA ASP C 474 -38.16 48.69 -25.16
C ASP C 474 -37.94 47.22 -24.76
N ASN C 475 -39.00 46.41 -24.84
CA ASN C 475 -38.89 45.01 -24.46
C ASN C 475 -38.51 44.09 -25.61
N GLU C 476 -38.49 44.58 -26.85
CA GLU C 476 -37.98 43.81 -27.96
C GLU C 476 -36.51 44.13 -28.16
N CYS C 477 -36.12 45.36 -27.85
CA CYS C 477 -34.72 45.75 -27.82
C CYS C 477 -33.99 45.07 -26.67
N MET C 478 -34.67 44.95 -25.53
CA MET C 478 -34.09 44.30 -24.36
C MET C 478 -33.91 42.80 -24.60
N GLU C 479 -34.97 42.15 -25.13
CA GLU C 479 -34.90 40.72 -25.43
C GLU C 479 -33.81 40.41 -26.44
N SER C 480 -33.57 41.30 -27.39
CA SER C 480 -32.49 41.05 -28.35
C SER C 480 -31.13 41.14 -27.69
N VAL C 481 -30.99 42.06 -26.72
CA VAL C 481 -29.72 42.19 -26.02
C VAL C 481 -29.50 41.00 -25.12
N LYS C 482 -30.57 40.53 -24.48
CA LYS C 482 -30.48 39.32 -23.66
C LYS C 482 -30.35 38.06 -24.51
N ASN C 483 -30.83 38.09 -25.75
CA ASN C 483 -30.66 36.97 -26.67
C ASN C 483 -29.50 37.16 -27.63
N GLY C 484 -28.72 38.22 -27.49
CA GLY C 484 -27.57 38.33 -28.37
C GLY C 484 -27.94 38.46 -29.83
N THR C 485 -29.02 39.20 -30.13
CA THR C 485 -29.44 39.44 -31.50
C THR C 485 -29.35 40.91 -31.92
C1 NAG D . 5.13 -35.59 -17.22
C2 NAG D . 4.80 -36.83 -16.37
C3 NAG D . 3.86 -37.79 -17.12
C4 NAG D . 2.65 -37.06 -17.68
C5 NAG D . 3.12 -35.86 -18.51
C6 NAG D . 1.98 -35.00 -19.03
C7 NAG D . 6.90 -37.09 -15.10
C8 NAG D . 8.13 -37.94 -14.91
N2 NAG D . 6.03 -37.52 -16.02
O3 NAG D . 3.45 -38.78 -16.20
O4 NAG D . 1.86 -37.95 -18.47
O5 NAG D . 3.93 -35.00 -17.71
O6 NAG D . 1.25 -34.43 -17.95
O7 NAG D . 6.70 -36.06 -14.45
C1 NAG D . 0.51 -38.06 -17.90
C2 NAG D . -0.47 -38.74 -18.90
C3 NAG D . -1.85 -38.86 -18.26
C4 NAG D . -1.76 -39.60 -16.93
C5 NAG D . -0.76 -38.90 -16.01
C6 NAG D . -0.54 -39.59 -14.69
C7 NAG D . 0.31 -38.13 -21.15
C8 NAG D . 0.07 -37.27 -22.35
N2 NAG D . -0.55 -37.97 -20.14
O3 NAG D . -2.72 -39.55 -19.15
O4 NAG D . -3.04 -39.68 -16.33
O5 NAG D . 0.53 -38.81 -16.66
O6 NAG D . -0.08 -40.93 -14.87
O7 NAG D . 1.24 -38.94 -21.09
C1 BMA D . -3.33 -41.07 -15.99
C2 BMA D . -4.63 -41.19 -15.17
C3 BMA D . -4.71 -42.63 -14.64
C4 BMA D . -4.53 -43.70 -15.80
C5 BMA D . -3.40 -43.32 -16.82
C6 BMA D . -3.46 -44.12 -18.11
O2 BMA D . -5.76 -41.00 -16.01
O3 BMA D . -5.90 -42.88 -13.85
O4 BMA D . -4.24 -45.00 -15.27
O5 BMA D . -3.48 -41.90 -17.15
O6 BMA D . -4.39 -43.47 -18.98
C1 NAG E . 22.22 -52.86 -6.98
C2 NAG E . 23.47 -53.68 -7.31
C3 NAG E . 23.36 -54.31 -8.72
C4 NAG E . 22.02 -54.99 -8.95
C5 NAG E . 20.87 -54.08 -8.52
C6 NAG E . 19.51 -54.73 -8.62
C7 NAG E . 25.86 -53.34 -6.83
C8 NAG E . 26.97 -52.34 -6.78
N2 NAG E . 24.66 -52.86 -7.20
O3 NAG E . 24.44 -55.23 -8.89
O4 NAG E . 21.85 -55.29 -10.33
O5 NAG E . 21.05 -53.64 -7.17
O6 NAG E . 19.10 -55.29 -7.38
O7 NAG E . 26.02 -54.51 -6.55
C1 NAG E . 22.21 -56.62 -10.73
C2 NAG E . 21.33 -56.99 -11.91
C3 NAG E . 21.73 -58.35 -12.48
C4 NAG E . 23.20 -58.36 -12.83
C5 NAG E . 24.03 -57.98 -11.60
C6 NAG E . 25.50 -57.84 -11.89
C7 NAG E . 19.03 -56.15 -12.08
C8 NAG E . 17.63 -56.26 -11.58
N2 NAG E . 19.92 -56.98 -11.54
O3 NAG E . 20.95 -58.63 -13.64
O4 NAG E . 23.61 -59.63 -13.31
O5 NAG E . 23.59 -56.71 -11.10
O6 NAG E . 26.27 -57.64 -10.71
O7 NAG E . 19.35 -55.33 -12.94
C1 NAG F . 26.40 -46.65 13.42
C2 NAG F . 27.69 -46.89 14.23
C3 NAG F . 27.33 -47.43 15.61
C4 NAG F . 26.41 -46.46 16.32
C5 NAG F . 25.17 -46.21 15.46
C6 NAG F . 24.25 -45.14 16.04
C7 NAG F . 28.34 -49.05 13.21
C8 NAG F . 29.43 -49.77 12.49
N2 NAG F . 28.61 -47.77 13.53
O3 NAG F . 28.52 -47.63 16.36
O4 NAG F . 26.00 -46.99 17.57
O5 NAG F . 25.54 -45.75 14.15
O6 NAG F . 24.62 -43.85 15.58
O7 NAG F . 27.27 -49.59 13.48
C1 NAG F . 26.65 -46.32 18.64
C2 NAG F . 25.99 -46.85 19.92
C3 NAG F . 26.69 -46.32 21.16
C4 NAG F . 28.20 -46.54 21.07
C5 NAG F . 28.73 -45.97 19.76
C6 NAG F . 30.20 -46.23 19.55
C7 NAG F . 23.60 -47.41 19.99
C8 NAG F . 22.20 -46.86 19.98
N2 NAG F . 24.58 -46.50 19.93
O3 NAG F . 26.17 -46.98 22.31
O4 NAG F . 28.84 -45.90 22.18
O5 NAG F . 28.04 -46.59 18.67
O6 NAG F . 30.54 -47.59 19.73
O7 NAG F . 23.82 -48.62 20.08
C1 BMA F . 29.60 -46.88 22.90
C2 BMA F . 31.04 -46.30 23.05
C3 BMA F . 31.87 -47.16 24.00
C4 BMA F . 31.07 -47.51 25.30
C5 BMA F . 29.70 -48.11 24.97
C6 BMA F . 28.84 -48.33 26.20
O2 BMA F . 31.02 -44.96 23.57
O3 BMA F . 33.12 -46.53 24.32
O4 BMA F . 31.82 -48.40 26.12
O5 BMA F . 28.99 -47.18 24.15
O6 BMA F . 29.03 -47.19 27.04
C1 MAN F . 34.21 -47.09 23.55
C2 MAN F . 35.43 -47.23 24.53
C3 MAN F . 36.11 -45.85 24.76
C4 MAN F . 36.28 -45.02 23.44
C5 MAN F . 34.97 -44.96 22.64
C6 MAN F . 35.15 -44.25 21.30
O2 MAN F . 36.45 -48.14 24.06
O3 MAN F . 37.37 -46.00 25.40
O4 MAN F . 36.70 -43.69 23.74
O5 MAN F . 34.49 -46.30 22.39
O6 MAN F . 33.95 -44.37 20.53
C1 MAN F . 28.24 -47.20 28.24
C2 MAN F . 28.53 -45.87 29.00
C3 MAN F . 29.99 -45.86 29.49
C4 MAN F . 30.32 -47.14 30.32
C5 MAN F . 29.90 -48.45 29.54
C6 MAN F . 30.00 -49.74 30.37
O2 MAN F . 27.73 -45.70 30.18
O3 MAN F . 30.31 -44.66 30.22
O4 MAN F . 31.72 -47.19 30.61
O5 MAN F . 28.52 -48.34 29.05
O6 MAN F . 28.68 -50.11 30.80
C1 NAG G . 31.31 -10.17 21.40
C2 NAG G . 31.85 -11.61 21.45
C3 NAG G . 33.33 -11.63 21.11
C4 NAG G . 33.58 -10.95 19.77
C5 NAG G . 33.00 -9.53 19.81
C6 NAG G . 33.10 -8.81 18.48
C7 NAG G . 30.46 -12.80 23.11
C8 NAG G . 30.42 -13.38 24.49
N2 NAG G . 31.62 -12.22 22.75
O3 NAG G . 33.76 -12.99 21.05
O4 NAG G . 34.98 -10.86 19.58
O5 NAG G . 31.61 -9.59 20.12
O6 NAG G . 32.09 -9.26 17.59
O7 NAG G . 29.49 -12.84 22.36
C1 NAG G . 35.42 -11.50 18.37
C2 NAG G . 36.80 -10.96 18.01
C3 NAG G . 37.35 -11.64 16.75
C4 NAG G . 37.24 -13.15 16.83
C5 NAG G . 35.90 -13.64 17.38
C6 NAG G . 35.90 -15.11 17.77
C7 NAG G . 37.21 -8.65 18.76
C8 NAG G . 37.12 -7.19 18.39
N2 NAG G . 36.78 -9.51 17.83
O3 NAG G . 38.72 -11.26 16.56
O4 NAG G . 37.50 -13.72 15.55
O5 NAG G . 35.47 -12.90 18.53
O6 NAG G . 34.82 -15.80 17.18
O7 NAG G . 37.64 -9.03 19.84
C1 NAG H . 12.11 -39.83 35.11
C2 NAG H . 11.89 -41.17 35.83
C3 NAG H . 11.63 -42.28 34.80
C4 NAG H . 10.48 -41.91 33.87
C5 NAG H . 10.75 -40.54 33.21
C6 NAG H . 9.57 -40.00 32.42
C7 NAG H . 12.95 -41.86 37.93
C8 NAG H . 14.25 -42.12 38.63
N2 NAG H . 13.04 -41.48 36.65
O3 NAG H . 11.30 -43.48 35.49
O4 NAG H . 10.17 -42.98 32.97
O5 NAG H . 10.99 -39.57 34.24
O6 NAG H . 8.53 -39.54 33.26
O7 NAG H . 11.86 -42.02 38.50
C1 NAG H . 10.76 -43.12 31.64
C2 NAG H . 10.64 -44.58 31.23
C3 NAG H . 11.26 -44.79 29.85
C4 NAG H . 10.65 -43.83 28.84
C5 NAG H . 10.74 -42.39 29.34
C6 NAG H . 10.00 -41.41 28.47
C7 NAG H . 10.64 -46.58 32.65
C8 NAG H . 9.29 -46.88 32.05
N2 NAG H . 11.24 -45.47 32.21
O3 NAG H . 11.07 -46.12 29.43
O4 NAG H . 11.28 -43.94 27.58
O5 NAG H . 10.17 -42.28 30.67
O6 NAG H . 10.57 -40.10 28.54
O7 NAG H . 11.16 -47.31 33.47
C1 NAG I . -19.73 -21.17 27.08
C2 NAG I . -18.94 -22.22 27.87
C3 NAG I . -19.14 -22.02 29.36
C4 NAG I . -18.76 -20.59 29.75
C5 NAG I . -19.64 -19.62 28.97
C6 NAG I . -19.30 -18.17 29.22
C7 NAG I . -18.57 -24.34 26.66
C8 NAG I . -19.11 -25.73 26.40
N2 NAG I . -19.30 -23.58 27.48
O3 NAG I . -18.33 -22.96 30.07
O4 NAG I . -18.62 -20.44 31.16
O5 NAG I . -19.41 -19.85 27.57
O6 NAG I . -18.31 -17.71 28.31
O7 NAG I . -17.53 -23.95 26.15
C1 NAG I . -19.53 -19.84 32.08
C2 NAG I . -19.88 -20.85 33.14
C3 NAG I . -20.88 -20.24 34.14
C4 NAG I . -20.81 -18.71 34.17
C5 NAG I . -19.44 -18.13 33.81
C6 NAG I . -18.43 -18.26 34.95
C7 NAG I . -19.82 -23.27 32.68
C8 NAG I . -20.51 -24.42 32.01
N2 NAG I . -20.41 -22.07 32.56
O3 NAG I . -20.62 -20.74 35.44
O4 NAG I . -21.80 -18.15 33.32
O5 NAG I . -18.85 -18.76 32.67
O6 NAG I . -17.12 -17.88 34.56
O7 NAG I . -18.77 -23.42 33.31
C1 NAG J . -1.66 -53.41 14.79
C2 NAG J . -1.45 -54.86 14.33
C3 NAG J . -0.01 -55.31 14.58
C4 NAG J . 0.98 -54.30 14.00
C5 NAG J . 0.67 -52.90 14.54
C6 NAG J . 1.56 -51.82 13.99
C7 NAG J . -3.36 -56.41 14.36
C8 NAG J . -4.23 -57.27 15.21
N2 NAG J . -2.39 -55.75 15.00
O3 NAG J . 0.19 -56.57 13.98
O4 NAG J . 2.30 -54.67 14.37
O5 NAG J . -0.68 -52.55 14.18
O6 NAG J . 1.98 -50.94 15.03
O7 NAG J . -3.52 -56.32 13.15
C1 NAG J . 3.02 -55.04 13.20
C2 NAG J . 4.46 -55.31 13.62
C3 NAG J . 5.28 -55.81 12.44
C4 NAG J . 4.61 -57.03 11.81
C5 NAG J . 3.15 -56.71 11.47
C6 NAG J . 2.37 -57.91 11.00
C7 NAG J . 5.19 -53.92 15.50
C8 NAG J . 5.84 -52.64 15.92
N2 NAG J . 5.06 -54.12 14.19
O3 NAG J . 6.59 -56.13 12.89
O4 NAG J . 5.31 -57.39 10.63
O5 NAG J . 2.47 -56.22 12.63
O6 NAG J . 1.49 -58.36 12.03
O7 NAG J . 4.79 -54.75 16.32
C1 BMA J . 5.81 -58.75 10.76
C2 BMA J . 5.58 -59.47 9.39
C3 BMA J . 6.17 -60.89 9.48
C4 BMA J . 7.65 -60.86 9.95
C5 BMA J . 7.72 -60.13 11.32
C6 BMA J . 9.14 -60.06 11.89
O2 BMA J . 6.20 -58.78 8.31
O3 BMA J . 5.99 -61.63 8.25
O4 BMA J . 8.18 -62.18 10.04
O5 BMA J . 7.21 -58.79 11.16
O6 BMA J . 10.00 -60.06 10.77
C1 MAN J . 11.38 -59.85 11.11
C2 MAN J . 12.07 -59.73 9.74
C3 MAN J . 11.72 -61.00 8.97
C4 MAN J . 12.18 -62.30 9.71
C5 MAN J . 12.45 -62.14 11.26
C6 MAN J . 13.93 -62.22 11.62
O2 MAN J . 13.50 -59.63 9.80
O3 MAN J . 12.18 -60.97 7.62
O4 MAN J . 11.18 -63.30 9.49
O5 MAN J . 11.88 -60.92 11.92
O6 MAN J . 14.08 -61.85 13.01
C1 MAN J . 11.19 -60.20 6.87
C2 MAN J . 10.57 -61.07 5.74
C3 MAN J . 11.66 -61.50 4.75
C4 MAN J . 12.41 -60.28 4.17
C5 MAN J . 12.80 -59.22 5.26
C6 MAN J . 13.02 -57.86 4.65
O2 MAN J . 9.62 -60.30 5.00
O3 MAN J . 11.11 -62.29 3.67
O4 MAN J . 13.61 -60.71 3.50
O5 MAN J . 11.77 -59.03 6.28
O6 MAN J . 14.01 -57.98 3.65
C1 MAN J . 4.61 -62.12 8.23
C2 MAN J . 4.60 -63.57 7.62
C3 MAN J . 4.82 -63.53 6.09
C4 MAN J . 3.99 -62.44 5.38
C5 MAN J . 4.10 -61.07 6.11
C6 MAN J . 3.12 -60.04 5.56
O2 MAN J . 3.34 -64.24 7.85
O3 MAN J . 4.52 -64.80 5.50
O4 MAN J . 4.45 -62.29 4.03
O5 MAN J . 3.78 -61.24 7.49
O6 MAN J . 1.86 -60.26 6.21
C1 NAG K . 28.14 -56.26 -2.75
C2 NAG K . 29.31 -55.26 -2.89
C3 NAG K . 29.47 -54.87 -4.35
C4 NAG K . 29.63 -56.11 -5.23
C5 NAG K . 28.49 -57.10 -4.97
C6 NAG K . 28.66 -58.41 -5.71
C7 NAG K . 30.06 -53.50 -1.37
C8 NAG K . 31.42 -54.12 -1.46
N2 NAG K . 29.09 -54.09 -2.07
O3 NAG K . 30.61 -54.02 -4.48
O4 NAG K . 29.62 -55.72 -6.60
O5 NAG K . 28.40 -57.42 -3.56
O6 NAG K . 28.53 -58.22 -7.12
O7 NAG K . 29.84 -52.51 -0.68
C1 PEG L . 17.34 -21.92 4.21
O1 PEG L . 18.52 -21.16 4.04
C2 PEG L . 17.55 -23.07 5.16
O2 PEG L . 16.29 -23.70 5.46
C3 PEG L . 15.52 -24.15 4.34
C4 PEG L . 14.30 -24.91 4.80
O4 PEG L . 13.94 -26.00 3.95
C1 EDO M . 12.14 -50.99 -6.18
O1 EDO M . 11.22 -50.73 -7.26
C2 EDO M . 12.24 -49.77 -5.28
O2 EDO M . 12.26 -48.58 -6.10
C1 EDO N . 3.44 16.64 -27.24
O1 EDO N . 4.50 15.74 -26.90
C2 EDO N . 3.97 18.06 -27.28
O2 EDO N . 3.00 18.89 -27.92
C1 NAG O . -18.48 12.15 -29.80
C2 NAG O . -19.82 11.45 -30.02
C3 NAG O . -19.84 10.77 -31.39
C4 NAG O . -19.50 11.78 -32.48
C5 NAG O . -18.17 12.46 -32.16
C6 NAG O . -17.80 13.54 -33.14
C7 NAG O . -20.98 10.73 -27.98
C8 NAG O . -21.69 12.06 -28.04
N2 NAG O . -20.10 10.50 -28.96
O3 NAG O . -21.12 10.20 -31.63
O4 NAG O . -19.41 11.13 -33.75
O5 NAG O . -18.23 13.09 -30.86
O6 NAG O . -16.61 14.21 -32.72
O7 NAG O . -21.19 9.92 -27.09
C1 EDO P . 1.04 -0.38 -9.18
O1 EDO P . -0.40 -0.36 -9.25
C2 EDO P . 1.51 -0.56 -7.73
O2 EDO P . 2.54 0.35 -7.35
C1 NAG Q . 18.11 28.33 -13.27
C2 NAG Q . 19.17 28.22 -14.38
C3 NAG Q . 20.50 28.86 -13.93
C4 NAG Q . 20.26 30.27 -13.41
C5 NAG Q . 19.19 30.28 -12.34
C6 NAG Q . 18.83 31.66 -11.86
C7 NAG Q . 19.12 25.70 -14.30
C8 NAG Q . 19.41 24.47 -15.11
N2 NAG Q . 19.36 26.88 -14.91
O3 NAG Q . 21.39 28.89 -15.03
O4 NAG Q . 21.46 30.82 -12.87
O5 NAG Q . 17.98 29.70 -12.85
O6 NAG Q . 18.24 32.45 -12.88
O7 NAG Q . 18.69 25.62 -13.14
C1 NAG R . 30.15 -29.27 40.10
C2 NAG R . 30.60 -30.00 41.37
C3 NAG R . 32.00 -29.55 41.78
C4 NAG R . 32.98 -29.73 40.63
C5 NAG R . 32.46 -28.98 39.40
C6 NAG R . 33.32 -29.18 38.19
C7 NAG R . 28.70 -30.67 42.76
C8 NAG R . 27.81 -30.28 43.90
N2 NAG R . 29.65 -29.78 42.45
O3 NAG R . 32.44 -30.28 42.92
O4 NAG R . 34.27 -29.24 40.97
O5 NAG R . 31.15 -29.44 39.06
O6 NAG R . 33.33 -28.01 37.38
O7 NAG R . 28.57 -31.72 42.15
C1 NAG S . 27.45 -34.37 46.04
C2 NAG S . 26.54 -33.21 46.47
C3 NAG S . 27.34 -32.20 47.28
C4 NAG S . 28.02 -32.88 48.47
C5 NAG S . 28.84 -34.10 48.01
C6 NAG S . 29.37 -34.93 49.15
C7 NAG S . 24.82 -31.81 45.43
C8 NAG S . 24.29 -31.23 44.16
N2 NAG S . 25.91 -32.58 45.33
O3 NAG S . 26.50 -31.15 47.76
O4 NAG S . 28.88 -31.93 49.12
O5 NAG S . 28.03 -34.99 47.21
O6 NAG S . 28.35 -35.73 49.73
O7 NAG S . 24.29 -31.61 46.52
C1 NAG T . 12.67 22.09 13.59
C2 NAG T . 14.05 22.63 13.18
C3 NAG T . 14.56 23.64 14.21
C4 NAG T . 13.53 24.74 14.44
C5 NAG T . 12.19 24.11 14.85
C6 NAG T . 11.09 25.13 15.05
C7 NAG T . 15.31 21.01 11.83
C8 NAG T . 16.33 19.90 11.85
N2 NAG T . 15.00 21.54 13.01
O3 NAG T . 15.80 24.20 13.78
O4 NAG T . 13.97 25.65 15.44
O5 NAG T . 11.76 23.19 13.84
O6 NAG T . 10.82 25.83 13.85
O7 NAG T . 14.79 21.40 10.79
C1 EDO U . 2.95 17.22 8.57
O1 EDO U . 2.61 18.39 7.81
C2 EDO U . 1.67 16.55 9.05
O2 EDO U . 0.92 17.50 9.83
C1 EDO V . -5.84 30.40 -6.55
O1 EDO V . -5.97 31.13 -7.78
C2 EDO V . -4.59 29.55 -6.64
O2 EDO V . -4.29 28.99 -5.36
C1 EDO W . 3.80 -16.16 23.00
O1 EDO W . 3.27 -15.85 24.28
C2 EDO W . 4.84 -17.29 23.10
O2 EDO W . 4.23 -18.58 23.31
C1 EDO X . 6.84 52.60 -13.82
O1 EDO X . 6.81 52.09 -15.16
C2 EDO X . 8.16 53.33 -13.64
O2 EDO X . 8.35 53.64 -12.25
C1 NAG Y . -9.01 59.08 0.08
C2 NAG Y . -9.49 59.16 1.54
C3 NAG Y . -9.82 60.61 1.93
C4 NAG Y . -8.65 61.54 1.60
C5 NAG Y . -8.32 61.42 0.12
C6 NAG Y . -7.16 62.29 -0.31
C7 NAG Y . -10.56 57.12 2.37
C8 NAG Y . -9.21 56.72 2.89
N2 NAG Y . -10.63 58.30 1.75
O3 NAG Y . -10.11 60.67 3.32
O4 NAG Y . -8.95 62.89 1.95
O5 NAG Y . -7.94 60.05 -0.16
O6 NAG Y . -6.21 62.50 0.72
O7 NAG Y . -11.54 56.39 2.51
C1 EDO Z . 20.82 -14.44 16.36
O1 EDO Z . 19.67 -15.04 17.00
C2 EDO Z . 21.55 -13.52 17.34
O2 EDO Z . 22.98 -13.68 17.29
C1 EDO AA . 12.13 -3.57 13.30
O1 EDO AA . 10.83 -3.45 13.90
C2 EDO AA . 12.46 -2.39 12.40
O2 EDO AA . 13.69 -2.62 11.69
C1 PEG BA . 4.74 35.74 2.21
O1 PEG BA . 5.12 36.98 2.79
C2 PEG BA . 3.48 35.21 2.85
O2 PEG BA . 3.12 33.97 2.23
C3 PEG BA . 3.02 32.89 3.15
C4 PEG BA . 4.39 32.36 3.42
O4 PEG BA . 4.39 31.46 4.52
C1 NAG CA . -18.55 30.26 9.25
C2 NAG CA . -18.38 30.47 10.77
C3 NAG CA . -19.76 30.51 11.46
C4 NAG CA . -20.66 31.55 10.78
C5 NAG CA . -20.74 31.28 9.28
C6 NAG CA . -21.53 32.34 8.53
C7 NAG CA . -17.83 28.15 11.48
C8 NAG CA . -16.78 27.30 12.14
N2 NAG CA . -17.53 29.47 11.38
O3 NAG CA . -19.61 30.83 12.84
O4 NAG CA . -21.97 31.50 11.35
O5 NAG CA . -19.42 31.28 8.71
O6 NAG CA . -22.17 31.79 7.39
O7 NAG CA . -18.87 27.68 11.05
C1 NAG DA . -18.44 -47.67 27.32
C2 NAG DA . -19.27 -48.95 27.49
C3 NAG DA . -20.52 -48.65 28.31
C4 NAG DA . -20.14 -48.02 29.64
C5 NAG DA . -19.29 -46.77 29.40
C6 NAG DA . -18.80 -46.12 30.67
C7 NAG DA . -18.82 -50.41 25.60
C8 NAG DA . -19.31 -50.94 24.28
N2 NAG DA . -19.62 -49.54 26.22
O3 NAG DA . -21.25 -49.84 28.52
O4 NAG DA . -21.30 -47.70 30.40
O5 NAG DA . -18.13 -47.10 28.62
O6 NAG DA . -17.38 -46.15 30.76
O7 NAG DA . -17.74 -50.76 26.09
C1 NAG EA . -17.56 -55.80 25.75
C2 NAG EA . -17.96 -56.99 26.61
C3 NAG EA . -19.46 -57.22 26.55
C4 NAG EA . -20.20 -55.93 26.93
C5 NAG EA . -19.70 -54.74 26.10
C6 NAG EA . -20.27 -53.42 26.55
C7 NAG EA . -17.15 -58.76 25.05
C8 NAG EA . -16.30 -59.99 24.94
N2 NAG EA . -17.21 -58.21 26.27
O3 NAG EA . -19.81 -58.25 27.46
O4 NAG EA . -21.60 -56.09 26.73
O5 NAG EA . -18.26 -54.62 26.19
O6 NAG EA . -21.61 -53.56 27.04
O7 NAG EA . -17.74 -58.30 24.08
C1 EDO FA . -10.16 -20.54 20.69
O1 EDO FA . -11.53 -20.87 20.98
C2 EDO FA . -9.65 -21.29 19.46
O2 EDO FA . -8.22 -21.17 19.42
C1 EDO GA . -8.23 -37.10 30.83
O1 EDO GA . -9.30 -36.21 30.46
C2 EDO GA . -6.89 -36.47 30.44
O2 EDO GA . -5.83 -36.88 31.33
C1 EDO HA . -13.65 25.39 -13.92
O1 EDO HA . -12.95 25.86 -15.08
C2 EDO HA . -13.53 23.88 -13.90
O2 EDO HA . -13.93 23.42 -12.60
C1 EDO IA . -9.58 -23.92 36.19
O1 EDO IA . -9.09 -25.18 35.72
C2 EDO IA . -10.39 -24.07 37.47
O2 EDO IA . -11.77 -24.36 37.21
C1 EDO JA . -14.73 -20.66 27.24
O1 EDO JA . -15.81 -19.72 27.18
C2 EDO JA . -15.16 -22.00 26.65
O2 EDO JA . -14.57 -22.25 25.37
#